data_7VUL
#
_entry.id   7VUL
#
_cell.length_a   100.665
_cell.length_b   126.842
_cell.length_c   144.993
_cell.angle_alpha   90.000
_cell.angle_beta   90.000
_cell.angle_gamma   90.000
#
_symmetry.space_group_name_H-M   'P 21 21 21'
#
loop_
_entity.id
_entity.type
_entity.pdbx_description
1 polymer 'Non-contractile tail fiber protein'
2 non-polymer 'SULFATE ION'
3 water water
#
_entity_poly.entity_id   1
_entity_poly.type   'polypeptide(L)'
_entity_poly.pdbx_seq_one_letter_code
;MGSSHHHHHHSSGLVPRGSHMLNNLNQPKGSTIGVLKDGRTIQQAIDGLENPVHYVKDVSITPSALLAVAVEAARLGRTV
AFGPGHYTNQGQPFEVDFPLNLDVPVGTFLDFPIIIRGKTVKMVRSVTTNLTAAQCPAGTTVIAGDFSAFPVGSVVGVKL
GDNTNGSASYNNEAGWDFTTVAASSNTSITLSTGLRWAFDKPEVFTPEYAVRYSGQLSRSSYFIPGDYTSGLNVGDIIRV
ENIDGTDGVHGNKEYFEMLKVSSIDSSGITVETRLRYTHVNPWIVKTGLVKGSSVTGGGRLKRLEVRGVDTPKVNSVDVD
RLIVGLCYNIDVGEITSRGVGEPSSVNFTFCFGRGFLYNVRASGSVSTTDNSALKLMSCPGLIINNCSPHNSTSTGSQGD
YGFYVDAYYSPYWCWNDGMSINGIVTETPRSAVTRALWLFGLRGCSVSNLSGAQVFLQGCAKSVFSNIVTPDNLLELRDL
SGCIVSGMANNALVLGCWNSTFDLTLFGIGSGSNLNIALRAGAGVTHPETGVPTTLGKNNTFNVKSFSPSSLAVTLSIAQ
QERPIFGAGCVDVDSANKSVALGSNVTVPTMLPLALTKGIDSGSGWVGGRTKGGIWFDGNYRDAAVRWNGQYVWVADNGS
LKAAPTKPDSDSPSNGVVIGPLE
;
_entity_poly.pdbx_strand_id   A,B,C
#
loop_
_chem_comp.id
_chem_comp.type
_chem_comp.name
_chem_comp.formula
SO4 non-polymer 'SULFATE ION' 'O4 S -2'
#
# COMPACT_ATOMS: atom_id res chain seq x y z
N VAL A 35 -43.21 21.55 41.33
CA VAL A 35 -43.41 21.43 39.88
C VAL A 35 -42.82 22.64 39.15
N LEU A 36 -42.44 22.43 37.89
CA LEU A 36 -41.69 23.39 37.09
C LEU A 36 -42.61 24.17 36.15
N LYS A 37 -42.03 25.23 35.55
CA LYS A 37 -42.77 26.11 34.62
C LYS A 37 -43.52 25.38 33.52
N ASP A 38 -42.98 24.25 33.03
CA ASP A 38 -43.62 23.53 31.93
C ASP A 38 -44.61 22.45 32.40
N GLY A 39 -44.94 22.40 33.70
CA GLY A 39 -45.88 21.44 34.24
C GLY A 39 -45.26 20.15 34.77
N ARG A 40 -44.06 19.80 34.31
CA ARG A 40 -43.41 18.58 34.81
C ARG A 40 -42.97 18.76 36.25
N THR A 41 -43.07 17.69 37.03
CA THR A 41 -42.52 17.73 38.38
C THR A 41 -41.00 17.70 38.31
N ILE A 42 -40.36 18.14 39.40
CA ILE A 42 -38.91 18.06 39.51
C ILE A 42 -38.43 16.61 39.36
N GLN A 43 -39.19 15.65 39.88
CA GLN A 43 -38.77 14.26 39.78
C GLN A 43 -38.68 13.80 38.33
N GLN A 44 -39.65 14.17 37.49
CA GLN A 44 -39.56 13.75 36.10
C GLN A 44 -38.39 14.40 35.40
N ALA A 45 -38.11 15.67 35.74
CA ALA A 45 -37.01 16.40 35.10
C ALA A 45 -35.67 15.79 35.46
N ILE A 46 -35.44 15.49 36.75
CA ILE A 46 -34.16 14.89 37.12
C ILE A 46 -34.08 13.45 36.61
N ASP A 47 -35.19 12.70 36.69
CA ASP A 47 -35.19 11.33 36.18
C ASP A 47 -34.79 11.29 34.71
N GLY A 48 -35.26 12.27 33.93
CA GLY A 48 -34.93 12.30 32.52
C GLY A 48 -33.49 12.69 32.27
N LEU A 49 -32.97 13.62 33.09
CA LEU A 49 -31.57 14.03 32.98
C LEU A 49 -30.64 12.91 33.42
N GLU A 50 -30.99 12.23 34.53
CA GLU A 50 -30.20 11.12 35.02
C GLU A 50 -30.35 9.85 34.18
N ASN A 51 -31.34 9.79 33.30
CA ASN A 51 -31.60 8.59 32.48
C ASN A 51 -32.10 8.99 31.10
N PRO A 52 -31.25 9.61 30.27
CA PRO A 52 -31.70 9.98 28.91
C PRO A 52 -32.20 8.78 28.14
N VAL A 53 -33.22 9.00 27.30
CA VAL A 53 -33.91 7.90 26.62
C VAL A 53 -32.93 7.06 25.81
N HIS A 54 -31.88 7.68 25.28
CA HIS A 54 -30.97 7.00 24.37
C HIS A 54 -29.73 6.46 25.06
N TYR A 55 -29.62 6.59 26.38
CA TYR A 55 -28.44 6.15 27.12
C TYR A 55 -28.82 4.98 28.01
N VAL A 56 -28.07 3.89 27.90
CA VAL A 56 -28.31 2.68 28.67
C VAL A 56 -27.17 2.57 29.65
N LYS A 57 -27.46 2.67 30.96
CA LYS A 57 -26.39 2.56 31.95
C LYS A 57 -26.68 1.51 33.02
N ASP A 58 -27.82 0.86 32.96
CA ASP A 58 -28.22 -0.16 33.92
C ASP A 58 -27.93 -1.54 33.35
N VAL A 59 -26.93 -2.25 33.91
CA VAL A 59 -26.64 -3.58 33.40
C VAL A 59 -27.82 -4.51 33.54
N SER A 60 -28.80 -4.19 34.39
CA SER A 60 -29.97 -5.04 34.60
C SER A 60 -31.15 -4.70 33.69
N ILE A 61 -30.94 -3.83 32.70
CA ILE A 61 -32.03 -3.53 31.77
C ILE A 61 -32.53 -4.83 31.14
N THR A 62 -33.86 -4.98 31.04
CA THR A 62 -34.39 -6.22 30.48
C THR A 62 -34.26 -6.28 28.96
N PRO A 63 -34.34 -7.47 28.37
CA PRO A 63 -34.34 -7.53 26.90
C PRO A 63 -35.43 -6.69 26.26
N SER A 64 -36.63 -6.67 26.88
CA SER A 64 -37.74 -5.91 26.34
C SER A 64 -37.46 -4.44 26.41
N ALA A 65 -36.90 -3.97 27.54
CA ALA A 65 -36.61 -2.55 27.71
C ALA A 65 -35.49 -2.11 26.78
N LEU A 66 -34.47 -2.95 26.60
CA LEU A 66 -33.42 -2.66 25.62
C LEU A 66 -34.00 -2.56 24.21
N LEU A 67 -34.89 -3.49 23.83
CA LEU A 67 -35.49 -3.38 22.52
C LEU A 67 -36.25 -2.07 22.35
N ALA A 68 -36.98 -1.65 23.39
CA ALA A 68 -37.74 -0.41 23.31
C ALA A 68 -36.81 0.78 23.14
N VAL A 69 -35.65 0.75 23.81
CA VAL A 69 -34.64 1.83 23.63
C VAL A 69 -34.18 1.89 22.18
N ALA A 70 -33.88 0.72 21.61
CA ALA A 70 -33.42 0.64 20.22
C ALA A 70 -34.49 1.08 19.25
N VAL A 71 -35.76 0.69 19.49
CA VAL A 71 -36.85 1.12 18.61
C VAL A 71 -36.97 2.65 18.62
N GLU A 72 -36.85 3.26 19.81
CA GLU A 72 -37.03 4.72 19.88
C GLU A 72 -35.86 5.44 19.25
N ALA A 73 -34.64 4.90 19.40
CA ALA A 73 -33.49 5.51 18.75
C ALA A 73 -33.61 5.42 17.23
N ALA A 74 -34.16 4.32 16.72
CA ALA A 74 -34.30 4.18 15.27
C ALA A 74 -35.33 5.16 14.74
N ARG A 75 -36.35 5.48 15.55
CA ARG A 75 -37.33 6.46 15.12
C ARG A 75 -36.67 7.80 14.82
N LEU A 76 -35.69 8.18 15.65
CA LEU A 76 -34.98 9.42 15.44
C LEU A 76 -33.71 9.26 14.63
N GLY A 77 -33.38 8.05 14.18
CA GLY A 77 -32.16 7.85 13.43
C GLY A 77 -30.88 8.04 14.21
N ARG A 78 -30.90 7.86 15.55
CA ARG A 78 -29.78 8.28 16.39
C ARG A 78 -29.14 7.07 17.10
N THR A 79 -28.11 7.40 17.88
CA THR A 79 -27.27 6.40 18.53
C THR A 79 -27.86 5.99 19.88
N VAL A 80 -27.71 4.72 20.23
CA VAL A 80 -27.86 4.26 21.60
C VAL A 80 -26.47 4.21 22.20
N ALA A 81 -26.26 4.89 23.31
CA ALA A 81 -24.96 4.88 23.96
C ALA A 81 -25.05 4.15 25.29
N PHE A 82 -23.95 3.54 25.71
CA PHE A 82 -23.91 2.69 26.91
C PHE A 82 -23.00 3.29 27.95
N GLY A 83 -23.35 3.08 29.22
CA GLY A 83 -22.41 3.33 30.30
C GLY A 83 -21.54 2.12 30.56
N PRO A 84 -20.55 2.26 31.44
CA PRO A 84 -19.65 1.14 31.72
C PRO A 84 -20.37 0.00 32.42
N GLY A 85 -19.87 -1.19 32.22
CA GLY A 85 -20.46 -2.36 32.86
C GLY A 85 -20.34 -3.58 31.98
N HIS A 86 -20.64 -4.69 32.59
CA HIS A 86 -20.72 -5.99 31.96
C HIS A 86 -22.19 -6.32 31.78
N TYR A 87 -22.68 -6.21 30.54
CA TYR A 87 -24.07 -6.43 30.18
C TYR A 87 -24.26 -7.81 29.58
N THR A 88 -25.21 -8.60 30.11
CA THR A 88 -25.43 -9.93 29.53
C THR A 88 -26.83 -10.13 28.97
N ASN A 89 -27.74 -9.14 29.07
CA ASN A 89 -29.08 -9.24 28.47
C ASN A 89 -29.80 -10.55 28.84
N GLN A 90 -29.69 -10.93 30.13
CA GLN A 90 -30.31 -12.16 30.66
C GLN A 90 -29.92 -13.38 29.83
N GLY A 91 -28.72 -13.36 29.25
CA GLY A 91 -28.26 -14.46 28.41
C GLY A 91 -28.87 -14.57 27.01
N GLN A 92 -29.68 -13.59 26.57
CA GLN A 92 -30.51 -13.77 25.38
C GLN A 92 -29.83 -13.11 24.16
N PRO A 93 -29.93 -13.70 22.96
CA PRO A 93 -29.55 -12.92 21.76
C PRO A 93 -30.46 -11.72 21.60
N PHE A 94 -29.88 -10.63 21.12
CA PHE A 94 -30.60 -9.36 20.88
C PHE A 94 -30.65 -9.12 19.38
N GLU A 95 -31.83 -9.34 18.76
CA GLU A 95 -31.93 -9.27 17.31
C GLU A 95 -32.90 -8.18 16.88
N VAL A 96 -32.50 -7.38 15.90
CA VAL A 96 -33.36 -6.33 15.36
C VAL A 96 -33.33 -6.44 13.84
N ASP A 97 -34.40 -5.99 13.20
CA ASP A 97 -34.49 -5.94 11.75
C ASP A 97 -34.66 -4.51 11.27
N PHE A 98 -34.03 -3.57 11.99
CA PHE A 98 -34.09 -2.14 11.67
C PHE A 98 -32.75 -1.54 12.08
N PRO A 99 -32.47 -0.29 11.72
CA PRO A 99 -31.11 0.24 11.96
C PRO A 99 -30.78 0.26 13.42
N LEU A 100 -29.54 -0.12 13.72
CA LEU A 100 -28.98 -0.04 15.05
C LEU A 100 -27.70 0.77 14.93
N ASN A 101 -27.57 1.81 15.75
CA ASN A 101 -26.36 2.65 15.78
C ASN A 101 -25.90 2.71 17.24
N LEU A 102 -24.88 1.93 17.57
CA LEU A 102 -24.44 1.79 18.96
C LEU A 102 -23.14 2.54 19.18
N ASP A 103 -23.06 3.23 20.31
CA ASP A 103 -21.81 3.77 20.86
C ASP A 103 -21.49 2.95 22.10
N VAL A 104 -20.44 2.13 22.02
CA VAL A 104 -20.06 1.15 23.01
C VAL A 104 -18.70 1.62 23.52
N PRO A 105 -18.61 2.38 24.60
CA PRO A 105 -17.31 2.97 24.96
C PRO A 105 -16.42 2.01 25.75
N VAL A 106 -15.16 2.43 25.88
CA VAL A 106 -14.24 1.70 26.76
C VAL A 106 -14.89 1.48 28.13
N GLY A 107 -14.82 0.25 28.61
CA GLY A 107 -15.42 -0.11 29.88
C GLY A 107 -16.77 -0.76 29.76
N THR A 108 -17.36 -0.75 28.56
CA THR A 108 -18.61 -1.44 28.28
C THR A 108 -18.30 -2.76 27.61
N PHE A 109 -18.88 -3.84 28.12
CA PHE A 109 -18.77 -5.17 27.52
C PHE A 109 -20.18 -5.64 27.25
N LEU A 110 -20.57 -5.66 25.97
CA LEU A 110 -21.87 -6.21 25.60
C LEU A 110 -21.68 -7.71 25.41
N ASP A 111 -21.90 -8.48 26.47
CA ASP A 111 -21.59 -9.93 26.46
C ASP A 111 -22.84 -10.74 26.18
N PHE A 112 -23.36 -10.57 24.97
CA PHE A 112 -24.53 -11.27 24.43
C PHE A 112 -24.55 -11.04 22.93
N PRO A 113 -25.04 -11.99 22.15
CA PRO A 113 -25.12 -11.76 20.69
C PRO A 113 -26.00 -10.57 20.35
N ILE A 114 -25.50 -9.74 19.42
CA ILE A 114 -26.28 -8.67 18.81
C ILE A 114 -26.35 -8.95 17.34
N ILE A 115 -27.56 -9.03 16.80
CA ILE A 115 -27.76 -9.41 15.41
C ILE A 115 -28.61 -8.36 14.74
N ILE A 116 -28.09 -7.74 13.69
CA ILE A 116 -28.87 -6.85 12.85
C ILE A 116 -29.18 -7.64 11.60
N ARG A 117 -30.45 -7.85 11.29
CA ARG A 117 -30.82 -8.78 10.21
C ARG A 117 -31.83 -8.09 9.31
N GLY A 118 -31.39 -7.61 8.15
CA GLY A 118 -32.33 -7.17 7.14
C GLY A 118 -32.87 -8.31 6.33
N LYS A 119 -33.67 -7.97 5.33
CA LYS A 119 -34.36 -8.95 4.47
C LYS A 119 -33.53 -9.19 3.21
N THR A 120 -32.91 -10.35 3.10
CA THR A 120 -32.12 -10.64 1.90
C THR A 120 -32.99 -10.56 0.66
N VAL A 121 -34.23 -11.00 0.80
CA VAL A 121 -35.30 -10.78 -0.17
C VAL A 121 -36.54 -10.33 0.58
N LYS A 122 -37.13 -9.23 0.16
CA LYS A 122 -38.38 -8.77 0.76
C LYS A 122 -39.52 -9.73 0.40
N MET A 123 -40.28 -10.14 1.40
CA MET A 123 -41.29 -11.18 1.17
C MET A 123 -42.66 -10.71 1.63
N VAL A 124 -43.69 -11.14 0.94
CA VAL A 124 -45.07 -10.81 1.34
C VAL A 124 -45.67 -11.92 2.19
N ARG A 125 -45.19 -13.16 2.06
CA ARG A 125 -45.61 -14.29 2.87
C ARG A 125 -44.50 -15.34 2.80
N SER A 126 -44.47 -16.22 3.81
CA SER A 126 -43.47 -17.27 3.82
C SER A 126 -44.00 -18.42 4.66
N VAL A 127 -43.63 -19.63 4.27
CA VAL A 127 -43.98 -20.87 4.97
C VAL A 127 -42.69 -21.60 5.29
N THR A 128 -42.44 -21.89 6.57
CA THR A 128 -41.28 -22.71 6.95
C THR A 128 -41.70 -24.16 7.02
N THR A 129 -40.76 -25.07 6.75
CA THR A 129 -41.02 -26.50 6.78
C THR A 129 -40.04 -27.16 7.75
N ASN A 130 -40.32 -28.43 8.04
CA ASN A 130 -39.41 -29.28 8.83
C ASN A 130 -38.60 -30.28 8.02
N LEU A 131 -38.81 -30.34 6.72
CA LEU A 131 -38.17 -31.33 5.87
C LEU A 131 -36.66 -31.28 5.99
N THR A 132 -36.03 -32.44 5.83
CA THR A 132 -34.59 -32.56 5.67
C THR A 132 -34.23 -32.47 4.20
N ALA A 133 -32.93 -32.37 3.92
CA ALA A 133 -32.46 -32.33 2.52
C ALA A 133 -32.77 -33.63 1.83
N ALA A 134 -32.74 -34.75 2.54
CA ALA A 134 -33.13 -35.97 1.87
C ALA A 134 -34.60 -35.97 1.44
N GLN A 135 -35.49 -35.29 2.17
CA GLN A 135 -36.89 -35.14 1.82
C GLN A 135 -37.17 -34.04 0.80
N CYS A 136 -36.20 -33.18 0.57
CA CYS A 136 -36.24 -32.11 -0.44
C CYS A 136 -35.03 -32.13 -1.34
N PRO A 137 -34.87 -33.17 -2.15
CA PRO A 137 -33.64 -33.30 -2.92
C PRO A 137 -33.61 -32.35 -4.13
N ALA A 138 -32.45 -32.32 -4.75
CA ALA A 138 -32.33 -31.58 -6.01
C ALA A 138 -33.38 -32.07 -7.01
N GLY A 139 -33.97 -31.13 -7.73
CA GLY A 139 -34.98 -31.44 -8.72
C GLY A 139 -36.38 -31.46 -8.17
N THR A 140 -36.53 -31.33 -6.84
CA THR A 140 -37.84 -31.34 -6.23
C THR A 140 -38.73 -30.29 -6.85
N THR A 141 -39.97 -30.70 -7.17
CA THR A 141 -41.00 -29.72 -7.50
C THR A 141 -42.19 -29.68 -6.55
N VAL A 142 -42.39 -30.68 -5.68
CA VAL A 142 -43.56 -30.71 -4.84
C VAL A 142 -43.10 -30.65 -3.40
N ILE A 143 -43.63 -29.69 -2.65
CA ILE A 143 -43.31 -29.46 -1.23
C ILE A 143 -44.57 -29.41 -0.40
N ALA A 144 -44.59 -30.21 0.68
CA ALA A 144 -45.75 -30.28 1.57
C ALA A 144 -45.88 -29.04 2.46
N GLY A 145 -47.11 -28.60 2.70
CA GLY A 145 -47.37 -27.50 3.61
C GLY A 145 -48.62 -26.77 3.18
N ASP A 146 -48.99 -25.75 3.95
CA ASP A 146 -50.21 -25.01 3.64
C ASP A 146 -49.85 -23.82 2.75
N PHE A 147 -50.03 -24.02 1.44
CA PHE A 147 -49.67 -23.02 0.44
C PHE A 147 -50.90 -22.43 -0.22
N SER A 148 -52.03 -22.42 0.47
CA SER A 148 -53.25 -22.02 -0.23
C SER A 148 -53.26 -20.55 -0.61
N ALA A 149 -52.48 -19.68 0.06
CA ALA A 149 -52.40 -18.27 -0.33
C ALA A 149 -51.36 -17.98 -1.43
N PHE A 150 -50.72 -19.00 -2.02
CA PHE A 150 -49.73 -18.78 -3.09
C PHE A 150 -50.42 -18.94 -4.45
N PRO A 151 -50.65 -17.87 -5.20
CA PRO A 151 -51.40 -18.01 -6.46
C PRO A 151 -50.61 -18.72 -7.56
N VAL A 152 -51.32 -19.57 -8.34
CA VAL A 152 -50.68 -20.18 -9.51
C VAL A 152 -50.20 -19.06 -10.43
N GLY A 153 -48.99 -19.22 -10.96
CA GLY A 153 -48.37 -18.20 -11.79
C GLY A 153 -47.62 -17.11 -11.07
N SER A 154 -47.78 -16.96 -9.75
CA SER A 154 -46.93 -16.01 -9.03
C SER A 154 -45.50 -16.52 -8.94
N VAL A 155 -44.56 -15.60 -8.66
CA VAL A 155 -43.18 -15.98 -8.38
C VAL A 155 -43.10 -16.50 -6.96
N VAL A 156 -42.37 -17.60 -6.82
CA VAL A 156 -42.13 -18.24 -5.54
C VAL A 156 -40.63 -18.43 -5.41
N GLY A 157 -40.11 -18.23 -4.20
CA GLY A 157 -38.70 -18.48 -3.93
C GLY A 157 -38.54 -19.56 -2.87
N VAL A 158 -37.37 -20.20 -2.82
CA VAL A 158 -37.07 -21.18 -1.77
C VAL A 158 -35.68 -20.84 -1.25
N LYS A 159 -35.54 -20.77 0.08
CA LYS A 159 -34.27 -20.57 0.72
C LYS A 159 -34.09 -21.66 1.77
N LEU A 160 -32.84 -21.84 2.19
CA LEU A 160 -32.65 -22.65 3.41
C LEU A 160 -33.29 -21.92 4.58
N GLY A 161 -33.94 -22.66 5.47
CA GLY A 161 -34.44 -22.00 6.66
C GLY A 161 -33.31 -21.40 7.48
N ASP A 162 -33.62 -20.37 8.27
CA ASP A 162 -32.63 -19.68 9.06
C ASP A 162 -32.05 -20.58 10.15
N ASN A 163 -32.76 -21.68 10.46
CA ASN A 163 -32.36 -22.64 11.48
C ASN A 163 -31.49 -23.76 10.93
N THR A 164 -30.99 -23.67 9.68
CA THR A 164 -30.04 -24.63 9.18
C THR A 164 -28.92 -23.89 8.48
N ASN A 165 -27.75 -24.53 8.45
CA ASN A 165 -26.63 -24.06 7.64
C ASN A 165 -26.50 -24.83 6.33
N GLY A 166 -27.41 -25.76 6.07
CA GLY A 166 -27.27 -26.64 4.90
C GLY A 166 -26.02 -27.51 4.99
N SER A 167 -25.47 -27.83 3.82
CA SER A 167 -24.31 -28.71 3.79
C SER A 167 -23.59 -28.61 2.45
N ALA A 168 -22.27 -28.60 2.50
CA ALA A 168 -21.51 -28.66 1.25
C ALA A 168 -21.64 -30.03 0.60
N SER A 169 -22.13 -31.04 1.34
CA SER A 169 -22.22 -32.40 0.78
C SER A 169 -23.27 -32.52 -0.34
N TYR A 170 -24.34 -31.74 -0.31
CA TYR A 170 -25.25 -31.63 -1.43
C TYR A 170 -25.16 -30.23 -2.08
N ASN A 171 -24.03 -29.56 -1.89
CA ASN A 171 -23.72 -28.29 -2.61
C ASN A 171 -24.70 -27.17 -2.26
N ASN A 172 -25.17 -27.12 -1.01
CA ASN A 172 -26.09 -26.01 -0.68
C ASN A 172 -26.00 -25.63 0.80
N GLU A 173 -25.22 -24.59 1.07
CA GLU A 173 -25.13 -23.92 2.35
C GLU A 173 -25.72 -22.53 2.33
N ALA A 174 -26.01 -21.98 1.14
CA ALA A 174 -26.40 -20.57 1.10
C ALA A 174 -27.30 -20.24 -0.09
N GLY A 175 -27.91 -21.25 -0.70
CA GLY A 175 -28.53 -21.03 -1.99
C GLY A 175 -29.94 -20.48 -1.90
N TRP A 176 -30.31 -19.76 -2.98
CA TRP A 176 -31.66 -19.24 -3.18
C TRP A 176 -32.15 -19.72 -4.55
N ASP A 177 -33.43 -20.12 -4.62
CA ASP A 177 -34.00 -20.55 -5.90
C ASP A 177 -35.28 -19.80 -6.15
N PHE A 178 -35.55 -19.41 -7.40
CA PHE A 178 -36.77 -18.68 -7.75
C PHE A 178 -37.40 -19.37 -8.95
N THR A 179 -38.70 -19.39 -8.95
CA THR A 179 -39.47 -20.08 -10.01
C THR A 179 -40.89 -19.54 -9.93
N THR A 180 -41.86 -20.21 -10.57
CA THR A 180 -43.25 -19.77 -10.46
C THR A 180 -44.09 -20.94 -9.94
N VAL A 181 -45.25 -20.60 -9.41
CA VAL A 181 -46.15 -21.59 -8.81
C VAL A 181 -46.91 -22.30 -9.95
N ALA A 182 -46.72 -23.62 -10.08
CA ALA A 182 -47.49 -24.40 -11.06
C ALA A 182 -48.78 -24.98 -10.47
N ALA A 183 -48.88 -25.07 -9.13
CA ALA A 183 -50.09 -25.56 -8.47
C ALA A 183 -49.94 -25.26 -6.99
N SER A 184 -51.05 -24.97 -6.30
CA SER A 184 -50.99 -24.84 -4.84
C SER A 184 -52.31 -25.25 -4.20
N SER A 185 -52.21 -25.68 -2.94
CA SER A 185 -53.33 -26.19 -2.14
C SER A 185 -52.97 -26.04 -0.67
N ASN A 186 -53.91 -26.40 0.21
CA ASN A 186 -53.60 -26.32 1.64
C ASN A 186 -52.72 -27.48 2.14
N THR A 187 -52.28 -28.38 1.27
CA THR A 187 -51.36 -29.45 1.62
C THR A 187 -50.07 -29.53 0.80
N SER A 188 -49.95 -28.88 -0.36
CA SER A 188 -48.65 -28.86 -1.03
C SER A 188 -48.59 -27.70 -2.01
N ILE A 189 -47.39 -27.50 -2.52
CA ILE A 189 -47.17 -26.55 -3.61
C ILE A 189 -46.40 -27.28 -4.69
N THR A 190 -46.65 -26.90 -5.96
CA THR A 190 -45.87 -27.46 -7.06
C THR A 190 -45.10 -26.35 -7.74
N LEU A 191 -43.79 -26.52 -7.85
CA LEU A 191 -42.94 -25.55 -8.55
C LEU A 191 -42.91 -25.82 -10.06
N SER A 192 -42.83 -24.72 -10.85
CA SER A 192 -42.74 -24.86 -12.32
C SER A 192 -41.45 -25.51 -12.75
N THR A 193 -40.34 -25.30 -12.01
CA THR A 193 -39.05 -25.89 -12.31
C THR A 193 -38.49 -26.48 -11.03
N GLY A 194 -37.69 -27.53 -11.17
CA GLY A 194 -37.22 -28.24 -9.99
C GLY A 194 -36.14 -27.44 -9.28
N LEU A 195 -36.05 -27.66 -7.96
CA LEU A 195 -35.03 -26.96 -7.20
C LEU A 195 -33.64 -27.28 -7.75
N ARG A 196 -32.78 -26.26 -7.82
CA ARG A 196 -31.45 -26.47 -8.34
C ARG A 196 -30.57 -27.36 -7.47
N TRP A 197 -30.84 -27.42 -6.17
CA TRP A 197 -30.04 -28.14 -5.18
C TRP A 197 -31.01 -28.67 -4.16
N ALA A 198 -30.56 -29.66 -3.39
CA ALA A 198 -31.36 -30.06 -2.25
C ALA A 198 -31.39 -28.90 -1.24
N PHE A 199 -32.48 -28.84 -0.45
CA PHE A 199 -32.62 -27.86 0.64
C PHE A 199 -32.97 -28.60 1.93
N ASP A 200 -32.25 -28.29 3.02
CA ASP A 200 -32.69 -28.60 4.37
C ASP A 200 -33.61 -27.48 4.88
N LYS A 201 -34.67 -27.85 5.60
CA LYS A 201 -35.67 -26.92 6.14
C LYS A 201 -36.06 -25.86 5.12
N PRO A 202 -36.47 -26.26 3.93
CA PRO A 202 -36.81 -25.24 2.92
C PRO A 202 -37.88 -24.29 3.42
N GLU A 203 -37.67 -23.01 3.17
CA GLU A 203 -38.62 -21.96 3.49
C GLU A 203 -39.08 -21.40 2.16
N VAL A 204 -40.40 -21.41 1.91
CA VAL A 204 -41.00 -21.13 0.61
C VAL A 204 -41.77 -19.82 0.72
N PHE A 205 -41.55 -18.87 -0.21
CA PHE A 205 -42.05 -17.50 0.03
C PHE A 205 -42.42 -16.84 -1.30
N THR A 206 -43.29 -15.84 -1.21
CA THR A 206 -43.62 -14.93 -2.32
C THR A 206 -42.78 -13.67 -2.20
N PRO A 207 -41.88 -13.38 -3.14
CA PRO A 207 -41.19 -12.07 -3.11
C PRO A 207 -42.17 -10.91 -3.25
N GLU A 208 -41.86 -9.81 -2.57
CA GLU A 208 -42.61 -8.56 -2.80
C GLU A 208 -42.46 -8.10 -4.24
N TYR A 209 -41.26 -8.24 -4.82
CA TYR A 209 -41.08 -7.83 -6.23
C TYR A 209 -39.97 -8.65 -6.86
N ALA A 210 -40.32 -9.47 -7.84
CA ALA A 210 -39.33 -10.33 -8.50
C ALA A 210 -39.78 -10.47 -9.95
N VAL A 211 -38.87 -10.26 -10.89
CA VAL A 211 -39.16 -10.30 -12.33
C VAL A 211 -38.07 -11.14 -13.01
N ARG A 212 -38.47 -11.95 -13.99
CA ARG A 212 -37.51 -12.69 -14.80
C ARG A 212 -37.06 -11.86 -16.01
N TYR A 213 -35.76 -11.69 -16.16
CA TYR A 213 -35.22 -10.96 -17.30
C TYR A 213 -34.93 -11.94 -18.43
N SER A 214 -35.28 -11.56 -19.65
CA SER A 214 -35.01 -12.39 -20.82
C SER A 214 -33.87 -11.76 -21.58
N GLY A 215 -32.71 -12.41 -21.57
CA GLY A 215 -31.54 -11.99 -22.30
C GLY A 215 -30.35 -11.83 -21.37
N GLN A 216 -29.31 -11.20 -21.90
CA GLN A 216 -28.06 -11.06 -21.18
C GLN A 216 -27.93 -9.69 -20.55
N LEU A 217 -27.46 -9.67 -19.29
CA LEU A 217 -26.98 -8.43 -18.64
C LEU A 217 -25.47 -8.58 -18.56
N SER A 218 -24.73 -7.82 -19.40
CA SER A 218 -23.28 -8.03 -19.48
C SER A 218 -22.55 -7.41 -18.31
N ARG A 219 -21.47 -8.06 -17.88
CA ARG A 219 -20.66 -7.43 -16.86
C ARG A 219 -20.17 -6.10 -17.37
N SER A 220 -20.06 -5.19 -16.41
CA SER A 220 -19.66 -3.82 -16.62
C SER A 220 -20.79 -3.00 -17.20
N SER A 221 -22.02 -3.50 -17.28
CA SER A 221 -23.12 -2.61 -17.68
C SER A 221 -23.66 -1.85 -16.46
N TYR A 222 -24.43 -0.79 -16.74
CA TYR A 222 -25.04 -0.04 -15.62
C TYR A 222 -26.51 0.23 -15.83
N PHE A 223 -27.09 -0.10 -17.00
CA PHE A 223 -28.51 0.11 -17.29
C PHE A 223 -29.17 -1.24 -17.53
N ILE A 224 -30.27 -1.48 -16.82
CA ILE A 224 -31.04 -2.70 -16.99
C ILE A 224 -32.36 -2.31 -17.62
N PRO A 225 -32.62 -2.68 -18.88
CA PRO A 225 -33.86 -2.25 -19.55
C PRO A 225 -35.08 -2.95 -18.97
N GLY A 226 -36.22 -2.27 -19.03
CA GLY A 226 -37.51 -2.79 -18.60
C GLY A 226 -38.25 -1.77 -17.76
N ASP A 227 -39.52 -2.07 -17.49
CA ASP A 227 -40.36 -1.17 -16.69
C ASP A 227 -40.50 -1.79 -15.30
N TYR A 228 -39.70 -1.29 -14.36
CA TYR A 228 -39.70 -1.78 -12.96
C TYR A 228 -40.37 -0.78 -12.04
N THR A 229 -41.08 0.19 -12.62
CA THR A 229 -41.63 1.26 -11.77
C THR A 229 -42.73 0.80 -10.85
N SER A 230 -43.37 -0.34 -11.12
CA SER A 230 -44.39 -0.80 -10.18
C SER A 230 -43.80 -1.38 -8.91
N GLY A 231 -42.49 -1.65 -8.87
CA GLY A 231 -41.92 -2.31 -7.71
C GLY A 231 -40.68 -1.71 -7.15
N LEU A 232 -39.98 -0.87 -7.92
CA LEU A 232 -38.67 -0.36 -7.50
C LEU A 232 -38.68 1.16 -7.43
N ASN A 233 -37.84 1.65 -6.51
CA ASN A 233 -37.56 3.07 -6.32
C ASN A 233 -36.05 3.33 -6.25
N VAL A 234 -35.66 4.60 -6.50
CA VAL A 234 -34.29 4.99 -6.28
C VAL A 234 -33.90 4.69 -4.83
N GLY A 235 -32.74 4.10 -4.65
CA GLY A 235 -32.26 3.74 -3.34
C GLY A 235 -32.51 2.30 -2.99
N ASP A 236 -33.43 1.64 -3.70
CA ASP A 236 -33.61 0.22 -3.44
C ASP A 236 -32.38 -0.58 -3.86
N ILE A 237 -32.18 -1.70 -3.16
CA ILE A 237 -31.13 -2.65 -3.53
C ILE A 237 -31.78 -3.90 -4.11
N ILE A 238 -31.27 -4.34 -5.24
CA ILE A 238 -31.80 -5.51 -5.96
C ILE A 238 -30.75 -6.62 -5.95
N ARG A 239 -31.26 -7.85 -6.00
CA ARG A 239 -30.48 -9.06 -6.17
C ARG A 239 -30.64 -9.47 -7.62
N VAL A 240 -29.52 -9.69 -8.32
CA VAL A 240 -29.56 -10.22 -9.69
C VAL A 240 -29.04 -11.65 -9.60
N GLU A 241 -29.92 -12.65 -9.85
CA GLU A 241 -29.57 -14.07 -9.66
C GLU A 241 -29.41 -14.71 -11.03
N ASN A 242 -28.19 -15.12 -11.37
CA ASN A 242 -27.99 -15.71 -12.68
C ASN A 242 -28.66 -17.06 -12.78
N ILE A 243 -29.15 -17.41 -13.99
CA ILE A 243 -29.62 -18.77 -14.25
C ILE A 243 -28.77 -19.50 -15.32
N ASP A 244 -28.59 -18.87 -16.48
CA ASP A 244 -28.00 -19.55 -17.64
C ASP A 244 -26.62 -19.06 -18.02
N GLY A 245 -26.14 -17.95 -17.41
CA GLY A 245 -24.79 -17.53 -17.71
C GLY A 245 -23.73 -18.43 -17.07
N THR A 246 -22.50 -18.33 -17.59
CA THR A 246 -21.39 -19.15 -17.10
C THR A 246 -20.26 -18.28 -16.57
N ASP A 247 -20.59 -17.11 -16.01
CA ASP A 247 -19.54 -16.23 -15.51
C ASP A 247 -19.23 -16.45 -14.01
N GLY A 248 -19.32 -17.65 -13.51
CA GLY A 248 -18.88 -17.99 -12.16
C GLY A 248 -17.49 -18.58 -12.26
N VAL A 249 -16.83 -18.70 -11.09
CA VAL A 249 -15.52 -19.36 -11.09
C VAL A 249 -15.69 -20.77 -11.66
N HIS A 250 -14.69 -21.22 -12.42
CA HIS A 250 -14.74 -22.50 -13.14
C HIS A 250 -15.86 -22.57 -14.19
N GLY A 251 -16.42 -21.42 -14.62
CA GLY A 251 -17.52 -21.45 -15.54
C GLY A 251 -18.86 -21.89 -14.98
N ASN A 252 -18.98 -21.96 -13.65
CA ASN A 252 -20.22 -22.42 -13.01
C ASN A 252 -21.34 -21.42 -13.19
N LYS A 253 -22.58 -21.91 -13.11
CA LYS A 253 -23.77 -21.09 -13.36
C LYS A 253 -24.43 -20.54 -12.10
N GLU A 254 -23.85 -20.79 -10.93
CA GLU A 254 -24.46 -20.35 -9.67
C GLU A 254 -23.69 -19.13 -9.17
N TYR A 255 -24.33 -17.97 -9.27
CA TYR A 255 -23.73 -16.75 -8.79
C TYR A 255 -24.79 -15.65 -8.89
N PHE A 256 -24.52 -14.55 -8.19
CA PHE A 256 -25.51 -13.48 -8.08
C PHE A 256 -24.76 -12.25 -7.63
N GLU A 257 -25.40 -11.10 -7.74
CA GLU A 257 -24.78 -9.91 -7.10
C GLU A 257 -25.89 -9.01 -6.62
N MET A 258 -25.51 -7.99 -5.82
CA MET A 258 -26.48 -6.99 -5.39
C MET A 258 -26.06 -5.64 -5.94
N LEU A 259 -27.05 -4.79 -6.22
CA LEU A 259 -26.83 -3.51 -6.88
C LEU A 259 -27.81 -2.52 -6.28
N LYS A 260 -27.45 -1.24 -6.24
CA LYS A 260 -28.36 -0.20 -5.73
C LYS A 260 -28.89 0.65 -6.88
N VAL A 261 -30.21 0.88 -6.90
CA VAL A 261 -30.82 1.65 -7.99
C VAL A 261 -30.51 3.14 -7.81
N SER A 262 -29.92 3.76 -8.82
CA SER A 262 -29.57 5.19 -8.74
C SER A 262 -30.49 6.09 -9.57
N SER A 263 -31.17 5.54 -10.57
CA SER A 263 -32.26 6.25 -11.25
C SER A 263 -33.22 5.22 -11.80
N ILE A 264 -34.45 5.67 -12.06
CA ILE A 264 -35.44 4.76 -12.66
C ILE A 264 -36.40 5.60 -13.50
N ASP A 265 -36.76 5.06 -14.66
CA ASP A 265 -37.88 5.60 -15.42
C ASP A 265 -38.57 4.43 -16.10
N SER A 266 -39.61 4.72 -16.92
CA SER A 266 -40.37 3.58 -17.44
C SER A 266 -39.56 2.75 -18.43
N SER A 267 -38.37 3.17 -18.82
CA SER A 267 -37.56 2.42 -19.78
C SER A 267 -36.50 1.51 -19.13
N GLY A 268 -36.08 1.76 -17.90
CA GLY A 268 -35.11 0.89 -17.26
C GLY A 268 -34.59 1.50 -15.98
N ILE A 269 -33.73 0.76 -15.31
CA ILE A 269 -33.09 1.23 -14.09
C ILE A 269 -31.61 1.42 -14.35
N THR A 270 -31.05 2.43 -13.71
CA THR A 270 -29.58 2.52 -13.63
C THR A 270 -29.12 2.19 -12.23
N VAL A 271 -27.95 1.56 -12.13
CA VAL A 271 -27.42 1.16 -10.83
C VAL A 271 -26.12 1.92 -10.53
N GLU A 272 -25.87 2.14 -9.25
CA GLU A 272 -24.80 3.08 -8.92
C GLU A 272 -23.40 2.47 -9.04
N THR A 273 -23.24 1.13 -9.17
CA THR A 273 -21.96 0.54 -9.51
C THR A 273 -22.22 -0.40 -10.67
N ARG A 274 -21.26 -0.54 -11.59
CA ARG A 274 -21.51 -1.35 -12.78
C ARG A 274 -21.51 -2.84 -12.40
N LEU A 275 -22.26 -3.65 -13.17
CA LEU A 275 -22.31 -5.08 -12.85
C LEU A 275 -20.91 -5.70 -12.79
N ARG A 276 -20.68 -6.58 -11.80
CA ARG A 276 -19.44 -7.33 -11.72
C ARG A 276 -19.46 -8.59 -12.58
N TYR A 277 -20.63 -9.18 -12.80
CA TYR A 277 -20.74 -10.45 -13.53
C TYR A 277 -21.68 -10.32 -14.71
N THR A 278 -21.47 -11.22 -15.70
CA THR A 278 -22.42 -11.37 -16.81
C THR A 278 -23.47 -12.40 -16.44
N HIS A 279 -24.75 -12.02 -16.53
CA HIS A 279 -25.90 -12.86 -16.19
C HIS A 279 -26.66 -13.14 -17.47
N VAL A 280 -27.25 -14.35 -17.56
CA VAL A 280 -28.11 -14.68 -18.70
C VAL A 280 -29.41 -15.24 -18.14
N ASN A 281 -30.54 -14.66 -18.59
CA ASN A 281 -31.89 -14.89 -18.08
C ASN A 281 -31.99 -14.87 -16.55
N PRO A 282 -31.39 -13.88 -15.90
CA PRO A 282 -31.47 -13.82 -14.44
C PRO A 282 -32.85 -13.48 -13.92
N TRP A 283 -33.01 -13.69 -12.61
CA TRP A 283 -34.06 -13.06 -11.84
C TRP A 283 -33.55 -11.74 -11.28
N ILE A 284 -34.43 -10.73 -11.30
CA ILE A 284 -34.19 -9.41 -10.67
C ILE A 284 -35.14 -9.31 -9.47
N VAL A 285 -34.59 -9.24 -8.26
CA VAL A 285 -35.39 -9.44 -7.05
C VAL A 285 -35.15 -8.28 -6.06
N LYS A 286 -36.23 -7.72 -5.51
CA LYS A 286 -36.06 -6.60 -4.57
C LYS A 286 -35.63 -7.11 -3.18
N THR A 287 -34.54 -6.56 -2.64
CA THR A 287 -34.15 -6.89 -1.26
C THR A 287 -34.78 -5.91 -0.29
N GLY A 288 -34.64 -6.26 0.99
CA GLY A 288 -35.02 -5.32 2.03
C GLY A 288 -33.86 -5.05 2.98
N LEU A 289 -32.69 -4.71 2.43
CA LEU A 289 -31.56 -4.38 3.29
C LEU A 289 -31.91 -3.20 4.22
N VAL A 290 -31.44 -3.27 5.47
CA VAL A 290 -31.62 -2.26 6.51
C VAL A 290 -30.84 -1.01 6.08
N LYS A 291 -31.46 0.20 6.22
CA LYS A 291 -30.81 1.43 5.72
C LYS A 291 -29.84 1.95 6.80
N GLY A 292 -28.59 1.46 6.74
CA GLY A 292 -27.54 1.89 7.62
C GLY A 292 -27.55 1.13 8.94
N SER A 293 -26.39 1.17 9.61
CA SER A 293 -26.22 0.71 11.00
C SER A 293 -24.78 0.96 11.35
N SER A 294 -24.49 1.11 12.65
CA SER A 294 -23.10 1.28 12.99
C SER A 294 -22.83 0.82 14.40
N VAL A 295 -21.58 0.41 14.62
CA VAL A 295 -21.13 0.05 15.95
C VAL A 295 -19.73 0.64 16.09
N THR A 296 -19.54 1.51 17.08
CA THR A 296 -18.26 2.17 17.29
C THR A 296 -18.07 2.42 18.78
N GLY A 297 -16.87 2.91 19.18
CA GLY A 297 -16.77 3.54 20.50
C GLY A 297 -15.64 3.11 21.40
N GLY A 298 -14.98 2.01 21.09
CA GLY A 298 -13.84 1.60 21.88
C GLY A 298 -14.07 0.46 22.82
N GLY A 299 -15.33 0.04 23.01
CA GLY A 299 -15.68 -1.02 23.94
C GLY A 299 -15.62 -2.41 23.33
N ARG A 300 -16.28 -3.38 23.97
CA ARG A 300 -16.09 -4.78 23.60
C ARG A 300 -17.45 -5.43 23.41
N LEU A 301 -17.60 -6.20 22.35
CA LEU A 301 -18.80 -6.99 22.04
C LEU A 301 -18.42 -8.46 21.94
N LYS A 302 -19.22 -9.32 22.53
CA LYS A 302 -18.98 -10.78 22.44
C LYS A 302 -19.26 -11.31 21.05
N ARG A 303 -20.34 -10.84 20.41
CA ARG A 303 -20.71 -11.41 19.13
C ARG A 303 -21.59 -10.40 18.40
N LEU A 304 -21.16 -10.00 17.22
CA LEU A 304 -21.90 -9.03 16.41
C LEU A 304 -22.10 -9.62 15.03
N GLU A 305 -23.36 -9.75 14.62
CA GLU A 305 -23.70 -10.21 13.27
C GLU A 305 -24.40 -9.08 12.56
N VAL A 306 -23.87 -8.69 11.41
CA VAL A 306 -24.43 -7.58 10.62
C VAL A 306 -24.83 -8.19 9.29
N ARG A 307 -26.12 -8.43 9.11
CA ARG A 307 -26.61 -9.20 7.98
C ARG A 307 -27.66 -8.40 7.25
N GLY A 308 -27.48 -8.26 5.93
CA GLY A 308 -28.51 -7.58 5.14
C GLY A 308 -28.62 -6.12 5.48
N VAL A 309 -27.49 -5.40 5.50
CA VAL A 309 -27.47 -3.96 5.81
C VAL A 309 -26.88 -3.19 4.63
N ASP A 310 -27.60 -2.13 4.21
CA ASP A 310 -27.05 -1.15 3.28
C ASP A 310 -26.13 -0.16 4.02
N THR A 311 -24.84 -0.19 3.71
CA THR A 311 -23.81 0.73 4.26
C THR A 311 -23.65 0.60 5.79
N PRO A 312 -23.24 -0.58 6.28
CA PRO A 312 -22.89 -0.75 7.69
C PRO A 312 -21.52 -0.22 7.98
N LYS A 313 -21.36 0.31 9.21
CA LYS A 313 -20.03 0.77 9.66
C LYS A 313 -19.71 0.09 10.98
N VAL A 314 -18.56 -0.60 11.08
CA VAL A 314 -18.13 -1.15 12.37
C VAL A 314 -16.70 -0.70 12.55
N ASN A 315 -16.42 0.09 13.59
CA ASN A 315 -15.08 0.69 13.64
C ASN A 315 -14.65 0.85 15.08
N SER A 316 -13.37 0.50 15.39
CA SER A 316 -12.78 0.91 16.67
C SER A 316 -13.50 0.21 17.83
N VAL A 317 -13.76 -1.08 17.67
CA VAL A 317 -14.30 -1.91 18.74
C VAL A 317 -13.57 -3.25 18.76
N ASP A 318 -13.62 -3.89 19.92
CA ASP A 318 -13.11 -5.23 20.14
C ASP A 318 -14.31 -6.17 20.04
N VAL A 319 -14.33 -7.07 19.05
CA VAL A 319 -15.45 -7.97 18.83
C VAL A 319 -14.95 -9.40 18.80
N ASP A 320 -15.37 -10.22 19.77
CA ASP A 320 -14.80 -11.57 19.85
C ASP A 320 -15.16 -12.40 18.62
N ARG A 321 -16.39 -12.24 18.11
CA ARG A 321 -16.85 -12.96 16.94
C ARG A 321 -17.64 -11.95 16.10
N LEU A 322 -17.16 -11.65 14.89
CA LEU A 322 -17.80 -10.70 13.99
C LEU A 322 -18.19 -11.36 12.68
N ILE A 323 -19.46 -11.24 12.27
CA ILE A 323 -19.94 -11.76 10.98
C ILE A 323 -20.61 -10.61 10.24
N VAL A 324 -20.19 -10.37 9.01
CA VAL A 324 -20.80 -9.33 8.17
C VAL A 324 -21.18 -10.01 6.86
N GLY A 325 -22.49 -10.07 6.56
CA GLY A 325 -22.87 -10.93 5.45
C GLY A 325 -24.03 -10.33 4.66
N LEU A 326 -24.00 -10.44 3.32
CA LEU A 326 -25.06 -9.92 2.44
C LEU A 326 -25.29 -8.43 2.71
N CYS A 327 -24.21 -7.65 2.64
CA CYS A 327 -24.30 -6.20 2.88
C CYS A 327 -23.80 -5.48 1.65
N TYR A 328 -23.96 -4.16 1.65
CA TYR A 328 -23.66 -3.31 0.50
C TYR A 328 -22.85 -2.14 1.05
N ASN A 329 -21.72 -1.82 0.38
CA ASN A 329 -20.88 -0.66 0.69
C ASN A 329 -20.40 -0.67 2.16
N ILE A 330 -19.78 -1.78 2.56
CA ILE A 330 -19.35 -1.88 3.97
C ILE A 330 -18.17 -0.95 4.29
N ASP A 331 -18.06 -0.61 5.59
CA ASP A 331 -16.87 0.07 6.08
C ASP A 331 -16.52 -0.52 7.43
N VAL A 332 -15.49 -1.38 7.48
CA VAL A 332 -15.13 -2.08 8.70
C VAL A 332 -13.66 -1.93 8.97
N GLY A 333 -13.33 -1.37 10.12
CA GLY A 333 -11.91 -1.20 10.36
C GLY A 333 -11.57 -0.86 11.79
N GLU A 334 -10.27 -0.96 12.07
CA GLU A 334 -9.78 -0.73 13.43
C GLU A 334 -10.48 -1.68 14.41
N ILE A 335 -10.48 -2.96 14.06
CA ILE A 335 -11.16 -4.01 14.79
C ILE A 335 -10.11 -4.93 15.38
N THR A 336 -10.34 -5.37 16.64
CA THR A 336 -9.62 -6.50 17.20
C THR A 336 -10.60 -7.61 17.52
N SER A 337 -10.14 -8.86 17.39
CA SER A 337 -11.01 -9.99 17.66
C SER A 337 -10.19 -11.11 18.27
N ARG A 338 -10.54 -11.52 19.49
CA ARG A 338 -9.85 -12.62 20.16
C ARG A 338 -10.48 -13.99 19.87
N GLY A 339 -11.59 -14.04 19.12
CA GLY A 339 -12.22 -15.30 18.75
C GLY A 339 -13.07 -15.82 19.90
N VAL A 340 -13.81 -16.88 19.58
CA VAL A 340 -14.64 -17.56 20.59
C VAL A 340 -14.37 -19.05 20.42
N GLY A 341 -13.22 -19.39 19.83
CA GLY A 341 -12.91 -20.80 19.60
C GLY A 341 -13.74 -21.50 18.56
N GLU A 342 -14.30 -20.73 17.62
CA GLU A 342 -15.07 -21.29 16.53
C GLU A 342 -14.18 -21.33 15.28
N PRO A 343 -14.62 -21.94 14.20
CA PRO A 343 -13.68 -22.14 13.09
C PRO A 343 -13.19 -20.82 12.49
N SER A 344 -13.99 -19.75 12.55
CA SER A 344 -13.55 -18.42 12.15
C SER A 344 -13.79 -17.46 13.29
N SER A 345 -13.05 -16.35 13.29
CA SER A 345 -13.31 -15.27 14.25
C SER A 345 -14.01 -14.11 13.60
N VAL A 346 -13.56 -13.73 12.40
CA VAL A 346 -14.12 -12.59 11.66
C VAL A 346 -14.42 -13.07 10.23
N ASN A 347 -15.68 -12.89 9.77
CA ASN A 347 -16.15 -13.32 8.45
C ASN A 347 -16.76 -12.17 7.71
N PHE A 348 -16.52 -12.12 6.39
CA PHE A 348 -17.23 -11.22 5.47
C PHE A 348 -17.69 -12.10 4.35
N THR A 349 -19.01 -12.09 4.08
CA THR A 349 -19.59 -12.94 3.07
C THR A 349 -20.53 -12.15 2.17
N PHE A 350 -20.36 -12.23 0.86
CA PHE A 350 -21.38 -11.65 -0.05
C PHE A 350 -21.57 -10.15 0.26
N CYS A 351 -20.48 -9.40 0.27
CA CYS A 351 -20.55 -7.94 0.45
C CYS A 351 -20.27 -7.30 -0.89
N PHE A 352 -21.17 -6.45 -1.36
CA PHE A 352 -21.14 -5.89 -2.73
C PHE A 352 -21.03 -4.38 -2.68
N GLY A 353 -20.89 -3.80 -3.88
CA GLY A 353 -20.69 -2.37 -3.99
C GLY A 353 -19.22 -2.00 -3.83
N ARG A 354 -18.90 -0.96 -3.07
CA ARG A 354 -17.51 -0.52 -2.88
C ARG A 354 -17.21 -0.45 -1.38
N GLY A 355 -16.59 -1.49 -0.84
CA GLY A 355 -16.31 -1.56 0.59
C GLY A 355 -14.88 -1.26 0.96
N PHE A 356 -14.69 -1.06 2.26
CA PHE A 356 -13.36 -0.92 2.85
C PHE A 356 -13.23 -1.84 4.06
N LEU A 357 -12.08 -2.52 4.17
CA LEU A 357 -11.76 -3.38 5.32
C LEU A 357 -10.33 -3.06 5.70
N TYR A 358 -10.09 -2.58 6.94
CA TYR A 358 -8.74 -2.08 7.19
C TYR A 358 -8.36 -2.22 8.67
N ASN A 359 -7.07 -2.45 8.93
CA ASN A 359 -6.53 -2.44 10.29
C ASN A 359 -7.29 -3.41 11.20
N VAL A 360 -7.24 -4.68 10.83
CA VAL A 360 -7.93 -5.73 11.54
C VAL A 360 -6.89 -6.68 12.12
N ARG A 361 -7.02 -6.97 13.41
CA ARG A 361 -6.24 -8.02 14.08
C ARG A 361 -7.25 -9.05 14.57
N ALA A 362 -7.18 -10.29 14.04
CA ALA A 362 -8.13 -11.36 14.39
C ALA A 362 -7.37 -12.61 14.81
N SER A 363 -7.91 -13.36 15.76
CA SER A 363 -7.19 -14.55 16.22
C SER A 363 -8.13 -15.46 16.95
N GLY A 364 -7.60 -16.62 17.42
CA GLY A 364 -8.38 -17.40 18.39
C GLY A 364 -9.39 -18.34 17.78
N SER A 365 -9.26 -18.69 16.51
CA SER A 365 -10.18 -19.61 15.86
C SER A 365 -9.65 -21.05 15.95
N VAL A 366 -10.59 -22.03 15.97
CA VAL A 366 -10.25 -23.45 16.09
C VAL A 366 -11.20 -24.19 15.17
N SER A 367 -10.65 -24.92 14.18
CA SER A 367 -11.51 -25.61 13.21
C SER A 367 -11.21 -27.10 13.17
N THR A 368 -12.20 -27.90 12.71
CA THR A 368 -11.94 -29.29 12.34
C THR A 368 -11.84 -29.48 10.83
N THR A 369 -12.48 -28.65 10.01
CA THR A 369 -12.37 -28.64 8.56
C THR A 369 -11.96 -27.25 8.11
N ASP A 370 -11.53 -27.13 6.84
CA ASP A 370 -10.92 -25.88 6.34
C ASP A 370 -11.72 -24.64 6.76
N ASN A 371 -11.03 -23.63 7.30
CA ASN A 371 -11.68 -22.37 7.69
C ASN A 371 -10.55 -21.39 8.02
N SER A 372 -10.86 -20.22 8.52
CA SER A 372 -9.80 -19.20 8.69
C SER A 372 -10.19 -18.22 9.79
N ALA A 373 -9.16 -17.71 10.48
CA ALA A 373 -9.41 -16.69 11.49
C ALA A 373 -10.13 -15.49 10.90
N LEU A 374 -9.62 -14.98 9.79
CA LEU A 374 -10.26 -13.93 9.01
C LEU A 374 -10.61 -14.55 7.66
N LYS A 375 -11.90 -14.59 7.33
CA LYS A 375 -12.34 -15.31 6.14
C LYS A 375 -13.26 -14.43 5.33
N LEU A 376 -13.00 -14.27 4.04
CA LEU A 376 -13.88 -13.51 3.15
C LEU A 376 -14.39 -14.44 2.05
N MET A 377 -15.68 -14.38 1.74
CA MET A 377 -16.22 -15.19 0.65
C MET A 377 -16.99 -14.24 -0.27
N SER A 378 -16.51 -14.14 -1.51
CA SER A 378 -17.17 -13.39 -2.57
C SER A 378 -17.52 -11.94 -2.17
N CYS A 379 -16.48 -11.11 -2.15
CA CYS A 379 -16.60 -9.68 -1.84
C CYS A 379 -15.95 -8.90 -2.98
N PRO A 380 -16.61 -8.81 -4.12
CA PRO A 380 -16.01 -8.12 -5.26
C PRO A 380 -15.89 -6.63 -4.91
N GLY A 381 -14.84 -5.99 -5.43
CA GLY A 381 -14.74 -4.52 -5.31
C GLY A 381 -14.23 -4.03 -3.96
N LEU A 382 -13.97 -4.91 -3.02
CA LEU A 382 -13.53 -4.55 -1.67
C LEU A 382 -12.04 -4.14 -1.66
N ILE A 383 -11.73 -3.01 -0.98
CA ILE A 383 -10.34 -2.64 -0.67
C ILE A 383 -10.00 -3.17 0.72
N ILE A 384 -8.93 -3.98 0.82
CA ILE A 384 -8.49 -4.56 2.08
C ILE A 384 -7.10 -4.01 2.37
N ASN A 385 -6.90 -3.41 3.54
CA ASN A 385 -5.58 -2.85 3.86
C ASN A 385 -5.23 -3.17 5.30
N ASN A 386 -4.07 -3.78 5.51
CA ASN A 386 -3.46 -3.95 6.84
C ASN A 386 -4.25 -4.91 7.72
N CYS A 387 -4.15 -6.22 7.45
CA CYS A 387 -4.77 -7.22 8.32
C CYS A 387 -3.66 -8.07 8.91
N SER A 388 -3.81 -8.43 10.17
CA SER A 388 -2.73 -9.07 10.94
C SER A 388 -3.31 -10.23 11.75
N PRO A 389 -3.72 -11.31 11.10
CA PRO A 389 -4.28 -12.43 11.86
C PRO A 389 -3.20 -13.32 12.46
N HIS A 390 -3.54 -13.99 13.57
CA HIS A 390 -2.59 -14.89 14.23
C HIS A 390 -3.38 -15.88 15.08
N ASN A 391 -2.65 -16.85 15.66
CA ASN A 391 -3.23 -17.86 16.57
C ASN A 391 -4.47 -18.53 15.99
N SER A 392 -4.28 -19.21 14.88
CA SER A 392 -5.35 -20.03 14.32
C SER A 392 -4.97 -21.49 14.43
N THR A 393 -5.96 -22.36 14.73
CA THR A 393 -5.67 -23.75 15.13
C THR A 393 -6.58 -24.73 14.44
N SER A 394 -6.04 -25.85 14.00
CA SER A 394 -6.85 -26.90 13.40
C SER A 394 -6.58 -28.19 14.12
N THR A 395 -7.65 -29.00 14.27
CA THR A 395 -7.61 -30.22 15.07
C THR A 395 -7.23 -31.45 14.27
N GLY A 396 -7.56 -31.47 12.96
CA GLY A 396 -7.44 -32.66 12.14
C GLY A 396 -6.43 -32.61 11.00
N SER A 397 -6.84 -33.02 9.81
CA SER A 397 -5.95 -33.00 8.65
C SER A 397 -6.22 -31.82 7.76
N GLN A 398 -7.16 -30.94 8.14
CA GLN A 398 -7.41 -29.80 7.30
C GLN A 398 -6.84 -28.57 8.00
N GLY A 399 -7.10 -27.40 7.44
CA GLY A 399 -6.39 -26.22 7.95
C GLY A 399 -7.26 -25.22 8.67
N ASP A 400 -6.62 -24.31 9.40
CA ASP A 400 -7.32 -23.12 9.90
C ASP A 400 -6.40 -21.94 9.61
N TYR A 401 -6.71 -21.25 8.50
CA TYR A 401 -5.78 -20.30 7.92
C TYR A 401 -5.81 -19.03 8.74
N GLY A 402 -4.83 -18.17 8.52
CA GLY A 402 -4.89 -16.82 9.09
C GLY A 402 -5.79 -15.92 8.27
N PHE A 403 -5.59 -15.98 6.93
CA PHE A 403 -6.33 -15.11 6.02
C PHE A 403 -6.76 -15.95 4.85
N TYR A 404 -8.04 -15.91 4.47
CA TYR A 404 -8.54 -16.76 3.38
C TYR A 404 -9.59 -15.95 2.64
N VAL A 405 -9.36 -15.75 1.34
CA VAL A 405 -10.38 -15.18 0.46
C VAL A 405 -10.81 -16.30 -0.46
N ASP A 406 -12.11 -16.63 -0.42
CA ASP A 406 -12.67 -17.80 -1.09
C ASP A 406 -13.85 -17.39 -1.98
N ALA A 407 -13.95 -17.99 -3.12
CA ALA A 407 -15.07 -17.70 -4.03
C ALA A 407 -16.13 -18.77 -4.00
N TYR A 408 -15.94 -19.88 -3.28
CA TYR A 408 -16.96 -20.93 -3.30
C TYR A 408 -17.65 -20.95 -1.95
N TYR A 409 -18.96 -20.69 -1.95
CA TYR A 409 -19.78 -20.79 -0.73
C TYR A 409 -21.04 -21.48 -1.24
N SER A 410 -21.06 -22.80 -1.10
CA SER A 410 -21.94 -23.60 -1.92
C SER A 410 -23.39 -23.11 -1.81
N PRO A 411 -24.10 -22.97 -2.91
CA PRO A 411 -23.74 -23.44 -4.27
C PRO A 411 -22.98 -22.41 -5.09
N TYR A 412 -22.68 -21.26 -4.52
CA TYR A 412 -22.26 -20.13 -5.33
C TYR A 412 -20.76 -20.06 -5.56
N TRP A 413 -20.40 -19.57 -6.73
CA TRP A 413 -19.03 -19.39 -7.25
C TRP A 413 -18.84 -17.94 -7.73
N CYS A 414 -19.24 -16.99 -6.90
CA CYS A 414 -19.15 -15.57 -7.33
C CYS A 414 -17.71 -15.08 -7.31
N TRP A 415 -17.21 -14.55 -8.44
CA TRP A 415 -15.82 -14.11 -8.49
C TRP A 415 -15.54 -13.03 -7.46
N ASN A 416 -14.34 -13.09 -6.89
CA ASN A 416 -13.81 -11.96 -6.11
C ASN A 416 -13.20 -11.04 -7.16
N ASP A 417 -14.07 -10.27 -7.83
CA ASP A 417 -13.69 -9.46 -8.97
C ASP A 417 -13.26 -8.08 -8.51
N GLY A 418 -12.04 -7.66 -8.89
CA GLY A 418 -11.71 -6.23 -8.68
C GLY A 418 -11.36 -5.83 -7.25
N MET A 419 -10.96 -6.77 -6.39
CA MET A 419 -10.43 -6.40 -5.07
C MET A 419 -9.09 -5.71 -5.17
N SER A 420 -8.76 -4.97 -4.12
CA SER A 420 -7.42 -4.41 -3.97
C SER A 420 -6.98 -4.79 -2.57
N ILE A 421 -5.89 -5.56 -2.45
CA ILE A 421 -5.46 -6.11 -1.15
C ILE A 421 -4.03 -5.66 -0.92
N ASN A 422 -3.78 -5.06 0.25
CA ASN A 422 -2.43 -4.61 0.55
C ASN A 422 -2.15 -4.80 2.03
N GLY A 423 -1.10 -5.56 2.33
CA GLY A 423 -0.62 -5.47 3.69
C GLY A 423 -1.19 -6.54 4.60
N ILE A 424 -0.90 -7.79 4.31
CA ILE A 424 -1.43 -8.90 5.10
C ILE A 424 -0.24 -9.59 5.74
N VAL A 425 -0.26 -9.70 7.07
CA VAL A 425 0.84 -10.31 7.82
C VAL A 425 0.27 -11.57 8.48
N THR A 426 0.83 -12.75 8.16
CA THR A 426 0.35 -14.01 8.76
C THR A 426 1.43 -14.73 9.55
N GLU A 427 0.99 -15.73 10.32
CA GLU A 427 1.92 -16.71 10.89
C GLU A 427 1.38 -18.12 10.59
N THR A 428 2.24 -19.11 10.75
CA THR A 428 1.80 -20.50 10.48
C THR A 428 0.69 -20.91 11.43
N PRO A 429 -0.40 -21.49 10.93
CA PRO A 429 -1.42 -22.03 11.84
C PRO A 429 -0.85 -23.14 12.70
N ARG A 430 -1.54 -23.35 13.84
CA ARG A 430 -1.18 -24.46 14.74
C ARG A 430 -1.96 -25.68 14.24
N SER A 431 -1.35 -26.37 13.27
CA SER A 431 -2.12 -27.27 12.40
C SER A 431 -1.14 -28.22 11.74
N ALA A 432 -1.65 -29.40 11.31
CA ALA A 432 -0.89 -30.24 10.41
C ALA A 432 -0.65 -29.55 9.07
N VAL A 433 -1.49 -28.59 8.71
CA VAL A 433 -1.42 -27.88 7.43
C VAL A 433 -0.69 -26.58 7.70
N THR A 434 0.41 -26.35 6.97
CA THR A 434 1.24 -25.15 7.19
C THR A 434 0.77 -23.98 6.32
N ARG A 435 -0.05 -24.21 5.32
CA ARG A 435 -0.63 -23.09 4.55
C ARG A 435 -1.30 -22.08 5.48
N ALA A 436 -1.03 -20.78 5.28
CA ALA A 436 -1.49 -19.74 6.20
C ALA A 436 -2.32 -18.66 5.56
N LEU A 437 -2.09 -18.40 4.28
CA LEU A 437 -2.76 -17.32 3.56
C LEU A 437 -3.21 -17.91 2.23
N TRP A 438 -4.52 -17.91 1.95
CA TRP A 438 -5.04 -18.61 0.80
C TRP A 438 -5.96 -17.66 0.04
N LEU A 439 -5.65 -17.43 -1.23
CA LEU A 439 -6.50 -16.60 -2.11
C LEU A 439 -7.02 -17.46 -3.24
N PHE A 440 -8.35 -17.56 -3.37
CA PHE A 440 -8.97 -18.39 -4.39
C PHE A 440 -10.02 -17.59 -5.15
N GLY A 441 -9.98 -17.65 -6.48
CA GLY A 441 -11.10 -17.10 -7.24
C GLY A 441 -11.09 -15.60 -7.32
N LEU A 442 -9.91 -15.02 -7.44
CA LEU A 442 -9.76 -13.57 -7.69
C LEU A 442 -9.62 -13.32 -9.18
N ARG A 443 -10.26 -12.23 -9.69
CA ARG A 443 -10.02 -11.82 -11.06
C ARG A 443 -9.92 -10.30 -11.13
N GLY A 444 -8.92 -9.85 -11.85
CA GLY A 444 -8.71 -8.38 -11.97
C GLY A 444 -8.34 -7.71 -10.66
N CYS A 445 -7.56 -8.39 -9.83
CA CYS A 445 -7.26 -7.89 -8.49
C CYS A 445 -5.82 -7.40 -8.44
N SER A 446 -5.58 -6.34 -7.68
CA SER A 446 -4.22 -5.89 -7.35
C SER A 446 -3.89 -6.27 -5.92
N VAL A 447 -2.87 -7.12 -5.72
CA VAL A 447 -2.54 -7.70 -4.42
C VAL A 447 -1.07 -7.39 -4.14
N SER A 448 -0.75 -6.90 -2.96
CA SER A 448 0.67 -6.57 -2.72
C SER A 448 0.96 -6.68 -1.23
N ASN A 449 2.23 -6.96 -0.87
CA ASN A 449 2.67 -6.90 0.53
C ASN A 449 2.04 -7.99 1.39
N LEU A 450 2.32 -9.24 1.04
CA LEU A 450 1.83 -10.41 1.77
C LEU A 450 3.07 -11.02 2.43
N SER A 451 3.04 -11.21 3.74
CA SER A 451 4.28 -11.65 4.35
C SER A 451 4.00 -12.57 5.52
N GLY A 452 5.07 -13.25 5.92
CA GLY A 452 5.09 -13.94 7.22
C GLY A 452 4.94 -15.45 7.26
N ALA A 453 4.10 -16.01 6.41
CA ALA A 453 3.89 -17.47 6.42
C ALA A 453 3.36 -17.89 5.04
N GLN A 454 3.12 -19.19 4.89
CA GLN A 454 2.93 -19.82 3.58
C GLN A 454 1.71 -19.30 2.84
N VAL A 455 1.93 -18.80 1.62
CA VAL A 455 0.86 -18.29 0.72
C VAL A 455 0.47 -19.37 -0.30
N PHE A 456 -0.85 -19.51 -0.56
CA PHE A 456 -1.35 -20.34 -1.65
C PHE A 456 -2.23 -19.44 -2.52
N LEU A 457 -1.90 -19.31 -3.79
CA LEU A 457 -2.74 -18.61 -4.77
C LEU A 457 -3.31 -19.66 -5.69
N GLN A 458 -4.65 -19.67 -5.84
CA GLN A 458 -5.35 -20.76 -6.52
C GLN A 458 -6.46 -20.23 -7.42
N GLY A 459 -6.50 -20.65 -8.68
CA GLY A 459 -7.72 -20.40 -9.44
C GLY A 459 -8.00 -18.92 -9.57
N CYS A 460 -6.98 -18.14 -9.83
CA CYS A 460 -7.14 -16.69 -10.02
C CYS A 460 -6.87 -16.36 -11.47
N ALA A 461 -7.37 -15.18 -11.90
CA ALA A 461 -7.17 -14.77 -13.29
C ALA A 461 -6.86 -13.29 -13.37
N LYS A 462 -5.95 -12.95 -14.30
CA LYS A 462 -5.73 -11.53 -14.69
C LYS A 462 -5.55 -10.64 -13.47
N SER A 463 -4.63 -11.05 -12.62
CA SER A 463 -4.32 -10.36 -11.35
C SER A 463 -2.81 -10.29 -11.12
N VAL A 464 -2.39 -9.29 -10.35
CA VAL A 464 -0.99 -9.09 -10.01
C VAL A 464 -0.80 -9.32 -8.51
N PHE A 465 0.20 -10.11 -8.13
CA PHE A 465 0.51 -10.39 -6.72
C PHE A 465 1.98 -10.08 -6.51
N SER A 466 2.30 -9.01 -5.82
CA SER A 466 3.67 -8.54 -5.74
C SER A 466 4.08 -8.31 -4.29
N ASN A 467 5.41 -8.15 -4.06
CA ASN A 467 5.93 -7.93 -2.69
C ASN A 467 5.46 -9.08 -1.80
N ILE A 468 5.52 -10.32 -2.31
CA ILE A 468 5.31 -11.50 -1.46
C ILE A 468 6.63 -11.73 -0.72
N VAL A 469 6.62 -11.76 0.59
CA VAL A 469 7.87 -11.91 1.36
C VAL A 469 7.67 -13.01 2.39
N THR A 470 7.99 -14.27 2.00
CA THR A 470 7.74 -15.42 2.90
C THR A 470 8.98 -16.30 2.85
N PRO A 471 10.13 -15.76 3.27
CA PRO A 471 11.42 -16.44 3.03
C PRO A 471 11.56 -17.76 3.72
N ASP A 472 10.77 -18.05 4.78
CA ASP A 472 10.86 -19.35 5.49
C ASP A 472 9.92 -20.40 4.91
N ASN A 473 9.08 -20.06 3.94
CA ASN A 473 7.92 -20.90 3.58
C ASN A 473 7.90 -21.29 2.09
N LEU A 474 7.23 -22.41 1.83
CA LEU A 474 6.80 -22.72 0.48
C LEU A 474 5.82 -21.67 -0.02
N LEU A 475 5.93 -21.30 -1.31
CA LEU A 475 4.93 -20.52 -2.04
C LEU A 475 4.27 -21.45 -3.04
N GLU A 476 2.95 -21.68 -2.88
CA GLU A 476 2.20 -22.61 -3.72
C GLU A 476 1.26 -21.84 -4.65
N LEU A 477 1.27 -22.22 -5.92
CA LEU A 477 0.58 -21.49 -7.00
C LEU A 477 -0.12 -22.54 -7.83
N ARG A 478 -1.44 -22.45 -7.98
CA ARG A 478 -2.13 -23.50 -8.76
C ARG A 478 -3.19 -22.89 -9.66
N ASP A 479 -3.13 -23.24 -10.95
CA ASP A 479 -4.22 -22.94 -11.91
C ASP A 479 -4.49 -21.42 -11.96
N LEU A 480 -3.41 -20.64 -12.08
CA LEU A 480 -3.53 -19.18 -12.31
C LEU A 480 -3.54 -18.88 -13.79
N SER A 481 -4.36 -17.93 -14.24
CA SER A 481 -4.38 -17.65 -15.68
C SER A 481 -4.06 -16.18 -15.87
N GLY A 482 -2.98 -15.86 -16.58
CA GLY A 482 -2.69 -14.43 -16.82
C GLY A 482 -2.38 -13.69 -15.53
N CYS A 483 -1.65 -14.32 -14.62
CA CYS A 483 -1.25 -13.65 -13.38
C CYS A 483 0.25 -13.36 -13.37
N ILE A 484 0.64 -12.32 -12.63
CA ILE A 484 2.05 -12.01 -12.43
C ILE A 484 2.32 -12.14 -10.93
N VAL A 485 3.28 -12.98 -10.54
CA VAL A 485 3.55 -13.34 -9.15
C VAL A 485 5.02 -12.99 -8.89
N SER A 486 5.30 -12.11 -7.93
CA SER A 486 6.70 -11.80 -7.67
C SER A 486 6.97 -11.61 -6.17
N GLY A 487 8.20 -11.90 -5.79
CA GLY A 487 8.62 -11.77 -4.40
C GLY A 487 9.64 -12.86 -4.08
N MET A 488 9.62 -13.31 -2.83
CA MET A 488 10.68 -14.19 -2.35
C MET A 488 10.08 -15.22 -1.39
N ALA A 489 10.70 -16.41 -1.35
CA ALA A 489 10.18 -17.51 -0.53
C ALA A 489 11.30 -18.51 -0.32
N ASN A 490 11.02 -19.52 0.54
CA ASN A 490 12.01 -20.59 0.66
C ASN A 490 12.08 -21.42 -0.63
N ASN A 491 10.91 -21.81 -1.16
CA ASN A 491 10.86 -22.64 -2.33
C ASN A 491 9.45 -22.48 -2.89
N ALA A 492 9.21 -23.02 -4.09
CA ALA A 492 7.95 -22.71 -4.74
C ALA A 492 7.47 -23.91 -5.54
N LEU A 493 6.15 -23.96 -5.75
CA LEU A 493 5.47 -24.99 -6.52
C LEU A 493 4.47 -24.32 -7.43
N VAL A 494 4.56 -24.60 -8.73
CA VAL A 494 3.63 -24.10 -9.76
C VAL A 494 2.90 -25.31 -10.36
N LEU A 495 1.58 -25.35 -10.18
CA LEU A 495 0.77 -26.45 -10.73
C LEU A 495 -0.10 -25.89 -11.84
N GLY A 496 0.11 -26.37 -13.06
CA GLY A 496 -0.68 -25.84 -14.19
C GLY A 496 -0.21 -24.45 -14.49
N CYS A 497 -1.21 -23.54 -14.55
CA CYS A 497 -1.08 -22.09 -14.83
C CYS A 497 -0.88 -21.83 -16.32
N TRP A 498 -1.44 -20.71 -16.78
CA TRP A 498 -1.41 -20.35 -18.20
C TRP A 498 -1.02 -18.90 -18.32
N ASN A 499 -0.10 -18.61 -19.24
CA ASN A 499 0.19 -17.20 -19.59
C ASN A 499 0.61 -16.39 -18.37
N SER A 500 1.31 -16.99 -17.41
CA SER A 500 1.62 -16.31 -16.15
C SER A 500 3.12 -16.08 -16.07
N THR A 501 3.51 -15.17 -15.18
CA THR A 501 4.92 -14.86 -14.96
C THR A 501 5.23 -15.12 -13.48
N PHE A 502 6.34 -15.83 -13.20
CA PHE A 502 6.81 -16.15 -11.84
C PHE A 502 8.20 -15.58 -11.67
N ASP A 503 8.32 -14.43 -11.01
CA ASP A 503 9.61 -13.72 -10.86
C ASP A 503 9.98 -13.81 -9.38
N LEU A 504 10.80 -14.81 -9.02
CA LEU A 504 10.96 -15.18 -7.61
C LEU A 504 12.40 -15.33 -7.21
N THR A 505 12.72 -14.87 -6.00
CA THR A 505 14.02 -15.19 -5.37
C THR A 505 13.71 -16.23 -4.31
N LEU A 506 14.45 -17.35 -4.36
CA LEU A 506 14.20 -18.48 -3.46
C LEU A 506 15.48 -18.77 -2.68
N PHE A 507 15.32 -19.06 -1.39
CA PHE A 507 16.49 -19.21 -0.54
C PHE A 507 16.79 -20.65 -0.15
N GLY A 508 15.82 -21.56 -0.34
CA GLY A 508 16.00 -22.94 0.08
C GLY A 508 15.47 -23.89 -0.96
N ILE A 509 15.10 -25.07 -0.46
CA ILE A 509 14.56 -26.14 -1.30
C ILE A 509 13.48 -26.87 -0.52
N GLY A 510 12.68 -27.66 -1.25
CA GLY A 510 11.57 -28.36 -0.61
C GLY A 510 12.04 -29.50 0.29
N SER A 511 11.19 -29.84 1.29
CA SER A 511 11.49 -30.90 2.24
C SER A 511 10.58 -32.11 2.17
N GLY A 512 9.51 -32.06 1.39
CA GLY A 512 8.50 -33.11 1.37
C GLY A 512 8.08 -33.52 -0.02
N SER A 513 6.87 -33.11 -0.48
CA SER A 513 6.52 -33.53 -1.83
C SER A 513 7.33 -32.78 -2.89
N ASN A 514 8.01 -31.69 -2.52
CA ASN A 514 8.91 -30.97 -3.41
C ASN A 514 10.38 -31.16 -3.02
N LEU A 515 10.69 -32.33 -2.48
CA LEU A 515 12.01 -32.59 -1.89
C LEU A 515 13.18 -32.16 -2.79
N ASN A 516 14.03 -31.30 -2.23
CA ASN A 516 15.31 -30.82 -2.77
C ASN A 516 15.17 -29.94 -4.00
N ILE A 517 13.96 -29.49 -4.32
CA ILE A 517 13.73 -28.63 -5.48
C ILE A 517 13.44 -27.21 -5.00
N ALA A 518 14.08 -26.23 -5.67
CA ALA A 518 13.79 -24.83 -5.34
C ALA A 518 12.47 -24.40 -5.99
N LEU A 519 12.32 -24.52 -7.31
CA LEU A 519 11.01 -24.35 -7.96
C LEU A 519 10.62 -25.59 -8.75
N ARG A 520 9.48 -26.18 -8.39
CA ARG A 520 8.94 -27.30 -9.13
C ARG A 520 7.73 -26.81 -9.89
N ALA A 521 7.56 -27.29 -11.15
CA ALA A 521 6.31 -27.09 -11.90
C ALA A 521 5.75 -28.46 -12.27
N GLY A 522 4.42 -28.57 -12.19
CA GLY A 522 3.73 -29.83 -12.46
C GLY A 522 2.35 -29.53 -13.01
N ALA A 523 1.47 -30.54 -12.93
CA ALA A 523 0.20 -30.52 -13.64
C ALA A 523 -0.84 -29.63 -12.99
N GLY A 524 -1.63 -29.06 -13.85
CA GLY A 524 -2.81 -28.31 -13.46
C GLY A 524 -4.02 -29.21 -13.34
N VAL A 525 -5.16 -28.62 -12.99
CA VAL A 525 -6.42 -29.33 -12.92
C VAL A 525 -7.48 -28.70 -13.83
N THR A 526 -7.74 -27.36 -13.68
CA THR A 526 -8.90 -26.68 -14.24
C THR A 526 -8.52 -25.25 -14.63
N HIS A 527 -8.86 -24.84 -15.87
CA HIS A 527 -8.72 -23.37 -16.19
C HIS A 527 -9.73 -22.61 -15.33
N PRO A 528 -9.33 -21.51 -14.70
CA PRO A 528 -10.22 -20.88 -13.74
C PRO A 528 -11.39 -20.14 -14.35
N GLU A 529 -11.23 -19.57 -15.53
CA GLU A 529 -12.33 -18.84 -16.16
C GLU A 529 -13.24 -19.76 -16.94
N THR A 530 -12.66 -20.66 -17.73
CA THR A 530 -13.50 -21.49 -18.59
C THR A 530 -13.99 -22.77 -17.93
N GLY A 531 -13.35 -23.23 -16.84
CA GLY A 531 -13.67 -24.48 -16.21
C GLY A 531 -13.23 -25.70 -17.00
N VAL A 532 -12.50 -25.49 -18.09
CA VAL A 532 -12.07 -26.62 -18.92
C VAL A 532 -11.01 -27.42 -18.17
N PRO A 533 -11.20 -28.73 -17.98
CA PRO A 533 -10.16 -29.53 -17.32
C PRO A 533 -8.90 -29.52 -18.18
N THR A 534 -7.77 -29.23 -17.53
CA THR A 534 -6.53 -28.93 -18.24
C THR A 534 -5.36 -29.32 -17.38
N THR A 535 -4.57 -30.31 -17.82
CA THR A 535 -3.46 -30.73 -16.95
C THR A 535 -2.13 -30.09 -17.30
N LEU A 536 -1.95 -29.60 -18.51
CA LEU A 536 -0.65 -28.98 -18.85
C LEU A 536 -0.72 -27.47 -18.63
N GLY A 537 0.27 -26.95 -17.96
CA GLY A 537 0.46 -25.50 -18.01
C GLY A 537 0.99 -25.04 -19.37
N LYS A 538 0.85 -23.75 -19.66
CA LYS A 538 1.30 -23.29 -20.99
C LYS A 538 1.76 -21.84 -20.96
N ASN A 539 2.87 -21.57 -21.66
CA ASN A 539 3.37 -20.21 -21.88
C ASN A 539 3.74 -19.50 -20.58
N ASN A 540 4.15 -20.23 -19.55
CA ASN A 540 4.55 -19.58 -18.31
C ASN A 540 6.01 -19.17 -18.34
N THR A 541 6.28 -18.00 -17.78
CA THR A 541 7.64 -17.45 -17.71
C THR A 541 8.17 -17.66 -16.29
N PHE A 542 9.35 -18.22 -16.20
CA PHE A 542 10.04 -18.42 -14.93
C PHE A 542 11.33 -17.62 -14.89
N ASN A 543 11.42 -16.69 -13.97
CA ASN A 543 12.66 -15.97 -13.69
C ASN A 543 12.96 -16.23 -12.22
N VAL A 544 13.78 -17.26 -11.96
CA VAL A 544 14.00 -17.76 -10.61
C VAL A 544 15.45 -17.56 -10.26
N LYS A 545 15.71 -16.85 -9.15
CA LYS A 545 17.06 -16.69 -8.58
C LYS A 545 17.08 -17.59 -7.36
N SER A 546 17.88 -18.66 -7.42
CA SER A 546 17.81 -19.72 -6.40
C SER A 546 19.15 -19.74 -5.66
N PHE A 547 19.12 -19.43 -4.37
CA PHE A 547 20.38 -19.28 -3.61
C PHE A 547 20.60 -20.33 -2.54
N SER A 548 19.80 -21.40 -2.49
CA SER A 548 20.12 -22.49 -1.59
C SER A 548 21.61 -22.90 -1.77
N PRO A 549 22.37 -23.02 -0.69
CA PRO A 549 23.74 -23.55 -0.77
C PRO A 549 23.82 -25.07 -0.66
N SER A 550 22.68 -25.73 -0.65
CA SER A 550 22.70 -27.18 -0.44
C SER A 550 23.26 -27.91 -1.65
N SER A 551 24.10 -28.92 -1.37
CA SER A 551 24.59 -29.75 -2.46
C SER A 551 23.50 -30.65 -3.05
N LEU A 552 22.33 -30.71 -2.44
CA LEU A 552 21.19 -31.44 -2.95
C LEU A 552 20.27 -30.63 -3.86
N ALA A 553 20.49 -29.31 -3.99
CA ALA A 553 19.50 -28.44 -4.60
C ALA A 553 19.34 -28.71 -6.09
N VAL A 554 18.09 -28.78 -6.56
CA VAL A 554 17.74 -28.79 -7.99
C VAL A 554 16.96 -27.51 -8.23
N THR A 555 17.52 -26.60 -9.05
CA THR A 555 16.96 -25.26 -9.12
C THR A 555 15.54 -25.28 -9.66
N LEU A 556 15.38 -25.89 -10.84
CA LEU A 556 14.09 -25.98 -11.52
C LEU A 556 13.82 -27.44 -11.88
N SER A 557 12.66 -27.96 -11.49
CA SER A 557 12.25 -29.30 -11.87
C SER A 557 10.88 -29.14 -12.53
N ILE A 558 10.82 -29.30 -13.85
CA ILE A 558 9.65 -28.87 -14.65
C ILE A 558 9.06 -30.10 -15.32
N ALA A 559 7.75 -30.30 -15.12
CA ALA A 559 6.98 -31.34 -15.78
C ALA A 559 5.58 -30.81 -16.12
N GLN A 560 4.93 -31.41 -17.14
CA GLN A 560 3.51 -31.14 -17.43
C GLN A 560 3.35 -29.66 -17.82
N GLN A 561 4.25 -29.17 -18.65
CA GLN A 561 4.24 -27.77 -19.10
C GLN A 561 4.53 -27.70 -20.60
N GLU A 562 3.70 -26.96 -21.33
CA GLU A 562 3.91 -26.64 -22.74
C GLU A 562 4.54 -25.23 -22.80
N ARG A 563 5.61 -25.10 -23.57
CA ARG A 563 6.33 -23.83 -23.74
C ARG A 563 6.59 -23.12 -22.42
N PRO A 564 7.24 -23.79 -21.46
CA PRO A 564 7.75 -23.02 -20.31
C PRO A 564 8.92 -22.17 -20.81
N ILE A 565 9.00 -20.92 -20.33
CA ILE A 565 10.06 -20.00 -20.76
C ILE A 565 10.95 -19.70 -19.58
N PHE A 566 12.22 -20.10 -19.69
CA PHE A 566 13.24 -19.84 -18.67
C PHE A 566 13.89 -18.52 -19.04
N GLY A 567 13.53 -17.48 -18.31
CA GLY A 567 13.93 -16.13 -18.64
C GLY A 567 15.35 -15.75 -18.28
N ALA A 568 15.71 -14.55 -18.79
CA ALA A 568 17.05 -14.03 -18.58
C ALA A 568 17.34 -13.72 -17.13
N GLY A 569 16.34 -13.72 -16.24
CA GLY A 569 16.56 -13.39 -14.85
C GLY A 569 16.88 -14.61 -13.98
N CYS A 570 17.09 -15.77 -14.59
CA CYS A 570 17.38 -16.98 -13.80
C CYS A 570 18.82 -17.02 -13.34
N VAL A 571 19.02 -17.36 -12.06
CA VAL A 571 20.36 -17.41 -11.41
C VAL A 571 20.36 -18.57 -10.47
N ASP A 572 21.44 -19.35 -10.44
CA ASP A 572 21.68 -20.19 -9.27
C ASP A 572 23.17 -20.18 -8.99
N VAL A 573 23.61 -21.01 -8.04
CA VAL A 573 25.02 -21.01 -7.67
C VAL A 573 25.58 -22.42 -7.79
N ASP A 574 26.90 -22.49 -7.96
CA ASP A 574 27.51 -23.70 -8.51
C ASP A 574 27.72 -24.78 -7.46
N SER A 575 27.21 -24.57 -6.25
CA SER A 575 27.09 -25.66 -5.30
C SER A 575 25.90 -26.57 -5.56
N ALA A 576 24.98 -26.18 -6.45
CA ALA A 576 23.73 -26.91 -6.63
C ALA A 576 23.97 -28.28 -7.25
N ASN A 577 23.01 -29.16 -7.06
CA ASN A 577 23.15 -30.49 -7.68
C ASN A 577 22.87 -30.44 -9.19
N LYS A 578 21.87 -29.65 -9.58
CA LYS A 578 21.40 -29.64 -10.96
C LYS A 578 20.64 -28.32 -11.14
N SER A 579 20.65 -27.77 -12.35
CA SER A 579 19.94 -26.51 -12.56
C SER A 579 18.57 -26.72 -13.19
N VAL A 580 18.45 -27.56 -14.22
CA VAL A 580 17.13 -27.78 -14.85
C VAL A 580 16.92 -29.27 -15.06
N ALA A 581 15.92 -29.82 -14.39
CA ALA A 581 15.45 -31.17 -14.64
C ALA A 581 14.15 -31.09 -15.39
N LEU A 582 14.03 -31.81 -16.50
CA LEU A 582 12.80 -31.85 -17.27
C LEU A 582 12.18 -33.23 -17.11
N GLY A 583 10.93 -33.24 -16.68
CA GLY A 583 10.16 -34.44 -16.40
C GLY A 583 9.29 -34.81 -17.57
N SER A 584 8.20 -35.50 -17.28
CA SER A 584 7.29 -35.93 -18.34
C SER A 584 6.51 -34.78 -18.88
N ASN A 585 6.15 -34.89 -20.18
CA ASN A 585 5.22 -33.95 -20.85
C ASN A 585 5.72 -32.50 -20.77
N VAL A 586 6.96 -32.28 -21.16
CA VAL A 586 7.48 -30.92 -21.37
C VAL A 586 7.72 -30.74 -22.85
N THR A 587 7.06 -29.77 -23.46
CA THR A 587 7.21 -29.56 -24.90
C THR A 587 7.60 -28.10 -25.12
N VAL A 588 8.34 -27.85 -26.20
CA VAL A 588 8.78 -26.48 -26.56
C VAL A 588 9.40 -25.74 -25.38
N PRO A 589 10.23 -26.37 -24.54
CA PRO A 589 10.91 -25.57 -23.49
C PRO A 589 11.81 -24.55 -24.15
N THR A 590 11.71 -23.31 -23.66
CA THR A 590 12.33 -22.15 -24.29
C THR A 590 13.24 -21.46 -23.32
N MET A 591 14.42 -21.06 -23.77
CA MET A 591 15.34 -20.44 -22.81
C MET A 591 15.98 -19.22 -23.45
N LEU A 592 16.08 -18.17 -22.65
CA LEU A 592 16.86 -16.98 -22.99
C LEU A 592 18.19 -17.02 -22.26
N PRO A 593 19.26 -16.38 -22.74
CA PRO A 593 20.57 -16.51 -22.07
C PRO A 593 20.49 -16.11 -20.60
N LEU A 594 21.05 -16.99 -19.73
CA LEU A 594 20.79 -16.85 -18.30
C LEU A 594 22.01 -17.26 -17.50
N ALA A 595 21.87 -17.32 -16.17
CA ALA A 595 23.00 -17.46 -15.26
C ALA A 595 22.80 -18.67 -14.31
N LEU A 596 22.31 -19.80 -14.87
CA LEU A 596 22.28 -21.11 -14.18
C LEU A 596 23.63 -21.79 -14.43
N THR A 597 24.09 -22.53 -13.43
CA THR A 597 25.50 -22.98 -13.40
C THR A 597 25.71 -24.49 -13.42
N LYS A 598 24.68 -25.29 -13.18
CA LYS A 598 24.86 -26.74 -13.15
C LYS A 598 24.05 -27.45 -14.26
N GLY A 599 23.83 -28.77 -14.16
CA GLY A 599 23.34 -29.49 -15.33
C GLY A 599 21.97 -29.00 -15.79
N ILE A 600 21.80 -28.98 -17.10
CA ILE A 600 20.52 -28.69 -17.75
C ILE A 600 20.19 -29.87 -18.66
N ASP A 601 19.02 -30.46 -18.47
CA ASP A 601 18.66 -31.61 -19.29
C ASP A 601 18.64 -31.24 -20.77
N SER A 602 19.08 -32.15 -21.62
CA SER A 602 19.19 -31.93 -23.06
C SER A 602 17.98 -32.44 -23.85
N GLY A 603 17.86 -31.97 -25.09
CA GLY A 603 16.88 -32.54 -26.01
C GLY A 603 16.67 -31.66 -27.24
N SER A 604 16.17 -32.27 -28.32
CA SER A 604 16.02 -31.53 -29.56
C SER A 604 14.88 -30.51 -29.51
N GLY A 605 13.98 -30.60 -28.51
CA GLY A 605 12.82 -29.70 -28.40
C GLY A 605 13.10 -28.31 -27.84
N TRP A 606 14.30 -28.06 -27.31
CA TRP A 606 14.64 -26.74 -26.80
C TRP A 606 14.51 -25.68 -27.89
N VAL A 607 13.98 -24.51 -27.49
CA VAL A 607 13.90 -23.34 -28.38
C VAL A 607 14.71 -22.24 -27.70
N GLY A 608 15.60 -21.57 -28.41
CA GLY A 608 16.34 -20.48 -27.81
C GLY A 608 15.66 -19.12 -28.07
N GLY A 609 16.32 -18.08 -27.59
CA GLY A 609 15.87 -16.73 -27.85
C GLY A 609 15.98 -16.36 -29.32
N ARG A 610 15.20 -15.35 -29.71
CA ARG A 610 15.14 -14.84 -31.09
C ARG A 610 15.54 -13.37 -31.08
N THR A 611 16.37 -12.96 -32.06
CA THR A 611 16.70 -11.54 -32.12
C THR A 611 17.00 -11.03 -33.51
N LYS A 612 16.74 -9.73 -33.69
CA LYS A 612 17.27 -8.91 -34.76
C LYS A 612 18.59 -8.25 -34.34
N GLY A 613 19.38 -7.87 -35.33
CA GLY A 613 20.63 -7.15 -35.05
C GLY A 613 21.80 -8.03 -34.65
N GLY A 614 21.66 -9.36 -34.74
CA GLY A 614 22.71 -10.22 -34.24
C GLY A 614 22.96 -10.02 -32.74
N ILE A 615 24.22 -10.16 -32.37
CA ILE A 615 24.67 -9.88 -31.00
C ILE A 615 26.06 -9.31 -31.21
N TRP A 616 26.48 -8.43 -30.33
CA TRP A 616 27.87 -7.99 -30.35
C TRP A 616 28.68 -8.73 -29.30
N PHE A 617 29.55 -9.64 -29.75
CA PHE A 617 30.52 -10.33 -28.88
C PHE A 617 31.72 -9.40 -28.80
N ASP A 618 31.68 -8.49 -27.82
CA ASP A 618 32.57 -7.34 -27.74
C ASP A 618 33.83 -7.78 -26.98
N GLY A 619 34.85 -8.19 -27.70
CA GLY A 619 36.07 -8.61 -27.04
C GLY A 619 36.97 -9.31 -28.05
N ASN A 620 38.07 -9.86 -27.54
CA ASN A 620 38.95 -10.64 -28.39
C ASN A 620 38.98 -12.08 -27.85
N TYR A 621 40.11 -12.80 -27.99
CA TYR A 621 40.08 -14.18 -27.53
C TYR A 621 39.81 -14.28 -26.03
N ARG A 622 40.10 -13.24 -25.25
CA ARG A 622 39.91 -13.48 -23.84
C ARG A 622 38.47 -13.30 -23.36
N ASP A 623 37.64 -12.48 -24.10
CA ASP A 623 36.31 -12.16 -23.60
C ASP A 623 35.26 -12.06 -24.73
N ALA A 624 35.53 -12.67 -25.88
CA ALA A 624 34.53 -12.96 -26.92
C ALA A 624 34.75 -14.37 -27.45
N ALA A 625 35.11 -15.29 -26.53
CA ALA A 625 35.17 -16.69 -26.89
C ALA A 625 33.81 -17.30 -26.59
N VAL A 626 33.23 -17.95 -27.57
CA VAL A 626 31.89 -18.52 -27.45
C VAL A 626 32.05 -20.00 -27.18
N ARG A 627 31.48 -20.50 -26.08
CA ARG A 627 31.57 -21.92 -25.78
C ARG A 627 30.44 -22.62 -26.52
N TRP A 628 30.75 -23.68 -27.25
CA TRP A 628 29.78 -24.24 -28.18
C TRP A 628 30.05 -25.73 -28.33
N ASN A 629 29.12 -26.57 -27.84
CA ASN A 629 29.41 -28.01 -27.73
C ASN A 629 30.77 -28.17 -27.03
N GLY A 630 31.72 -28.91 -27.61
CA GLY A 630 33.00 -29.09 -26.98
C GLY A 630 34.10 -28.15 -27.39
N GLN A 631 33.74 -26.98 -27.98
CA GLN A 631 34.77 -26.06 -28.49
C GLN A 631 34.56 -24.69 -27.88
N TYR A 632 35.62 -23.87 -27.96
CA TYR A 632 35.51 -22.43 -27.76
C TYR A 632 35.83 -21.81 -29.11
N VAL A 633 34.96 -20.91 -29.57
CA VAL A 633 35.02 -20.34 -30.91
C VAL A 633 35.23 -18.85 -30.77
N TRP A 634 36.16 -18.28 -31.55
CA TRP A 634 36.35 -16.83 -31.46
C TRP A 634 36.89 -16.28 -32.76
N VAL A 635 36.66 -14.98 -32.98
CA VAL A 635 37.28 -14.25 -34.09
C VAL A 635 38.64 -13.74 -33.62
N ALA A 636 39.69 -14.18 -34.31
CA ALA A 636 41.07 -13.84 -33.96
C ALA A 636 41.41 -12.45 -34.40
N ASP A 637 42.56 -11.96 -33.92
CA ASP A 637 42.88 -10.57 -34.25
C ASP A 637 43.14 -10.36 -35.74
N ASN A 638 43.51 -11.40 -36.49
CA ASN A 638 43.69 -11.27 -37.93
C ASN A 638 42.39 -11.47 -38.69
N GLY A 639 41.26 -11.57 -37.98
CA GLY A 639 39.96 -11.73 -38.60
C GLY A 639 39.51 -13.13 -38.90
N SER A 640 40.37 -14.15 -38.70
CA SER A 640 39.95 -15.51 -38.99
C SER A 640 39.09 -16.03 -37.83
N LEU A 641 38.30 -17.07 -38.10
CA LEU A 641 37.47 -17.74 -37.10
C LEU A 641 38.23 -18.98 -36.65
N LYS A 642 38.48 -19.10 -35.33
CA LYS A 642 39.22 -20.20 -34.75
C LYS A 642 38.35 -20.97 -33.77
N ALA A 643 38.78 -22.19 -33.45
CA ALA A 643 38.13 -23.02 -32.42
C ALA A 643 39.19 -23.79 -31.67
N ALA A 644 38.98 -23.94 -30.36
CA ALA A 644 39.86 -24.77 -29.54
C ALA A 644 39.02 -25.53 -28.52
N PRO A 645 39.48 -26.71 -28.09
CA PRO A 645 38.67 -27.49 -27.15
C PRO A 645 38.82 -27.04 -25.70
N THR A 646 39.76 -26.15 -25.38
CA THR A 646 39.86 -25.50 -24.09
C THR A 646 39.85 -23.99 -24.27
N LYS A 647 39.46 -23.30 -23.21
CA LYS A 647 39.30 -21.86 -23.31
C LYS A 647 40.64 -21.17 -23.68
N PRO A 648 40.69 -20.31 -24.71
CA PRO A 648 42.02 -19.92 -25.21
C PRO A 648 42.69 -18.91 -24.29
N ASP A 649 43.98 -19.16 -24.04
CA ASP A 649 44.80 -18.29 -23.19
C ASP A 649 45.68 -17.40 -24.04
N SER A 650 45.57 -17.53 -25.36
CA SER A 650 46.19 -16.62 -26.32
C SER A 650 45.36 -16.67 -27.59
N ASP A 651 45.67 -15.75 -28.49
CA ASP A 651 44.98 -15.72 -29.79
C ASP A 651 45.39 -16.89 -30.68
N SER A 652 46.52 -17.56 -30.37
CA SER A 652 47.01 -18.67 -31.17
C SER A 652 47.45 -19.84 -30.27
N PRO A 653 46.51 -20.49 -29.59
CA PRO A 653 46.91 -21.63 -28.72
C PRO A 653 47.37 -22.82 -29.56
N SER A 654 48.27 -23.64 -28.97
CA SER A 654 48.74 -24.83 -29.69
C SER A 654 47.63 -25.84 -29.98
N ASN A 655 46.52 -25.84 -29.24
CA ASN A 655 45.42 -26.71 -29.60
C ASN A 655 44.34 -26.00 -30.45
N GLY A 656 44.65 -24.80 -30.98
CA GLY A 656 43.69 -24.07 -31.83
C GLY A 656 43.68 -24.58 -33.28
N VAL A 657 42.52 -24.41 -33.92
CA VAL A 657 42.29 -24.77 -35.30
C VAL A 657 41.68 -23.54 -35.97
N VAL A 658 42.11 -23.21 -37.19
CA VAL A 658 41.40 -22.18 -37.97
C VAL A 658 40.21 -22.81 -38.71
N ILE A 659 39.00 -22.33 -38.38
CA ILE A 659 37.81 -22.78 -39.11
C ILE A 659 37.84 -22.24 -40.52
N GLY A 660 38.22 -20.96 -40.66
CA GLY A 660 38.32 -20.33 -41.96
C GLY A 660 38.73 -18.89 -41.83
N PRO A 661 39.06 -18.24 -42.98
CA PRO A 661 39.68 -16.92 -42.96
C PRO A 661 38.76 -15.82 -42.53
N ARG B 40 -36.40 30.86 41.42
CA ARG B 40 -36.05 29.47 41.77
C ARG B 40 -34.74 29.08 41.11
N THR B 41 -33.73 28.76 41.92
CA THR B 41 -32.46 28.29 41.35
C THR B 41 -32.60 26.89 40.75
N ILE B 42 -33.49 26.06 41.29
CA ILE B 42 -33.67 24.70 40.75
C ILE B 42 -34.15 24.76 39.30
N GLN B 43 -35.15 25.62 39.02
CA GLN B 43 -35.62 25.80 37.65
C GLN B 43 -34.51 26.27 36.73
N GLN B 44 -33.75 27.29 37.16
CA GLN B 44 -32.59 27.73 36.40
C GLN B 44 -31.58 26.59 36.19
N ALA B 45 -31.32 25.79 37.24
CA ALA B 45 -30.36 24.69 37.09
C ALA B 45 -30.84 23.67 36.05
N ILE B 46 -32.12 23.27 36.14
CA ILE B 46 -32.65 22.26 35.22
C ILE B 46 -32.72 22.82 33.79
N ASP B 47 -33.16 24.08 33.63
CA ASP B 47 -33.11 24.73 32.32
C ASP B 47 -31.72 24.68 31.73
N GLY B 48 -30.69 24.91 32.56
CA GLY B 48 -29.32 24.88 32.07
C GLY B 48 -28.91 23.48 31.68
N LEU B 49 -29.31 22.49 32.48
CA LEU B 49 -28.98 21.10 32.19
C LEU B 49 -29.67 20.61 30.93
N GLU B 50 -30.89 21.08 30.68
CA GLU B 50 -31.65 20.63 29.51
C GLU B 50 -31.22 21.34 28.23
N ASN B 51 -30.38 22.37 28.35
CA ASN B 51 -29.94 23.21 27.23
C ASN B 51 -28.46 23.53 27.35
N PRO B 52 -27.63 22.48 27.28
CA PRO B 52 -26.18 22.69 27.30
C PRO B 52 -25.76 23.77 26.33
N VAL B 53 -24.87 24.65 26.77
CA VAL B 53 -24.19 25.50 25.81
C VAL B 53 -23.34 24.60 24.91
N HIS B 54 -23.21 25.03 23.67
CA HIS B 54 -22.46 24.37 22.60
C HIS B 54 -23.14 23.13 22.06
N TYR B 55 -24.38 22.81 22.51
CA TYR B 55 -25.17 21.72 21.91
C TYR B 55 -26.36 22.32 21.15
N VAL B 56 -26.33 22.25 19.83
CA VAL B 56 -27.41 22.77 18.99
C VAL B 56 -28.38 21.64 18.77
N LYS B 57 -29.60 21.78 19.26
CA LYS B 57 -30.56 20.70 19.08
C LYS B 57 -31.88 21.16 18.44
N ASP B 58 -32.03 22.46 18.19
CA ASP B 58 -33.25 22.99 17.58
C ASP B 58 -33.00 23.16 16.08
N VAL B 59 -33.66 22.33 15.25
CA VAL B 59 -33.46 22.46 13.80
C VAL B 59 -33.89 23.83 13.30
N SER B 60 -34.70 24.55 14.06
CA SER B 60 -35.21 25.86 13.64
C SER B 60 -34.35 27.00 14.16
N ILE B 61 -33.16 26.71 14.70
CA ILE B 61 -32.24 27.77 15.12
C ILE B 61 -32.00 28.73 13.96
N THR B 62 -32.06 30.03 14.24
CA THR B 62 -31.88 30.98 13.16
C THR B 62 -30.43 30.99 12.68
N PRO B 63 -30.21 31.42 11.42
CA PRO B 63 -28.83 31.58 10.93
C PRO B 63 -28.00 32.47 11.84
N SER B 64 -28.59 33.56 12.33
CA SER B 64 -27.78 34.45 13.17
C SER B 64 -27.48 33.84 14.55
N ALA B 65 -28.41 33.07 15.10
CA ALA B 65 -28.16 32.40 16.37
C ALA B 65 -27.12 31.31 16.22
N LEU B 66 -27.17 30.56 15.10
CA LEU B 66 -26.14 29.54 14.83
C LEU B 66 -24.76 30.16 14.70
N LEU B 67 -24.67 31.32 14.03
CA LEU B 67 -23.39 32.03 13.91
C LEU B 67 -22.88 32.43 15.28
N ALA B 68 -23.78 32.89 16.16
CA ALA B 68 -23.34 33.29 17.50
C ALA B 68 -22.82 32.11 18.30
N VAL B 69 -23.46 30.93 18.16
CA VAL B 69 -22.95 29.70 18.74
C VAL B 69 -21.51 29.45 18.27
N ALA B 70 -21.28 29.59 16.95
CA ALA B 70 -19.96 29.25 16.40
C ALA B 70 -18.92 30.25 16.87
N VAL B 71 -19.28 31.53 16.94
CA VAL B 71 -18.37 32.57 17.43
C VAL B 71 -17.97 32.26 18.87
N GLU B 72 -18.95 31.91 19.71
CA GLU B 72 -18.63 31.58 21.10
C GLU B 72 -17.74 30.34 21.23
N ALA B 73 -18.00 29.31 20.43
CA ALA B 73 -17.16 28.12 20.46
C ALA B 73 -15.72 28.43 20.07
N ALA B 74 -15.55 29.34 19.15
CA ALA B 74 -14.21 29.63 18.65
C ALA B 74 -13.40 30.39 19.69
N ARG B 75 -14.08 31.13 20.55
CA ARG B 75 -13.37 31.86 21.58
C ARG B 75 -12.69 30.88 22.51
N LEU B 76 -13.35 29.74 22.73
CA LEU B 76 -12.85 28.66 23.56
C LEU B 76 -12.07 27.61 22.76
N GLY B 77 -12.21 27.58 21.42
CA GLY B 77 -11.58 26.58 20.59
C GLY B 77 -12.23 25.21 20.65
N ARG B 78 -13.49 25.15 21.06
CA ARG B 78 -14.16 23.90 21.35
C ARG B 78 -15.17 23.59 20.24
N THR B 79 -15.81 22.44 20.37
CA THR B 79 -16.68 21.99 19.28
C THR B 79 -18.09 22.47 19.51
N VAL B 80 -18.81 22.59 18.40
CA VAL B 80 -20.25 22.72 18.41
C VAL B 80 -20.80 21.36 18.07
N ALA B 81 -21.61 20.79 18.95
CA ALA B 81 -22.21 19.49 18.62
C ALA B 81 -23.68 19.66 18.32
N PHE B 82 -24.25 18.69 17.61
CA PHE B 82 -25.64 18.77 17.14
C PHE B 82 -26.45 17.60 17.63
N GLY B 83 -27.72 17.87 17.91
CA GLY B 83 -28.70 16.81 18.16
C GLY B 83 -29.25 16.31 16.85
N PRO B 84 -30.05 15.24 16.91
CA PRO B 84 -30.63 14.69 15.70
C PRO B 84 -31.59 15.65 15.04
N GLY B 85 -31.64 15.59 13.73
CA GLY B 85 -32.67 16.27 12.98
C GLY B 85 -32.16 16.66 11.61
N HIS B 86 -33.06 17.26 10.85
CA HIS B 86 -32.77 17.72 9.50
C HIS B 86 -32.74 19.25 9.55
N TYR B 87 -31.53 19.80 9.47
CA TYR B 87 -31.29 21.24 9.62
C TYR B 87 -31.17 21.87 8.24
N THR B 88 -31.95 22.95 7.94
CA THR B 88 -31.80 23.57 6.64
C THR B 88 -31.42 25.07 6.68
N ASN B 89 -31.25 25.65 7.86
CA ASN B 89 -30.71 26.99 8.03
C ASN B 89 -31.42 28.02 7.16
N GLN B 90 -32.74 27.95 7.06
CA GLN B 90 -33.56 28.88 6.27
C GLN B 90 -33.08 29.00 4.83
N GLY B 91 -32.47 27.92 4.31
CA GLY B 91 -32.01 27.86 2.94
C GLY B 91 -30.79 28.71 2.62
N GLN B 92 -30.04 29.18 3.66
CA GLN B 92 -28.89 30.09 3.44
C GLN B 92 -27.59 29.35 3.63
N PRO B 93 -26.54 29.76 2.93
CA PRO B 93 -25.19 29.33 3.30
C PRO B 93 -24.79 29.87 4.67
N PHE B 94 -24.03 29.06 5.37
CA PHE B 94 -23.49 29.37 6.68
C PHE B 94 -21.99 29.51 6.47
N GLU B 95 -21.46 30.73 6.56
CA GLU B 95 -20.06 31.00 6.22
C GLU B 95 -19.37 31.65 7.41
N VAL B 96 -18.17 31.17 7.73
CA VAL B 96 -17.37 31.73 8.81
C VAL B 96 -15.96 31.96 8.30
N ASP B 97 -15.26 32.94 8.91
CA ASP B 97 -13.85 33.16 8.58
C ASP B 97 -12.95 32.95 9.78
N PHE B 98 -13.28 31.96 10.61
CA PHE B 98 -12.60 31.68 11.85
C PHE B 98 -12.76 30.18 12.07
N PRO B 99 -12.03 29.61 13.05
CA PRO B 99 -12.05 28.13 13.20
C PRO B 99 -13.44 27.61 13.55
N LEU B 100 -13.81 26.49 12.90
CA LEU B 100 -15.07 25.82 13.11
C LEU B 100 -14.72 24.38 13.41
N ASN B 101 -15.23 23.88 14.54
CA ASN B 101 -15.00 22.48 14.96
C ASN B 101 -16.36 21.87 15.24
N LEU B 102 -16.86 21.07 14.29
CA LEU B 102 -18.21 20.53 14.37
C LEU B 102 -18.17 19.05 14.70
N ASP B 103 -19.07 18.66 15.58
CA ASP B 103 -19.38 17.26 15.85
C ASP B 103 -20.79 17.02 15.33
N VAL B 104 -20.89 16.28 14.24
CA VAL B 104 -22.13 16.05 13.52
C VAL B 104 -22.42 14.57 13.67
N PRO B 105 -23.30 14.15 14.58
CA PRO B 105 -23.48 12.70 14.83
C PRO B 105 -24.46 12.04 13.88
N VAL B 106 -24.43 10.70 13.89
CA VAL B 106 -25.44 9.93 13.16
C VAL B 106 -26.83 10.44 13.53
N GLY B 107 -27.66 10.71 12.53
CA GLY B 107 -28.99 11.21 12.81
C GLY B 107 -29.10 12.71 12.61
N THR B 108 -27.95 13.39 12.45
CA THR B 108 -27.92 14.83 12.10
C THR B 108 -27.60 15.00 10.62
N PHE B 109 -28.41 15.79 9.93
CA PHE B 109 -28.16 16.15 8.53
C PHE B 109 -28.11 17.66 8.45
N LEU B 110 -26.89 18.19 8.19
CA LEU B 110 -26.72 19.66 8.00
C LEU B 110 -26.91 19.88 6.50
N ASP B 111 -28.16 20.16 6.12
CA ASP B 111 -28.58 20.25 4.72
C ASP B 111 -28.61 21.71 4.26
N PHE B 112 -27.43 22.31 4.34
CA PHE B 112 -27.18 23.66 3.86
C PHE B 112 -25.69 23.81 3.70
N PRO B 113 -25.25 24.74 2.85
CA PRO B 113 -23.80 24.94 2.64
C PRO B 113 -23.12 25.43 3.90
N ILE B 114 -21.99 24.82 4.23
CA ILE B 114 -21.14 25.27 5.31
C ILE B 114 -19.81 25.64 4.69
N ILE B 115 -19.36 26.88 4.88
CA ILE B 115 -18.16 27.34 4.21
C ILE B 115 -17.24 27.93 5.28
N ILE B 116 -16.04 27.38 5.42
CA ILE B 116 -14.98 27.95 6.24
C ILE B 116 -14.00 28.59 5.27
N ARG B 117 -13.81 29.92 5.38
CA ARG B 117 -13.04 30.63 4.38
C ARG B 117 -12.04 31.57 5.07
N GLY B 118 -10.77 31.21 5.00
CA GLY B 118 -9.71 32.10 5.46
C GLY B 118 -9.34 33.04 4.35
N LYS B 119 -8.26 33.79 4.58
CA LYS B 119 -7.82 34.79 3.61
C LYS B 119 -6.64 34.19 2.83
N THR B 120 -6.84 34.01 1.51
CA THR B 120 -5.75 33.57 0.64
C THR B 120 -4.56 34.54 0.70
N VAL B 121 -4.87 35.85 0.74
CA VAL B 121 -3.86 36.90 0.98
C VAL B 121 -4.48 37.83 2.01
N LYS B 122 -3.74 38.12 3.09
CA LYS B 122 -4.25 39.08 4.09
C LYS B 122 -4.22 40.50 3.52
N MET B 123 -5.33 41.23 3.66
CA MET B 123 -5.47 42.49 2.93
C MET B 123 -5.72 43.62 3.91
N VAL B 124 -5.18 44.79 3.56
CA VAL B 124 -5.44 46.02 4.32
C VAL B 124 -6.69 46.74 3.79
N ARG B 125 -6.89 46.71 2.48
CA ARG B 125 -8.06 47.28 1.86
C ARG B 125 -8.27 46.58 0.54
N SER B 126 -9.51 46.63 0.03
CA SER B 126 -9.79 46.09 -1.29
C SER B 126 -10.95 46.84 -1.91
N VAL B 127 -10.91 46.93 -3.24
CA VAL B 127 -11.93 47.58 -4.03
C VAL B 127 -12.49 46.55 -5.01
N THR B 128 -13.78 46.25 -4.91
CA THR B 128 -14.39 45.35 -5.88
C THR B 128 -14.82 46.15 -7.11
N THR B 129 -15.10 45.42 -8.16
CA THR B 129 -15.25 45.97 -9.50
C THR B 129 -16.23 45.11 -10.26
N ASN B 130 -16.89 45.69 -11.26
CA ASN B 130 -17.72 44.89 -12.15
C ASN B 130 -17.29 44.99 -13.60
N LEU B 131 -16.05 45.40 -13.85
CA LEU B 131 -15.50 45.28 -15.19
C LEU B 131 -15.50 43.82 -15.63
N THR B 132 -15.76 43.63 -16.92
CA THR B 132 -15.62 42.37 -17.62
C THR B 132 -14.17 42.13 -18.05
N ALA B 133 -13.89 40.86 -18.37
CA ALA B 133 -12.60 40.48 -18.90
C ALA B 133 -12.24 41.26 -20.15
N ALA B 134 -13.24 41.62 -20.98
CA ALA B 134 -12.90 42.47 -22.12
C ALA B 134 -12.49 43.87 -21.69
N GLN B 135 -13.07 44.41 -20.60
CA GLN B 135 -12.62 45.72 -20.07
C GLN B 135 -11.32 45.64 -19.29
N CYS B 136 -10.93 44.47 -18.79
CA CYS B 136 -9.67 44.30 -18.08
C CYS B 136 -8.81 43.22 -18.74
N PRO B 137 -8.40 43.41 -19.99
CA PRO B 137 -7.66 42.38 -20.72
C PRO B 137 -6.25 42.21 -20.17
N ALA B 138 -5.58 41.16 -20.64
CA ALA B 138 -4.17 40.96 -20.29
C ALA B 138 -3.37 42.19 -20.70
N GLY B 139 -2.41 42.55 -19.87
CA GLY B 139 -1.63 43.76 -20.08
C GLY B 139 -2.25 45.03 -19.56
N THR B 140 -3.50 45.01 -19.13
CA THR B 140 -4.11 46.19 -18.49
C THR B 140 -3.22 46.79 -17.41
N THR B 141 -3.03 48.11 -17.47
CA THR B 141 -2.42 48.83 -16.34
C THR B 141 -3.34 49.83 -15.66
N VAL B 142 -4.48 50.18 -16.25
CA VAL B 142 -5.35 51.17 -15.64
C VAL B 142 -6.72 50.55 -15.38
N ILE B 143 -7.18 50.65 -14.15
CA ILE B 143 -8.42 50.07 -13.63
C ILE B 143 -9.23 51.18 -13.00
N ALA B 144 -10.47 51.33 -13.45
CA ALA B 144 -11.39 52.33 -12.94
C ALA B 144 -11.95 51.92 -11.58
N GLY B 145 -12.10 52.90 -10.71
CA GLY B 145 -12.59 52.68 -9.36
C GLY B 145 -12.01 53.74 -8.42
N ASP B 146 -12.49 53.73 -7.19
CA ASP B 146 -12.05 54.70 -6.19
C ASP B 146 -10.86 54.13 -5.40
N PHE B 147 -9.66 54.49 -5.85
CA PHE B 147 -8.40 54.01 -5.33
C PHE B 147 -7.64 55.08 -4.55
N SER B 148 -8.37 56.03 -3.96
CA SER B 148 -7.71 57.16 -3.28
C SER B 148 -6.78 56.68 -2.17
N ALA B 149 -7.22 55.69 -1.40
CA ALA B 149 -6.47 55.21 -0.24
C ALA B 149 -5.29 54.29 -0.60
N PHE B 150 -5.05 53.96 -1.88
CA PHE B 150 -3.91 53.15 -2.33
C PHE B 150 -2.66 54.01 -2.58
N PRO B 151 -1.69 53.98 -1.68
CA PRO B 151 -0.54 54.91 -1.79
C PRO B 151 0.36 54.61 -2.97
N VAL B 152 0.90 55.68 -3.56
CA VAL B 152 1.74 55.51 -4.74
C VAL B 152 2.99 54.78 -4.28
N GLY B 153 3.43 53.77 -5.05
CA GLY B 153 4.58 52.98 -4.66
C GLY B 153 4.29 51.79 -3.74
N SER B 154 3.08 51.68 -3.19
CA SER B 154 2.72 50.53 -2.35
C SER B 154 2.52 49.29 -3.23
N VAL B 155 2.53 48.10 -2.59
CA VAL B 155 2.24 46.89 -3.35
C VAL B 155 0.73 46.78 -3.54
N VAL B 156 0.29 46.39 -4.73
CA VAL B 156 -1.11 46.18 -4.98
C VAL B 156 -1.24 44.79 -5.58
N GLY B 157 -2.32 44.10 -5.23
CA GLY B 157 -2.64 42.79 -5.82
C GLY B 157 -3.96 42.83 -6.57
N VAL B 158 -4.14 41.89 -7.50
CA VAL B 158 -5.38 41.80 -8.25
C VAL B 158 -5.79 40.34 -8.27
N LYS B 159 -7.06 40.07 -7.97
CA LYS B 159 -7.63 38.72 -8.03
C LYS B 159 -8.94 38.77 -8.81
N LEU B 160 -9.42 37.61 -9.21
CA LEU B 160 -10.77 37.53 -9.75
C LEU B 160 -11.79 37.85 -8.65
N GLY B 161 -12.87 38.54 -9.02
CA GLY B 161 -13.90 38.86 -8.03
C GLY B 161 -14.56 37.61 -7.48
N ASP B 162 -15.08 37.72 -6.25
CA ASP B 162 -15.64 36.55 -5.57
C ASP B 162 -16.92 36.04 -6.24
N ASN B 163 -17.47 36.79 -7.19
CA ASN B 163 -18.71 36.45 -7.89
C ASN B 163 -18.44 36.10 -9.35
N THR B 164 -17.24 35.64 -9.66
CA THR B 164 -16.93 35.15 -10.98
C THR B 164 -16.01 33.95 -10.86
N ASN B 165 -16.09 33.07 -11.86
CA ASN B 165 -15.20 31.92 -11.99
C ASN B 165 -14.12 32.16 -13.05
N GLY B 166 -14.06 33.38 -13.61
CA GLY B 166 -13.14 33.65 -14.71
C GLY B 166 -13.42 32.66 -15.84
N SER B 167 -12.39 32.34 -16.63
CA SER B 167 -12.59 31.49 -17.78
C SER B 167 -11.25 30.93 -18.25
N ALA B 168 -11.26 29.66 -18.65
CA ALA B 168 -10.08 29.08 -19.29
C ALA B 168 -9.84 29.67 -20.68
N SER B 169 -10.85 30.34 -21.26
CA SER B 169 -10.73 30.90 -22.60
C SER B 169 -9.70 32.02 -22.67
N TYR B 170 -9.52 32.78 -21.58
CA TYR B 170 -8.40 33.71 -21.47
C TYR B 170 -7.42 33.30 -20.39
N ASN B 171 -7.37 31.98 -20.09
CA ASN B 171 -6.35 31.43 -19.23
C ASN B 171 -6.37 32.06 -17.84
N ASN B 172 -7.57 32.28 -17.26
CA ASN B 172 -7.59 32.78 -15.87
C ASN B 172 -8.89 32.40 -15.15
N GLU B 173 -8.83 31.32 -14.37
CA GLU B 173 -9.91 30.95 -13.48
C GLU B 173 -9.52 31.08 -12.01
N ALA B 174 -8.23 31.32 -11.69
CA ALA B 174 -7.78 31.23 -10.31
C ALA B 174 -6.56 32.12 -10.06
N GLY B 175 -6.28 33.10 -10.93
CA GLY B 175 -5.02 33.81 -10.93
C GLY B 175 -4.94 34.96 -9.94
N TRP B 176 -3.74 35.16 -9.40
CA TRP B 176 -3.38 36.31 -8.55
C TRP B 176 -2.25 37.07 -9.21
N ASP B 177 -2.34 38.41 -9.21
CA ASP B 177 -1.24 39.21 -9.72
C ASP B 177 -0.87 40.27 -8.70
N PHE B 178 0.43 40.54 -8.65
CA PHE B 178 1.05 41.50 -7.72
C PHE B 178 1.94 42.44 -8.48
N THR B 179 1.88 43.73 -8.11
CA THR B 179 2.69 44.75 -8.75
C THR B 179 2.70 45.92 -7.78
N THR B 180 3.03 47.12 -8.27
CA THR B 180 3.06 48.28 -7.39
C THR B 180 2.22 49.40 -8.02
N VAL B 181 1.86 50.36 -7.17
CA VAL B 181 0.94 51.44 -7.57
C VAL B 181 1.78 52.53 -8.20
N ALA B 182 1.55 52.79 -9.50
CA ALA B 182 2.24 53.86 -10.21
C ALA B 182 1.55 55.20 -10.02
N ALA B 183 0.23 55.18 -9.81
CA ALA B 183 -0.60 56.37 -9.65
C ALA B 183 -1.98 55.93 -9.20
N SER B 184 -2.62 56.75 -8.36
CA SER B 184 -3.98 56.45 -7.94
C SER B 184 -4.80 57.74 -7.79
N SER B 185 -6.10 57.61 -8.01
CA SER B 185 -7.03 58.74 -7.88
C SER B 185 -8.34 58.17 -7.38
N ASN B 186 -9.33 59.04 -7.19
CA ASN B 186 -10.63 58.48 -6.87
C ASN B 186 -11.40 58.08 -8.13
N THR B 187 -10.77 58.16 -9.30
CA THR B 187 -11.40 57.58 -10.48
C THR B 187 -10.66 56.39 -11.07
N SER B 188 -9.36 56.19 -10.76
CA SER B 188 -8.60 55.12 -11.40
C SER B 188 -7.37 54.76 -10.56
N ILE B 189 -6.76 53.61 -10.90
CA ILE B 189 -5.45 53.24 -10.38
C ILE B 189 -4.60 52.83 -11.57
N THR B 190 -3.33 53.18 -11.54
CA THR B 190 -2.39 52.78 -12.57
C THR B 190 -1.37 51.81 -11.98
N LEU B 191 -1.26 50.62 -12.59
CA LEU B 191 -0.32 49.62 -12.14
C LEU B 191 1.02 49.82 -12.80
N SER B 192 2.07 49.52 -12.06
CA SER B 192 3.40 49.71 -12.61
C SER B 192 3.73 48.68 -13.70
N THR B 193 3.14 47.47 -13.66
CA THR B 193 3.30 46.48 -14.72
C THR B 193 1.94 45.93 -15.09
N GLY B 194 1.81 45.48 -16.34
CA GLY B 194 0.52 45.05 -16.83
C GLY B 194 0.11 43.71 -16.24
N LEU B 195 -1.19 43.51 -16.14
CA LEU B 195 -1.73 42.25 -15.60
C LEU B 195 -1.32 41.09 -16.50
N ARG B 196 -0.93 39.98 -15.86
CA ARG B 196 -0.41 38.87 -16.65
C ARG B 196 -1.48 38.19 -17.49
N TRP B 197 -2.74 38.27 -17.06
CA TRP B 197 -3.89 37.65 -17.72
C TRP B 197 -5.08 38.59 -17.63
N ALA B 198 -6.11 38.32 -18.45
CA ALA B 198 -7.36 39.05 -18.30
C ALA B 198 -8.04 38.71 -16.97
N PHE B 199 -8.73 39.69 -16.38
CA PHE B 199 -9.55 39.40 -15.21
C PHE B 199 -11.00 39.77 -15.49
N ASP B 200 -11.91 38.93 -15.02
CA ASP B 200 -13.32 39.26 -14.90
C ASP B 200 -13.59 39.77 -13.49
N LYS B 201 -14.37 40.85 -13.38
CA LYS B 201 -14.70 41.46 -12.10
C LYS B 201 -13.48 41.58 -11.17
N PRO B 202 -12.40 42.21 -11.62
CA PRO B 202 -11.18 42.23 -10.79
C PRO B 202 -11.42 42.93 -9.45
N GLU B 203 -10.85 42.33 -8.40
CA GLU B 203 -10.81 42.91 -7.07
C GLU B 203 -9.37 43.34 -6.81
N VAL B 204 -9.20 44.60 -6.44
CA VAL B 204 -7.88 45.21 -6.34
C VAL B 204 -7.65 45.56 -4.87
N PHE B 205 -6.48 45.19 -4.34
CA PHE B 205 -6.27 45.25 -2.90
C PHE B 205 -4.81 45.60 -2.56
N THR B 206 -4.60 46.05 -1.30
CA THR B 206 -3.26 46.22 -0.75
C THR B 206 -2.97 45.05 0.18
N PRO B 207 -1.99 44.20 -0.10
CA PRO B 207 -1.64 43.15 0.87
C PRO B 207 -1.18 43.75 2.18
N GLU B 208 -1.50 43.06 3.29
CA GLU B 208 -0.89 43.43 4.59
C GLU B 208 0.63 43.32 4.55
N TYR B 209 1.19 42.29 3.92
CA TYR B 209 2.64 42.17 3.84
C TYR B 209 3.02 41.38 2.59
N ALA B 210 3.70 42.05 1.67
CA ALA B 210 4.07 41.47 0.38
C ALA B 210 5.39 42.08 -0.03
N VAL B 211 6.39 41.26 -0.33
CA VAL B 211 7.71 41.75 -0.70
C VAL B 211 8.23 41.02 -1.91
N ARG B 212 8.97 41.74 -2.75
CA ARG B 212 9.55 41.14 -3.94
C ARG B 212 10.91 40.58 -3.60
N TYR B 213 11.13 39.33 -3.96
CA TYR B 213 12.45 38.76 -3.79
C TYR B 213 13.26 38.92 -5.06
N SER B 214 14.53 39.32 -4.92
CA SER B 214 15.43 39.43 -6.06
C SER B 214 16.37 38.20 -6.11
N GLY B 215 16.17 37.30 -7.10
CA GLY B 215 17.07 36.17 -7.13
C GLY B 215 16.27 34.87 -7.13
N GLN B 216 16.98 33.76 -6.99
CA GLN B 216 16.35 32.45 -7.13
C GLN B 216 16.14 31.81 -5.77
N LEU B 217 14.93 31.25 -5.55
CA LEU B 217 14.71 30.38 -4.40
C LEU B 217 14.62 28.97 -4.98
N SER B 218 15.63 28.14 -4.73
CA SER B 218 15.71 26.85 -5.41
C SER B 218 14.78 25.84 -4.75
N ARG B 219 14.20 24.95 -5.58
CA ARG B 219 13.39 23.93 -4.93
C ARG B 219 14.26 23.08 -4.02
N SER B 220 13.62 22.56 -2.98
CA SER B 220 14.22 21.81 -1.90
C SER B 220 15.01 22.66 -0.94
N SER B 221 14.90 23.98 -1.01
CA SER B 221 15.53 24.78 0.04
C SER B 221 14.60 24.94 1.23
N TYR B 222 15.17 25.34 2.37
CA TYR B 222 14.33 25.58 3.54
C TYR B 222 14.52 26.96 4.14
N PHE B 223 15.47 27.74 3.65
CA PHE B 223 15.79 29.06 4.20
C PHE B 223 15.61 30.09 3.10
N ILE B 224 14.85 31.13 3.39
CA ILE B 224 14.65 32.24 2.45
C ILE B 224 15.36 33.45 3.06
N PRO B 225 16.47 33.88 2.49
CA PRO B 225 17.21 35.03 3.05
C PRO B 225 16.45 36.33 2.91
N GLY B 226 16.69 37.22 3.86
CA GLY B 226 16.06 38.53 3.85
C GLY B 226 15.54 38.85 5.24
N ASP B 227 15.23 40.14 5.41
CA ASP B 227 14.70 40.62 6.67
C ASP B 227 13.20 40.85 6.53
N TYR B 228 12.42 39.87 7.00
CA TYR B 228 10.97 39.95 6.93
C TYR B 228 10.36 40.16 8.31
N THR B 229 11.17 40.60 9.30
CA THR B 229 10.65 40.64 10.66
C THR B 229 9.60 41.73 10.86
N SER B 230 9.51 42.70 9.95
CA SER B 230 8.47 43.70 10.06
C SER B 230 7.08 43.15 9.72
N GLY B 231 6.99 42.02 9.01
CA GLY B 231 5.69 41.56 8.55
C GLY B 231 5.33 40.13 8.92
N LEU B 232 6.32 39.31 9.32
CA LEU B 232 6.08 37.88 9.51
C LEU B 232 6.46 37.42 10.92
N ASN B 233 5.74 36.40 11.40
CA ASN B 233 5.97 35.76 12.68
C ASN B 233 6.04 34.25 12.48
N VAL B 234 6.68 33.59 13.44
CA VAL B 234 6.58 32.12 13.48
C VAL B 234 5.11 31.71 13.44
N GLY B 235 4.82 30.65 12.66
CA GLY B 235 3.49 30.15 12.50
C GLY B 235 2.71 30.75 11.34
N ASP B 236 3.12 31.89 10.79
CA ASP B 236 2.47 32.46 9.62
C ASP B 236 2.66 31.56 8.39
N ILE B 237 1.69 31.61 7.49
CA ILE B 237 1.80 30.91 6.22
C ILE B 237 1.98 31.95 5.12
N ILE B 238 2.99 31.74 4.30
CA ILE B 238 3.29 32.64 3.20
C ILE B 238 2.95 31.98 1.88
N ARG B 239 2.62 32.80 0.91
CA ARG B 239 2.50 32.41 -0.49
C ARG B 239 3.75 32.87 -1.21
N VAL B 240 4.38 31.97 -1.95
CA VAL B 240 5.54 32.33 -2.78
C VAL B 240 5.06 32.25 -4.23
N GLU B 241 5.00 33.39 -4.94
CA GLU B 241 4.38 33.46 -6.27
C GLU B 241 5.50 33.65 -7.29
N ASN B 242 5.75 32.65 -8.11
CA ASN B 242 6.80 32.77 -9.14
C ASN B 242 6.43 33.81 -10.18
N ILE B 243 7.47 34.56 -10.66
CA ILE B 243 7.33 35.43 -11.79
C ILE B 243 8.18 34.97 -12.99
N ASP B 244 9.48 34.78 -12.78
CA ASP B 244 10.39 34.55 -13.89
C ASP B 244 10.93 33.14 -13.99
N GLY B 245 10.70 32.26 -13.00
CA GLY B 245 11.16 30.90 -13.11
C GLY B 245 10.32 30.09 -14.08
N THR B 246 10.88 28.92 -14.49
CA THR B 246 10.23 28.05 -15.47
C THR B 246 9.97 26.65 -14.91
N ASP B 247 9.80 26.55 -13.61
CA ASP B 247 9.55 25.24 -12.95
C ASP B 247 8.05 24.90 -12.84
N GLY B 248 7.24 25.25 -13.82
CA GLY B 248 5.89 24.75 -13.88
C GLY B 248 5.83 23.58 -14.86
N VAL B 249 4.69 22.87 -14.86
CA VAL B 249 4.49 21.84 -15.87
C VAL B 249 4.62 22.46 -17.27
N HIS B 250 5.26 21.72 -18.20
CA HIS B 250 5.56 22.21 -19.56
C HIS B 250 6.50 23.41 -19.58
N GLY B 251 7.25 23.65 -18.51
CA GLY B 251 8.12 24.81 -18.45
C GLY B 251 7.40 26.14 -18.29
N ASN B 252 6.11 26.14 -17.92
CA ASN B 252 5.38 27.40 -17.78
C ASN B 252 5.82 28.19 -16.54
N LYS B 253 5.54 29.53 -16.56
CA LYS B 253 6.00 30.40 -15.48
C LYS B 253 4.97 30.70 -14.41
N GLU B 254 3.76 30.17 -14.51
CA GLU B 254 2.69 30.47 -13.57
C GLU B 254 2.60 29.33 -12.58
N TYR B 255 3.06 29.58 -11.36
CA TYR B 255 2.93 28.60 -10.30
C TYR B 255 3.28 29.34 -9.00
N PHE B 256 2.92 28.70 -7.91
CA PHE B 256 3.12 29.26 -6.58
C PHE B 256 3.05 28.10 -5.60
N GLU B 257 3.43 28.39 -4.35
CA GLU B 257 3.26 27.40 -3.30
C GLU B 257 3.07 28.14 -1.99
N MET B 258 2.54 27.43 -0.97
CA MET B 258 2.40 27.96 0.39
C MET B 258 3.33 27.19 1.34
N LEU B 259 3.89 27.93 2.31
CA LEU B 259 4.85 27.43 3.27
C LEU B 259 4.56 28.02 4.65
N LYS B 260 4.90 27.29 5.69
CA LYS B 260 4.70 27.79 7.05
C LYS B 260 6.04 28.21 7.65
N VAL B 261 6.09 29.43 8.21
CA VAL B 261 7.31 29.90 8.89
C VAL B 261 7.56 29.15 10.20
N SER B 262 8.73 28.50 10.32
CA SER B 262 9.08 27.80 11.55
C SER B 262 10.11 28.55 12.41
N SER B 263 10.89 29.43 11.82
CA SER B 263 11.84 30.28 12.58
C SER B 263 11.98 31.56 11.79
N ILE B 264 12.33 32.65 12.48
CA ILE B 264 12.60 33.89 11.74
C ILE B 264 13.62 34.71 12.53
N ASP B 265 14.54 35.33 11.81
CA ASP B 265 15.35 36.38 12.43
C ASP B 265 15.71 37.36 11.33
N SER B 266 16.61 38.33 11.62
CA SER B 266 16.79 39.34 10.61
C SER B 266 17.52 38.83 9.39
N SER B 267 18.14 37.66 9.45
CA SER B 267 18.84 37.11 8.30
C SER B 267 17.92 36.34 7.34
N GLY B 268 16.78 35.85 7.82
CA GLY B 268 15.88 35.15 6.91
C GLY B 268 14.86 34.32 7.67
N ILE B 269 14.01 33.67 6.90
CA ILE B 269 13.00 32.78 7.47
C ILE B 269 13.34 31.33 7.12
N THR B 270 13.02 30.48 8.03
CA THR B 270 13.05 29.05 7.78
C THR B 270 11.61 28.52 7.74
N VAL B 271 11.36 27.53 6.85
CA VAL B 271 9.98 27.03 6.66
C VAL B 271 9.94 25.57 7.03
N GLU B 272 8.76 25.13 7.47
CA GLU B 272 8.55 23.82 8.08
C GLU B 272 8.74 22.67 7.08
N THR B 273 8.43 22.91 5.80
CA THR B 273 8.68 21.95 4.73
C THR B 273 9.49 22.61 3.64
N ARG B 274 10.37 21.85 3.01
CA ARG B 274 11.21 22.40 1.95
C ARG B 274 10.38 22.79 0.72
N LEU B 275 10.85 23.83 0.01
CA LEU B 275 10.18 24.26 -1.22
C LEU B 275 10.02 23.12 -2.24
N ARG B 276 8.83 23.05 -2.81
CA ARG B 276 8.56 22.09 -3.89
C ARG B 276 9.00 22.60 -5.26
N TYR B 277 9.02 23.92 -5.49
CA TYR B 277 9.30 24.47 -6.81
C TYR B 277 10.46 25.46 -6.71
N THR B 278 11.12 25.64 -7.85
CA THR B 278 12.13 26.69 -7.99
C THR B 278 11.49 27.96 -8.52
N HIS B 279 11.72 29.09 -7.78
CA HIS B 279 11.07 30.37 -8.09
C HIS B 279 12.17 31.36 -8.42
N VAL B 280 11.92 32.19 -9.42
CA VAL B 280 12.89 33.23 -9.79
C VAL B 280 12.17 34.58 -9.71
N ASN B 281 12.76 35.51 -8.94
CA ASN B 281 12.14 36.80 -8.63
C ASN B 281 10.68 36.72 -8.16
N PRO B 282 10.37 35.85 -7.21
CA PRO B 282 8.99 35.72 -6.74
C PRO B 282 8.55 36.86 -5.83
N TRP B 283 7.24 36.97 -5.67
CA TRP B 283 6.63 37.68 -4.55
C TRP B 283 6.50 36.76 -3.35
N ILE B 284 6.75 37.31 -2.15
CA ILE B 284 6.53 36.62 -0.88
C ILE B 284 5.40 37.36 -0.19
N VAL B 285 4.28 36.66 0.09
CA VAL B 285 3.04 37.34 0.47
C VAL B 285 2.50 36.66 1.71
N LYS B 286 2.10 37.46 2.72
CA LYS B 286 1.50 36.86 3.92
C LYS B 286 0.05 36.45 3.67
N THR B 287 -0.28 35.17 3.97
CA THR B 287 -1.68 34.75 3.90
C THR B 287 -2.38 34.98 5.24
N GLY B 288 -3.71 34.80 5.25
CA GLY B 288 -4.43 34.72 6.51
C GLY B 288 -5.21 33.43 6.66
N LEU B 289 -4.55 32.30 6.46
CA LEU B 289 -5.24 31.01 6.62
C LEU B 289 -5.77 30.87 8.05
N VAL B 290 -7.01 30.33 8.16
CA VAL B 290 -7.67 30.04 9.44
C VAL B 290 -6.85 28.99 10.22
N LYS B 291 -6.71 29.18 11.54
CA LYS B 291 -5.85 28.31 12.36
C LYS B 291 -6.67 27.09 12.83
N GLY B 292 -6.71 26.08 11.97
CA GLY B 292 -7.41 24.84 12.28
C GLY B 292 -8.91 24.90 11.94
N SER B 293 -9.48 23.71 11.71
CA SER B 293 -10.95 23.51 11.70
C SER B 293 -11.14 22.02 11.61
N SER B 294 -12.29 21.54 12.05
CA SER B 294 -12.52 20.10 11.94
C SER B 294 -14.00 19.82 11.78
N VAL B 295 -14.30 18.74 11.05
CA VAL B 295 -15.68 18.26 10.94
C VAL B 295 -15.63 16.76 11.08
N THR B 296 -16.38 16.21 12.02
CA THR B 296 -16.36 14.76 12.31
C THR B 296 -17.69 14.37 12.91
N GLY B 297 -17.89 13.06 13.11
CA GLY B 297 -18.96 12.63 14.00
C GLY B 297 -19.89 11.52 13.53
N GLY B 298 -19.92 11.25 12.23
CA GLY B 298 -20.68 10.16 11.63
C GLY B 298 -21.98 10.57 10.94
N GLY B 299 -22.37 11.86 11.08
CA GLY B 299 -23.54 12.39 10.43
C GLY B 299 -23.31 12.82 9.00
N ARG B 300 -24.24 13.60 8.50
CA ARG B 300 -24.30 13.94 7.07
C ARG B 300 -24.31 15.44 6.88
N LEU B 301 -23.53 15.91 5.89
CA LEU B 301 -23.53 17.31 5.46
C LEU B 301 -23.82 17.38 3.98
N LYS B 302 -24.70 18.31 3.56
CA LYS B 302 -24.98 18.45 2.13
C LYS B 302 -23.77 19.02 1.37
N ARG B 303 -23.13 20.05 1.91
CA ARG B 303 -22.08 20.72 1.17
C ARG B 303 -21.13 21.37 2.16
N LEU B 304 -19.88 20.95 2.15
CA LEU B 304 -18.84 21.49 3.02
C LEU B 304 -17.69 22.03 2.18
N GLU B 305 -17.35 23.32 2.36
CA GLU B 305 -16.27 23.97 1.62
C GLU B 305 -15.27 24.43 2.65
N VAL B 306 -14.04 23.96 2.54
CA VAL B 306 -13.00 24.29 3.48
C VAL B 306 -11.93 25.00 2.67
N ARG B 307 -11.80 26.32 2.85
CA ARG B 307 -10.96 27.12 1.97
C ARG B 307 -10.04 27.98 2.80
N GLY B 308 -8.76 27.91 2.50
CA GLY B 308 -7.83 28.78 3.21
C GLY B 308 -7.71 28.41 4.69
N VAL B 309 -7.51 27.13 5.04
CA VAL B 309 -7.40 26.71 6.43
C VAL B 309 -6.05 26.06 6.63
N ASP B 310 -5.39 26.43 7.73
CA ASP B 310 -4.16 25.76 8.19
C ASP B 310 -4.55 24.54 9.04
N THR B 311 -4.28 23.32 8.53
CA THR B 311 -4.49 22.04 9.21
C THR B 311 -5.97 21.76 9.44
N PRO B 312 -6.77 21.66 8.37
CA PRO B 312 -8.17 21.19 8.50
C PRO B 312 -8.22 19.67 8.64
N LYS B 313 -9.23 19.21 9.39
CA LYS B 313 -9.47 17.77 9.50
C LYS B 313 -10.93 17.53 9.11
N VAL B 314 -11.18 16.63 8.17
CA VAL B 314 -12.56 16.23 7.87
C VAL B 314 -12.56 14.71 7.88
N ASN B 315 -13.31 14.09 8.79
CA ASN B 315 -13.18 12.63 8.97
C ASN B 315 -14.51 12.00 9.38
N SER B 316 -14.80 10.81 8.83
CA SER B 316 -15.92 10.00 9.34
C SER B 316 -17.24 10.71 9.23
N VAL B 317 -17.49 11.37 8.10
CA VAL B 317 -18.79 11.96 7.80
C VAL B 317 -19.16 11.64 6.37
N ASP B 318 -20.47 11.72 6.10
CA ASP B 318 -21.05 11.59 4.78
C ASP B 318 -21.26 13.02 4.28
N VAL B 319 -20.53 13.42 3.24
CA VAL B 319 -20.58 14.82 2.74
C VAL B 319 -20.96 14.78 1.26
N ASP B 320 -22.16 15.25 0.91
CA ASP B 320 -22.63 15.06 -0.47
C ASP B 320 -21.71 15.78 -1.46
N ARG B 321 -21.19 16.95 -1.09
CA ARG B 321 -20.31 17.70 -1.97
C ARG B 321 -19.25 18.29 -1.07
N LEU B 322 -17.97 17.97 -1.30
CA LEU B 322 -16.88 18.41 -0.42
C LEU B 322 -15.86 19.13 -1.27
N ILE B 323 -15.47 20.35 -0.89
CA ILE B 323 -14.45 21.12 -1.61
C ILE B 323 -13.41 21.56 -0.61
N VAL B 324 -12.14 21.27 -0.87
CA VAL B 324 -11.05 21.67 0.03
C VAL B 324 -10.02 22.40 -0.83
N GLY B 325 -9.75 23.66 -0.52
CA GLY B 325 -8.89 24.39 -1.43
C GLY B 325 -8.04 25.41 -0.70
N LEU B 326 -6.82 25.59 -1.21
CA LEU B 326 -5.85 26.55 -0.63
C LEU B 326 -5.68 26.28 0.87
N CYS B 327 -5.39 25.02 1.22
CA CYS B 327 -5.21 24.62 2.59
C CYS B 327 -3.78 24.10 2.75
N TYR B 328 -3.39 23.91 4.03
CA TYR B 328 -2.06 23.47 4.40
C TYR B 328 -2.19 22.30 5.37
N ASN B 329 -1.41 21.22 5.16
CA ASN B 329 -1.38 20.03 6.04
C ASN B 329 -2.78 19.46 6.30
N ILE B 330 -3.48 19.10 5.20
CA ILE B 330 -4.85 18.60 5.31
C ILE B 330 -4.85 17.17 5.86
N ASP B 331 -5.97 16.80 6.44
CA ASP B 331 -6.17 15.38 6.83
C ASP B 331 -7.62 15.07 6.58
N VAL B 332 -7.91 14.31 5.53
CA VAL B 332 -9.29 14.08 5.15
C VAL B 332 -9.43 12.59 4.88
N GLY B 333 -10.38 11.95 5.53
CA GLY B 333 -10.46 10.50 5.34
C GLY B 333 -11.70 9.91 5.94
N GLU B 334 -11.99 8.66 5.52
CA GLU B 334 -13.22 8.00 5.92
C GLU B 334 -14.41 8.87 5.60
N ILE B 335 -14.46 9.28 4.35
CA ILE B 335 -15.51 10.15 3.82
C ILE B 335 -16.31 9.36 2.82
N THR B 336 -17.63 9.53 2.80
CA THR B 336 -18.47 9.07 1.72
C THR B 336 -19.17 10.27 1.13
N SER B 337 -19.40 10.24 -0.18
CA SER B 337 -19.98 11.40 -0.87
C SER B 337 -20.86 10.88 -2.00
N ARG B 338 -22.18 11.15 -1.95
CA ARG B 338 -23.11 10.74 -2.99
C ARG B 338 -23.26 11.75 -4.12
N GLY B 339 -22.57 12.90 -4.02
CA GLY B 339 -22.67 13.93 -5.04
C GLY B 339 -23.93 14.80 -4.93
N VAL B 340 -23.95 15.89 -5.70
CA VAL B 340 -25.14 16.72 -5.86
C VAL B 340 -25.39 16.97 -7.36
N GLY B 341 -24.89 16.07 -8.20
CA GLY B 341 -25.06 16.26 -9.64
C GLY B 341 -24.19 17.33 -10.25
N GLU B 342 -23.12 17.72 -9.56
CA GLU B 342 -22.17 18.71 -10.09
C GLU B 342 -21.05 17.97 -10.80
N PRO B 343 -20.21 18.68 -11.56
CA PRO B 343 -19.18 17.99 -12.34
C PRO B 343 -18.16 17.21 -11.51
N SER B 344 -17.93 17.61 -10.27
CA SER B 344 -17.15 16.88 -9.27
C SER B 344 -18.02 16.70 -8.04
N SER B 345 -17.68 15.67 -7.24
CA SER B 345 -18.31 15.47 -5.93
C SER B 345 -17.36 15.80 -4.78
N VAL B 346 -16.10 15.45 -4.93
CA VAL B 346 -15.09 15.74 -3.90
C VAL B 346 -13.89 16.37 -4.62
N ASN B 347 -13.50 17.61 -4.27
CA ASN B 347 -12.24 17.96 -4.90
C ASN B 347 -11.31 18.69 -3.96
N PHE B 348 -10.02 18.59 -4.30
CA PHE B 348 -8.90 19.14 -3.53
C PHE B 348 -8.11 20.03 -4.47
N THR B 349 -7.86 21.28 -4.08
CA THR B 349 -7.18 22.17 -5.00
C THR B 349 -6.14 22.96 -4.22
N PHE B 350 -4.91 23.04 -4.74
CA PHE B 350 -3.85 23.88 -4.10
C PHE B 350 -3.72 23.60 -2.61
N CYS B 351 -3.48 22.34 -2.27
CA CYS B 351 -3.21 21.94 -0.89
C CYS B 351 -1.72 21.65 -0.74
N PHE B 352 -1.09 22.29 0.22
CA PHE B 352 0.36 22.25 0.40
C PHE B 352 0.73 21.66 1.74
N GLY B 353 2.06 21.44 1.92
CA GLY B 353 2.58 20.88 3.16
C GLY B 353 2.64 19.36 3.06
N ARG B 354 2.14 18.69 4.09
CA ARG B 354 2.17 17.21 4.13
C ARG B 354 0.77 16.76 4.48
N GLY B 355 0.00 16.35 3.49
CA GLY B 355 -1.41 16.04 3.67
C GLY B 355 -1.67 14.54 3.67
N PHE B 356 -2.84 14.12 4.14
CA PHE B 356 -3.30 12.75 4.04
C PHE B 356 -4.72 12.77 3.50
N LEU B 357 -4.99 11.87 2.54
CA LEU B 357 -6.31 11.66 1.95
C LEU B 357 -6.54 10.16 1.89
N TYR B 358 -7.52 9.63 2.61
CA TYR B 358 -7.62 8.16 2.72
C TYR B 358 -9.06 7.72 2.86
N ASN B 359 -9.33 6.50 2.36
CA ASN B 359 -10.62 5.81 2.55
C ASN B 359 -11.79 6.72 2.13
N VAL B 360 -11.80 7.08 0.84
CA VAL B 360 -12.81 7.98 0.29
C VAL B 360 -13.62 7.23 -0.75
N ARG B 361 -14.96 7.23 -0.61
CA ARG B 361 -15.88 6.73 -1.65
C ARG B 361 -16.64 7.95 -2.17
N ALA B 362 -16.46 8.28 -3.46
CA ALA B 362 -17.07 9.48 -4.03
C ALA B 362 -17.83 9.09 -5.26
N SER B 363 -19.01 9.71 -5.50
CA SER B 363 -19.82 9.28 -6.64
C SER B 363 -20.81 10.39 -7.00
N GLY B 364 -21.56 10.16 -8.06
CA GLY B 364 -22.75 10.97 -8.34
C GLY B 364 -22.49 12.27 -9.07
N SER B 365 -21.35 12.42 -9.68
CA SER B 365 -21.03 13.61 -10.42
C SER B 365 -21.57 13.53 -11.85
N VAL B 366 -21.92 14.69 -12.41
CA VAL B 366 -22.50 14.80 -13.76
C VAL B 366 -21.84 16.02 -14.38
N SER B 367 -21.21 15.85 -15.56
CA SER B 367 -20.52 16.96 -16.22
C SER B 367 -20.94 17.09 -17.68
N THR B 368 -20.74 18.33 -18.22
CA THR B 368 -20.78 18.53 -19.66
C THR B 368 -19.40 18.78 -20.24
N THR B 369 -18.42 19.23 -19.45
CA THR B 369 -17.02 19.27 -19.86
C THR B 369 -16.14 18.49 -18.87
N ASP B 370 -14.90 18.17 -19.28
CA ASP B 370 -13.99 17.33 -18.49
C ASP B 370 -14.01 17.71 -17.01
N ASN B 371 -14.19 16.69 -16.15
CA ASN B 371 -14.17 16.85 -14.71
C ASN B 371 -14.16 15.43 -14.15
N SER B 372 -14.28 15.32 -12.84
CA SER B 372 -14.10 14.01 -12.20
C SER B 372 -14.84 13.95 -10.87
N ALA B 373 -15.34 12.75 -10.54
CA ALA B 373 -16.01 12.54 -9.26
C ALA B 373 -15.11 12.94 -8.11
N LEU B 374 -13.89 12.43 -8.10
CA LEU B 374 -12.84 12.80 -7.16
C LEU B 374 -11.73 13.49 -7.95
N LYS B 375 -11.47 14.74 -7.66
CA LYS B 375 -10.60 15.56 -8.50
C LYS B 375 -9.59 16.27 -7.63
N LEU B 376 -8.32 16.18 -8.00
CA LEU B 376 -7.25 16.89 -7.28
C LEU B 376 -6.53 17.77 -8.26
N MET B 377 -6.23 19.02 -7.87
CA MET B 377 -5.47 19.91 -8.72
C MET B 377 -4.32 20.46 -7.90
N SER B 378 -3.07 20.14 -8.29
CA SER B 378 -1.86 20.66 -7.66
C SER B 378 -1.84 20.53 -6.13
N CYS B 379 -1.55 19.31 -5.69
CA CYS B 379 -1.48 18.93 -4.27
C CYS B 379 -0.15 18.23 -4.03
N PRO B 380 0.96 18.95 -4.16
CA PRO B 380 2.27 18.32 -3.96
C PRO B 380 2.40 17.75 -2.55
N GLY B 381 3.11 16.61 -2.45
CA GLY B 381 3.44 16.07 -1.13
C GLY B 381 2.30 15.32 -0.45
N LEU B 382 1.17 15.16 -1.12
CA LEU B 382 0.01 14.51 -0.50
C LEU B 382 0.14 13.00 -0.56
N ILE B 383 -0.21 12.33 0.54
CA ILE B 383 -0.33 10.86 0.55
C ILE B 383 -1.80 10.51 0.31
N ILE B 384 -2.09 9.69 -0.70
CA ILE B 384 -3.48 9.28 -1.05
C ILE B 384 -3.53 7.78 -0.91
N ASN B 385 -4.47 7.27 -0.09
CA ASN B 385 -4.53 5.81 0.13
C ASN B 385 -5.97 5.37 0.09
N ASN B 386 -6.33 4.46 -0.83
CA ASN B 386 -7.64 3.79 -0.82
C ASN B 386 -8.79 4.73 -1.18
N CYS B 387 -8.90 5.03 -2.44
CA CYS B 387 -10.06 5.81 -2.91
C CYS B 387 -10.87 4.96 -3.87
N SER B 388 -12.20 5.05 -3.76
CA SER B 388 -13.08 4.14 -4.49
C SER B 388 -14.22 4.91 -5.15
N PRO B 389 -13.93 5.65 -6.21
CA PRO B 389 -14.98 6.42 -6.87
C PRO B 389 -15.80 5.59 -7.85
N HIS B 390 -17.05 6.04 -8.08
CA HIS B 390 -17.91 5.31 -9.00
C HIS B 390 -19.04 6.23 -9.44
N ASN B 391 -19.87 5.75 -10.39
CA ASN B 391 -21.07 6.49 -10.84
C ASN B 391 -20.75 7.94 -11.21
N SER B 392 -19.85 8.13 -12.17
CA SER B 392 -19.61 9.44 -12.78
C SER B 392 -20.19 9.44 -14.19
N THR B 393 -20.80 10.58 -14.60
CA THR B 393 -21.56 10.65 -15.83
C THR B 393 -21.18 11.90 -16.63
N SER B 394 -21.12 11.78 -17.98
CA SER B 394 -20.93 12.96 -18.81
C SER B 394 -22.06 12.96 -19.82
N THR B 395 -22.57 14.15 -20.10
CA THR B 395 -23.81 14.31 -20.81
C THR B 395 -23.57 14.78 -22.23
N GLY B 396 -22.30 14.88 -22.65
CA GLY B 396 -21.98 15.26 -24.02
C GLY B 396 -20.80 14.53 -24.61
N SER B 397 -19.80 15.24 -25.12
CA SER B 397 -18.67 14.60 -25.78
C SER B 397 -17.38 14.49 -24.98
N GLN B 398 -17.30 15.12 -23.81
CA GLN B 398 -16.12 15.10 -22.96
C GLN B 398 -16.35 14.09 -21.82
N GLY B 399 -15.39 14.04 -20.87
CA GLY B 399 -15.37 12.97 -19.89
C GLY B 399 -15.86 13.42 -18.52
N ASP B 400 -16.25 12.46 -17.66
CA ASP B 400 -16.40 12.72 -16.24
C ASP B 400 -15.77 11.53 -15.52
N TYR B 401 -14.51 11.69 -15.15
CA TYR B 401 -13.65 10.61 -14.70
C TYR B 401 -14.06 10.16 -13.31
N GLY B 402 -13.51 9.03 -12.89
CA GLY B 402 -13.64 8.64 -11.49
C GLY B 402 -12.61 9.33 -10.63
N PHE B 403 -11.36 9.33 -11.08
CA PHE B 403 -10.24 9.90 -10.32
C PHE B 403 -9.37 10.67 -11.27
N TYR B 404 -9.06 11.92 -10.93
CA TYR B 404 -8.29 12.77 -11.84
C TYR B 404 -7.38 13.63 -10.99
N VAL B 405 -6.08 13.54 -11.23
CA VAL B 405 -5.08 14.40 -10.60
C VAL B 405 -4.54 15.25 -11.74
N ASP B 406 -4.73 16.58 -11.62
CA ASP B 406 -4.47 17.50 -12.72
C ASP B 406 -3.52 18.56 -12.19
N ALA B 407 -2.73 19.13 -13.07
CA ALA B 407 -1.83 20.18 -12.62
C ALA B 407 -2.15 21.52 -13.24
N TYR B 408 -3.15 21.64 -14.13
CA TYR B 408 -3.45 22.90 -14.80
C TYR B 408 -4.76 23.42 -14.22
N TYR B 409 -4.71 24.56 -13.52
CA TYR B 409 -5.93 25.24 -13.08
C TYR B 409 -5.68 26.69 -13.46
N SER B 410 -6.24 27.10 -14.61
CA SER B 410 -5.74 28.29 -15.30
C SER B 410 -5.69 29.49 -14.34
N PRO B 411 -4.59 30.19 -14.28
CA PRO B 411 -3.43 30.08 -15.17
C PRO B 411 -2.34 29.15 -14.73
N TYR B 412 -2.51 28.48 -13.60
CA TYR B 412 -1.40 27.86 -12.89
C TYR B 412 -1.08 26.45 -13.37
N TRP B 413 0.22 26.13 -13.42
CA TRP B 413 0.74 24.81 -13.77
C TRP B 413 1.62 24.23 -12.65
N CYS B 414 1.14 24.23 -11.43
CA CYS B 414 1.93 23.76 -10.29
C CYS B 414 2.07 22.24 -10.33
N TRP B 415 3.31 21.76 -10.31
CA TRP B 415 3.57 20.32 -10.32
C TRP B 415 2.90 19.62 -9.14
N ASN B 416 2.39 18.41 -9.42
CA ASN B 416 2.05 17.45 -8.35
C ASN B 416 3.32 16.70 -7.96
N ASP B 417 4.18 17.39 -7.23
CA ASP B 417 5.51 16.91 -6.87
C ASP B 417 5.48 16.08 -5.61
N GLY B 418 5.98 14.84 -5.68
CA GLY B 418 6.22 14.09 -4.44
C GLY B 418 5.00 13.45 -3.81
N MET B 419 3.92 13.25 -4.58
CA MET B 419 2.74 12.56 -4.10
C MET B 419 3.04 11.08 -3.93
N SER B 420 2.33 10.43 -3.01
CA SER B 420 2.34 8.97 -2.87
C SER B 420 0.90 8.54 -3.01
N ILE B 421 0.59 7.68 -4.01
CA ILE B 421 -0.79 7.28 -4.29
C ILE B 421 -0.83 5.77 -4.27
N ASN B 422 -1.70 5.21 -3.45
CA ASN B 422 -1.82 3.75 -3.36
C ASN B 422 -3.27 3.33 -3.24
N GLY B 423 -3.74 2.50 -4.15
CA GLY B 423 -5.05 1.88 -3.92
C GLY B 423 -6.18 2.70 -4.52
N ILE B 424 -6.35 2.74 -5.84
CA ILE B 424 -7.44 3.51 -6.43
C ILE B 424 -8.23 2.53 -7.25
N VAL B 425 -9.51 2.38 -6.93
CA VAL B 425 -10.40 1.40 -7.60
C VAL B 425 -11.44 2.19 -8.39
N THR B 426 -11.50 2.02 -9.71
CA THR B 426 -12.42 2.82 -10.55
C THR B 426 -13.32 1.91 -11.38
N GLU B 427 -14.34 2.52 -11.98
CA GLU B 427 -15.18 1.87 -12.98
C GLU B 427 -15.33 2.84 -14.14
N THR B 428 -15.82 2.35 -15.27
CA THR B 428 -15.87 3.20 -16.46
C THR B 428 -16.94 4.28 -16.30
N PRO B 429 -16.63 5.53 -16.60
CA PRO B 429 -17.67 6.55 -16.56
C PRO B 429 -18.83 6.21 -17.47
N ARG B 430 -19.99 6.77 -17.13
CA ARG B 430 -21.20 6.68 -17.98
C ARG B 430 -21.12 7.85 -18.95
N SER B 431 -20.41 7.63 -20.05
CA SER B 431 -19.82 8.70 -20.86
C SER B 431 -19.47 8.11 -22.21
N ALA B 432 -19.40 8.96 -23.26
CA ALA B 432 -18.77 8.52 -24.49
C ALA B 432 -17.27 8.32 -24.34
N VAL B 433 -16.68 8.90 -23.32
CA VAL B 433 -15.27 8.79 -23.03
C VAL B 433 -15.06 7.69 -21.99
N THR B 434 -14.31 6.64 -22.35
CA THR B 434 -14.15 5.50 -21.44
C THR B 434 -13.01 5.66 -20.47
N ARG B 435 -12.12 6.63 -20.72
CA ARG B 435 -11.07 6.94 -19.75
C ARG B 435 -11.68 7.17 -18.35
N ALA B 436 -11.07 6.56 -17.31
CA ALA B 436 -11.64 6.57 -15.96
C ALA B 436 -10.75 7.16 -14.92
N LEU B 437 -9.43 7.00 -15.07
CA LEU B 437 -8.44 7.39 -14.08
C LEU B 437 -7.35 8.15 -14.83
N TRP B 438 -7.11 9.41 -14.49
CA TRP B 438 -6.23 10.24 -15.31
C TRP B 438 -5.27 10.94 -14.37
N LEU B 439 -3.96 10.71 -14.55
CA LEU B 439 -2.92 11.37 -13.72
C LEU B 439 -2.12 12.27 -14.66
N PHE B 440 -2.09 13.60 -14.38
CA PHE B 440 -1.37 14.51 -15.24
C PHE B 440 -0.44 15.36 -14.36
N GLY B 441 0.79 15.54 -14.83
CA GLY B 441 1.64 16.53 -14.17
C GLY B 441 2.17 16.08 -12.82
N LEU B 442 2.50 14.80 -12.68
CA LEU B 442 3.15 14.27 -11.49
C LEU B 442 4.66 14.22 -11.70
N ARG B 443 5.42 14.55 -10.67
CA ARG B 443 6.87 14.36 -10.73
C ARG B 443 7.39 13.86 -9.40
N GLY B 444 8.29 12.87 -9.45
CA GLY B 444 8.82 12.26 -8.25
C GLY B 444 7.80 11.53 -7.40
N CYS B 445 6.79 10.93 -8.03
CA CYS B 445 5.69 10.31 -7.30
C CYS B 445 5.82 8.80 -7.30
N SER B 446 5.36 8.17 -6.21
CA SER B 446 5.27 6.73 -6.10
C SER B 446 3.78 6.37 -6.19
N VAL B 447 3.41 5.62 -7.22
CA VAL B 447 2.00 5.30 -7.51
C VAL B 447 1.85 3.79 -7.67
N SER B 448 0.86 3.23 -6.97
CA SER B 448 0.70 1.76 -7.02
C SER B 448 -0.75 1.35 -6.80
N ASN B 449 -1.11 0.18 -7.34
CA ASN B 449 -2.42 -0.42 -7.07
C ASN B 449 -3.56 0.43 -7.60
N LEU B 450 -3.59 0.52 -8.91
CA LEU B 450 -4.63 1.20 -9.67
C LEU B 450 -5.38 0.13 -10.42
N SER B 451 -6.71 0.06 -10.26
CA SER B 451 -7.40 -1.03 -10.88
C SER B 451 -8.80 -0.59 -11.31
N GLY B 452 -9.39 -1.45 -12.13
CA GLY B 452 -10.82 -1.36 -12.43
C GLY B 452 -11.24 -0.86 -13.78
N ALA B 453 -10.61 0.18 -14.29
CA ALA B 453 -11.07 0.83 -15.51
C ALA B 453 -9.90 1.62 -16.12
N GLN B 454 -10.17 2.23 -17.26
CA GLN B 454 -9.10 2.73 -18.12
C GLN B 454 -8.24 3.85 -17.50
N VAL B 455 -6.92 3.63 -17.47
CA VAL B 455 -5.93 4.56 -16.90
C VAL B 455 -5.27 5.37 -18.02
N PHE B 456 -5.10 6.68 -17.78
CA PHE B 456 -4.31 7.56 -18.65
C PHE B 456 -3.24 8.20 -17.80
N LEU B 457 -2.01 8.00 -18.17
CA LEU B 457 -0.90 8.69 -17.51
C LEU B 457 -0.34 9.67 -18.51
N GLN B 458 -0.24 10.95 -18.13
CA GLN B 458 0.07 12.00 -19.11
C GLN B 458 1.07 13.02 -18.53
N GLY B 459 2.16 13.30 -19.25
CA GLY B 459 2.93 14.50 -18.81
C GLY B 459 3.49 14.38 -17.40
N CYS B 460 4.00 13.20 -17.05
CA CYS B 460 4.61 12.94 -15.76
C CYS B 460 6.12 12.75 -15.93
N ALA B 461 6.85 12.98 -14.85
CA ALA B 461 8.28 12.84 -14.90
C ALA B 461 8.80 12.10 -13.67
N LYS B 462 9.79 11.24 -13.88
CA LYS B 462 10.55 10.64 -12.78
C LYS B 462 9.65 10.05 -11.70
N SER B 463 8.79 9.12 -12.12
CA SER B 463 7.76 8.56 -11.23
C SER B 463 7.60 7.08 -11.58
N VAL B 464 7.13 6.31 -10.60
CA VAL B 464 6.92 4.88 -10.74
C VAL B 464 5.42 4.61 -10.62
N PHE B 465 4.85 3.83 -11.56
CA PHE B 465 3.43 3.50 -11.56
C PHE B 465 3.39 1.98 -11.65
N SER B 466 3.08 1.29 -10.56
CA SER B 466 3.15 -0.17 -10.54
C SER B 466 1.84 -0.78 -10.07
N ASN B 467 1.70 -2.09 -10.29
CA ASN B 467 0.48 -2.80 -9.92
C ASN B 467 -0.74 -2.13 -10.58
N ILE B 468 -0.62 -1.83 -11.86
CA ILE B 468 -1.76 -1.39 -12.64
C ILE B 468 -2.46 -2.64 -13.11
N VAL B 469 -3.73 -2.82 -12.72
CA VAL B 469 -4.50 -4.01 -13.00
C VAL B 469 -5.80 -3.58 -13.68
N THR B 470 -5.78 -3.47 -15.01
CA THR B 470 -6.97 -3.07 -15.76
C THR B 470 -7.15 -3.99 -16.96
N PRO B 471 -7.39 -5.28 -16.71
CA PRO B 471 -7.37 -6.27 -17.82
C PRO B 471 -8.43 -6.09 -18.88
N ASP B 472 -9.53 -5.37 -18.62
CA ASP B 472 -10.54 -5.14 -19.64
C ASP B 472 -10.29 -3.89 -20.47
N ASN B 473 -9.27 -3.09 -20.17
CA ASN B 473 -9.22 -1.75 -20.71
C ASN B 473 -7.93 -1.47 -21.48
N LEU B 474 -8.03 -0.43 -22.32
CA LEU B 474 -6.84 0.27 -22.81
C LEU B 474 -6.08 0.93 -21.65
N LEU B 475 -4.75 0.89 -21.71
CA LEU B 475 -3.86 1.69 -20.85
C LEU B 475 -3.21 2.71 -21.76
N GLU B 476 -3.45 4.01 -21.52
CA GLU B 476 -2.91 5.05 -22.40
C GLU B 476 -1.81 5.81 -21.67
N LEU B 477 -0.72 6.07 -22.37
CA LEU B 477 0.49 6.64 -21.78
C LEU B 477 1.02 7.74 -22.70
N ARG B 478 1.10 8.97 -22.22
CA ARG B 478 1.54 10.01 -23.15
C ARG B 478 2.55 10.95 -22.51
N ASP B 479 3.64 11.17 -23.23
CA ASP B 479 4.64 12.20 -22.85
C ASP B 479 5.17 12.02 -21.40
N LEU B 480 5.52 10.79 -21.06
CA LEU B 480 6.13 10.47 -19.78
C LEU B 480 7.63 10.57 -19.94
N SER B 481 8.30 11.11 -18.94
CA SER B 481 9.77 11.21 -19.01
C SER B 481 10.42 10.54 -17.82
N GLY B 482 11.21 9.52 -18.05
CA GLY B 482 11.85 8.81 -16.94
C GLY B 482 10.84 8.16 -16.02
N CYS B 483 9.83 7.50 -16.60
CA CYS B 483 8.87 6.82 -15.75
C CYS B 483 8.99 5.33 -15.93
N ILE B 484 8.54 4.60 -14.91
CA ILE B 484 8.48 3.14 -14.96
C ILE B 484 7.01 2.75 -14.80
N VAL B 485 6.45 2.05 -15.79
CA VAL B 485 5.02 1.68 -15.83
C VAL B 485 4.92 0.17 -15.89
N SER B 486 4.22 -0.45 -14.94
CA SER B 486 4.14 -1.92 -14.98
C SER B 486 2.77 -2.40 -14.52
N GLY B 487 2.36 -3.52 -15.10
CA GLY B 487 1.06 -4.10 -14.74
C GLY B 487 0.47 -4.84 -15.94
N MET B 488 -0.86 -4.80 -16.01
CA MET B 488 -1.56 -5.60 -17.00
C MET B 488 -2.79 -4.86 -17.49
N ALA B 489 -3.12 -5.06 -18.75
CA ALA B 489 -4.23 -4.35 -19.37
C ALA B 489 -4.74 -5.15 -20.57
N ASN B 490 -5.82 -4.67 -21.20
CA ASN B 490 -6.24 -5.32 -22.44
C ASN B 490 -5.23 -5.01 -23.54
N ASN B 491 -4.89 -3.72 -23.71
CA ASN B 491 -4.02 -3.30 -24.78
C ASN B 491 -3.49 -1.96 -24.32
N ALA B 492 -2.45 -1.45 -25.02
CA ALA B 492 -1.75 -0.24 -24.54
C ALA B 492 -1.37 0.67 -25.71
N LEU B 493 -1.26 1.98 -25.41
CA LEU B 493 -0.84 2.99 -26.36
C LEU B 493 0.23 3.81 -25.67
N VAL B 494 1.39 3.94 -26.31
CA VAL B 494 2.47 4.83 -25.84
C VAL B 494 2.65 5.95 -26.86
N LEU B 495 2.48 7.19 -26.44
CA LEU B 495 2.65 8.36 -27.33
C LEU B 495 3.84 9.15 -26.83
N GLY B 496 4.88 9.23 -27.65
CA GLY B 496 6.08 9.95 -27.25
C GLY B 496 6.83 9.13 -26.18
N CYS B 497 7.12 9.81 -25.07
CA CYS B 497 7.80 9.30 -23.89
C CYS B 497 9.30 9.19 -24.10
N TRP B 498 10.03 9.43 -23.01
CA TRP B 498 11.49 9.50 -23.04
C TRP B 498 12.05 8.74 -21.86
N ASN B 499 13.03 7.88 -22.12
CA ASN B 499 13.77 7.21 -21.04
C ASN B 499 12.85 6.44 -20.09
N SER B 500 11.81 5.83 -20.64
CA SER B 500 10.79 5.19 -19.82
C SER B 500 10.78 3.68 -20.05
N THR B 501 10.20 2.97 -19.06
CA THR B 501 10.13 1.51 -19.19
C THR B 501 8.66 1.11 -19.12
N PHE B 502 8.26 0.19 -20.02
CA PHE B 502 6.86 -0.28 -20.06
C PHE B 502 6.91 -1.80 -19.95
N ASP B 503 6.58 -2.33 -18.76
CA ASP B 503 6.65 -3.78 -18.50
C ASP B 503 5.22 -4.25 -18.29
N LEU B 504 4.58 -4.76 -19.35
CA LEU B 504 3.12 -4.95 -19.40
C LEU B 504 2.82 -6.35 -19.88
N THR B 505 1.83 -6.98 -19.24
CA THR B 505 1.14 -8.16 -19.77
C THR B 505 -0.15 -7.66 -20.38
N LEU B 506 -0.42 -8.05 -21.62
CA LEU B 506 -1.61 -7.57 -22.33
C LEU B 506 -2.42 -8.78 -22.77
N PHE B 507 -3.73 -8.67 -22.63
CA PHE B 507 -4.58 -9.85 -22.88
C PHE B 507 -5.33 -9.80 -24.20
N GLY B 508 -5.41 -8.63 -24.84
CA GLY B 508 -6.23 -8.45 -26.02
C GLY B 508 -5.56 -7.47 -26.99
N ILE B 509 -6.38 -6.88 -27.85
CA ILE B 509 -5.91 -5.92 -28.86
C ILE B 509 -6.90 -4.78 -28.94
N GLY B 510 -6.48 -3.69 -29.61
CA GLY B 510 -7.35 -2.53 -29.75
C GLY B 510 -8.54 -2.77 -30.67
N SER B 511 -9.57 -1.93 -30.49
CA SER B 511 -10.80 -1.98 -31.31
C SER B 511 -11.03 -0.72 -32.12
N GLY B 512 -10.24 0.32 -31.91
CA GLY B 512 -10.59 1.63 -32.47
C GLY B 512 -9.38 2.27 -33.09
N SER B 513 -8.85 3.35 -32.48
CA SER B 513 -7.68 3.92 -33.14
C SER B 513 -6.45 3.01 -33.01
N ASN B 514 -6.51 1.97 -32.16
CA ASN B 514 -5.41 1.04 -32.01
C ASN B 514 -5.79 -0.34 -32.53
N LEU B 515 -6.72 -0.36 -33.51
CA LEU B 515 -7.30 -1.60 -34.05
C LEU B 515 -6.28 -2.72 -34.29
N ASN B 516 -6.53 -3.85 -33.62
CA ASN B 516 -5.84 -5.14 -33.77
C ASN B 516 -4.41 -5.15 -33.25
N ILE B 517 -3.99 -4.10 -32.53
CA ILE B 517 -2.64 -3.98 -31.99
C ILE B 517 -2.64 -4.15 -30.47
N ALA B 518 -1.70 -4.96 -29.95
CA ALA B 518 -1.63 -5.10 -28.50
C ALA B 518 -0.96 -3.87 -27.87
N LEU B 519 0.26 -3.53 -28.27
CA LEU B 519 0.90 -2.27 -27.84
C LEU B 519 1.25 -1.47 -29.09
N ARG B 520 0.72 -0.25 -29.16
CA ARG B 520 1.11 0.68 -30.23
C ARG B 520 1.94 1.78 -29.63
N ALA B 521 3.00 2.19 -30.32
CA ALA B 521 3.71 3.40 -29.92
C ALA B 521 3.67 4.37 -31.09
N GLY B 522 3.52 5.66 -30.75
CA GLY B 522 3.47 6.70 -31.75
C GLY B 522 4.03 8.01 -31.21
N ALA B 523 3.67 9.10 -31.89
CA ALA B 523 4.31 10.40 -31.65
C ALA B 523 3.89 11.01 -30.32
N GLY B 524 4.82 11.79 -29.76
CA GLY B 524 4.57 12.58 -28.57
C GLY B 524 4.19 14.01 -28.98
N VAL B 525 4.04 14.86 -27.97
CA VAL B 525 3.72 16.27 -28.20
C VAL B 525 4.74 17.20 -27.53
N THR B 526 4.96 17.02 -26.22
CA THR B 526 5.76 17.96 -25.44
C THR B 526 6.56 17.24 -24.35
N HIS B 527 7.86 17.58 -24.15
CA HIS B 527 8.59 17.11 -22.92
C HIS B 527 7.94 17.76 -21.72
N PRO B 528 7.65 17.00 -20.67
CA PRO B 528 6.81 17.55 -19.59
C PRO B 528 7.55 18.56 -18.71
N GLU B 529 8.86 18.43 -18.53
CA GLU B 529 9.58 19.36 -17.65
C GLU B 529 10.07 20.57 -18.42
N THR B 530 10.66 20.34 -19.58
CA THR B 530 11.21 21.45 -20.35
C THR B 530 10.17 22.15 -21.21
N GLY B 531 9.06 21.51 -21.53
CA GLY B 531 8.10 22.06 -22.45
C GLY B 531 8.55 22.11 -23.90
N VAL B 532 9.68 21.53 -24.24
CA VAL B 532 10.09 21.56 -25.65
C VAL B 532 9.16 20.69 -26.49
N PRO B 533 8.61 21.20 -27.58
CA PRO B 533 7.78 20.38 -28.48
C PRO B 533 8.62 19.27 -29.06
N THR B 534 8.14 18.03 -28.93
CA THR B 534 8.95 16.87 -29.26
C THR B 534 8.02 15.77 -29.73
N THR B 535 8.19 15.31 -30.98
CA THR B 535 7.27 14.26 -31.43
C THR B 535 7.88 12.87 -31.35
N LEU B 536 9.20 12.72 -31.41
CA LEU B 536 9.78 11.38 -31.36
C LEU B 536 9.97 10.98 -29.90
N GLY B 537 9.51 9.80 -29.55
CA GLY B 537 9.93 9.20 -28.27
C GLY B 537 11.38 8.73 -28.36
N LYS B 538 12.02 8.48 -27.22
CA LYS B 538 13.44 8.13 -27.27
C LYS B 538 13.83 7.21 -26.11
N ASN B 539 14.60 6.18 -26.40
CA ASN B 539 15.21 5.30 -25.40
C ASN B 539 14.18 4.61 -24.51
N ASN B 540 13.01 4.25 -25.05
CA ASN B 540 11.98 3.60 -24.23
C ASN B 540 12.21 2.10 -24.32
N THR B 541 12.02 1.42 -23.20
CA THR B 541 12.12 -0.02 -23.13
C THR B 541 10.74 -0.62 -23.08
N PHE B 542 10.52 -1.65 -23.90
CA PHE B 542 9.22 -2.34 -24.01
C PHE B 542 9.44 -3.79 -23.63
N ASN B 543 8.86 -4.25 -22.52
CA ASN B 543 8.84 -5.68 -22.20
C ASN B 543 7.38 -6.07 -22.18
N VAL B 544 6.87 -6.56 -23.31
CA VAL B 544 5.45 -6.81 -23.52
C VAL B 544 5.21 -8.31 -23.67
N LYS B 545 4.31 -8.85 -22.84
CA LYS B 545 3.85 -10.23 -22.99
C LYS B 545 2.42 -10.13 -23.46
N SER B 546 2.17 -10.54 -24.69
CA SER B 546 0.90 -10.30 -25.37
C SER B 546 0.24 -11.65 -25.59
N PHE B 547 -0.90 -11.86 -24.93
CA PHE B 547 -1.52 -13.20 -24.96
C PHE B 547 -2.82 -13.25 -25.73
N SER B 548 -3.16 -12.22 -26.48
CA SER B 548 -4.34 -12.31 -27.33
C SER B 548 -4.26 -13.56 -28.19
N PRO B 549 -5.33 -14.33 -28.29
CA PRO B 549 -5.36 -15.48 -29.18
C PRO B 549 -5.93 -15.13 -30.55
N SER B 550 -6.17 -13.85 -30.83
CA SER B 550 -6.77 -13.45 -32.09
C SER B 550 -5.82 -13.68 -33.24
N SER B 551 -6.36 -14.22 -34.35
CA SER B 551 -5.55 -14.31 -35.55
C SER B 551 -5.27 -12.96 -36.19
N LEU B 552 -5.89 -11.90 -35.70
CA LEU B 552 -5.65 -10.55 -36.20
C LEU B 552 -4.55 -9.83 -35.43
N ALA B 553 -4.07 -10.39 -34.31
CA ALA B 553 -3.25 -9.61 -33.38
C ALA B 553 -1.91 -9.18 -34.00
N VAL B 554 -1.55 -7.92 -33.77
CA VAL B 554 -0.22 -7.37 -34.06
C VAL B 554 0.38 -7.02 -32.71
N THR B 555 1.41 -7.73 -32.25
CA THR B 555 1.91 -7.56 -30.88
C THR B 555 2.43 -6.15 -30.61
N LEU B 556 3.32 -5.67 -31.45
CA LEU B 556 3.91 -4.36 -31.24
C LEU B 556 3.86 -3.62 -32.56
N SER B 557 3.30 -2.40 -32.58
CA SER B 557 3.29 -1.57 -33.77
C SER B 557 3.92 -0.25 -33.37
N ILE B 558 5.10 0.05 -33.88
CA ILE B 558 5.97 1.11 -33.38
C ILE B 558 6.27 2.11 -34.48
N ALA B 559 6.03 3.38 -34.19
CA ALA B 559 6.35 4.47 -35.11
C ALA B 559 6.74 5.68 -34.27
N GLN B 560 7.50 6.59 -34.89
CA GLN B 560 7.87 7.88 -34.26
C GLN B 560 8.65 7.66 -32.94
N GLN B 561 9.64 6.78 -33.00
CA GLN B 561 10.43 6.40 -31.82
C GLN B 561 11.88 6.26 -32.23
N GLU B 562 12.76 6.92 -31.49
CA GLU B 562 14.22 6.78 -31.58
C GLU B 562 14.70 5.77 -30.54
N ARG B 563 15.50 4.80 -30.94
CA ARG B 563 16.04 3.79 -30.04
C ARG B 563 14.96 3.19 -29.13
N PRO B 564 13.87 2.67 -29.68
CA PRO B 564 13.01 1.78 -28.88
C PRO B 564 13.80 0.50 -28.60
N ILE B 565 13.68 -0.02 -27.38
CA ILE B 565 14.40 -1.24 -26.95
C ILE B 565 13.41 -2.34 -26.67
N PHE B 566 13.50 -3.45 -27.40
CA PHE B 566 12.56 -4.59 -27.20
C PHE B 566 13.31 -5.57 -26.32
N GLY B 567 12.86 -5.69 -25.06
CA GLY B 567 13.62 -6.37 -24.03
C GLY B 567 13.39 -7.86 -24.01
N ALA B 568 14.21 -8.51 -23.18
CA ALA B 568 14.21 -9.96 -23.09
C ALA B 568 12.93 -10.50 -22.49
N GLY B 569 12.09 -9.64 -21.97
CA GLY B 569 10.83 -10.10 -21.44
C GLY B 569 9.68 -10.12 -22.43
N CYS B 570 9.90 -9.87 -23.72
CA CYS B 570 8.79 -9.88 -24.66
C CYS B 570 8.36 -11.29 -25.04
N VAL B 571 7.04 -11.51 -25.06
CA VAL B 571 6.47 -12.84 -25.38
C VAL B 571 5.23 -12.60 -26.23
N ASP B 572 5.00 -13.42 -27.26
CA ASP B 572 3.65 -13.57 -27.78
C ASP B 572 3.45 -15.02 -28.17
N VAL B 573 2.28 -15.27 -28.80
CA VAL B 573 1.94 -16.65 -29.14
C VAL B 573 1.73 -16.76 -30.64
N ASP B 574 1.88 -18.00 -31.17
CA ASP B 574 2.02 -18.15 -32.61
C ASP B 574 0.71 -18.15 -33.36
N SER B 575 -0.42 -17.87 -32.70
CA SER B 575 -1.64 -17.55 -33.44
C SER B 575 -1.66 -16.12 -34.00
N ALA B 576 -0.73 -15.28 -33.55
CA ALA B 576 -0.81 -13.85 -33.91
C ALA B 576 -0.51 -13.63 -35.38
N ASN B 577 -0.89 -12.44 -35.82
CA ASN B 577 -0.69 -12.09 -37.22
C ASN B 577 0.74 -11.60 -37.50
N LYS B 578 1.32 -10.87 -36.55
CA LYS B 578 2.57 -10.13 -36.72
C LYS B 578 3.14 -9.86 -35.33
N SER B 579 4.46 -9.90 -35.18
CA SER B 579 5.07 -9.62 -33.87
C SER B 579 5.55 -8.20 -33.76
N VAL B 580 6.34 -7.71 -34.71
CA VAL B 580 6.85 -6.33 -34.61
C VAL B 580 6.65 -5.65 -35.95
N ALA B 581 5.82 -4.63 -35.97
CA ALA B 581 5.56 -3.77 -37.13
C ALA B 581 6.29 -2.48 -36.82
N LEU B 582 7.25 -2.11 -37.64
CA LEU B 582 7.89 -0.80 -37.52
C LEU B 582 7.38 0.09 -38.64
N GLY B 583 6.94 1.29 -38.28
CA GLY B 583 6.32 2.18 -39.25
C GLY B 583 7.24 3.34 -39.54
N SER B 584 6.69 4.56 -39.68
CA SER B 584 7.53 5.69 -40.03
C SER B 584 8.38 6.16 -38.86
N ASN B 585 9.55 6.73 -39.20
CA ASN B 585 10.39 7.43 -38.22
C ASN B 585 10.76 6.55 -37.02
N VAL B 586 11.20 5.32 -37.29
CA VAL B 586 11.84 4.50 -36.27
C VAL B 586 13.31 4.42 -36.61
N THR B 587 14.15 4.76 -35.63
CA THR B 587 15.58 4.75 -35.83
C THR B 587 16.19 3.97 -34.67
N VAL B 588 17.32 3.33 -34.96
CA VAL B 588 18.10 2.57 -33.97
C VAL B 588 17.19 1.62 -33.20
N PRO B 589 16.31 0.87 -33.86
CA PRO B 589 15.51 -0.10 -33.07
C PRO B 589 16.46 -1.17 -32.52
N THR B 590 16.29 -1.51 -31.22
CA THR B 590 17.24 -2.33 -30.49
C THR B 590 16.51 -3.55 -29.91
N MET B 591 17.11 -4.74 -30.00
CA MET B 591 16.42 -5.95 -29.55
C MET B 591 17.41 -6.80 -28.77
N LEU B 592 16.94 -7.35 -27.64
CA LEU B 592 17.62 -8.40 -26.93
C LEU B 592 16.91 -9.70 -27.20
N PRO B 593 17.58 -10.84 -27.04
CA PRO B 593 16.91 -12.11 -27.40
C PRO B 593 15.60 -12.31 -26.62
N LEU B 594 14.51 -12.65 -27.35
CA LEU B 594 13.18 -12.61 -26.77
C LEU B 594 12.35 -13.76 -27.33
N ALA B 595 11.07 -13.80 -26.97
CA ALA B 595 10.19 -14.93 -27.25
C ALA B 595 8.94 -14.49 -28.05
N LEU B 596 9.13 -13.60 -29.02
CA LEU B 596 8.14 -13.30 -30.03
C LEU B 596 8.22 -14.34 -31.16
N THR B 597 7.02 -14.66 -31.75
CA THR B 597 6.87 -15.85 -32.59
C THR B 597 6.49 -15.58 -34.05
N LYS B 598 6.08 -14.37 -34.40
CA LYS B 598 5.57 -14.07 -35.74
C LYS B 598 6.42 -13.00 -36.42
N GLY B 599 5.93 -12.39 -37.50
CA GLY B 599 6.82 -11.60 -38.35
C GLY B 599 7.41 -10.40 -37.62
N ILE B 600 8.66 -10.12 -37.90
CA ILE B 600 9.36 -8.93 -37.40
C ILE B 600 9.91 -8.14 -38.58
N ASP B 601 9.59 -6.86 -38.65
CA ASP B 601 10.08 -6.06 -39.77
C ASP B 601 11.61 -6.00 -39.79
N SER B 602 12.17 -5.97 -41.01
CA SER B 602 13.61 -6.05 -41.22
C SER B 602 14.24 -4.72 -41.60
N GLY B 603 15.56 -4.65 -41.40
CA GLY B 603 16.32 -3.55 -41.98
C GLY B 603 17.67 -3.42 -41.32
N SER B 604 18.52 -2.60 -41.96
CA SER B 604 19.90 -2.57 -41.54
C SER B 604 20.12 -1.81 -40.24
N GLY B 605 19.11 -1.06 -39.75
CA GLY B 605 19.25 -0.19 -38.59
C GLY B 605 19.10 -0.92 -37.24
N TRP B 606 18.70 -2.21 -37.27
CA TRP B 606 18.56 -2.98 -36.04
C TRP B 606 19.89 -3.07 -35.29
N VAL B 607 19.81 -2.87 -33.98
CA VAL B 607 20.93 -3.06 -33.05
C VAL B 607 20.59 -4.23 -32.15
N GLY B 608 21.46 -5.22 -32.08
CA GLY B 608 21.25 -6.34 -31.17
C GLY B 608 21.88 -6.13 -29.79
N GLY B 609 21.78 -7.16 -28.94
CA GLY B 609 22.36 -7.06 -27.62
C GLY B 609 23.87 -7.07 -27.68
N ARG B 610 24.48 -6.59 -26.60
CA ARG B 610 25.93 -6.52 -26.49
C ARG B 610 26.38 -7.31 -25.26
N THR B 611 27.49 -8.05 -25.39
CA THR B 611 27.94 -8.73 -24.17
C THR B 611 29.45 -8.94 -24.18
N LYS B 612 30.01 -9.04 -22.98
CA LYS B 612 31.31 -9.64 -22.71
C LYS B 612 31.16 -11.12 -22.42
N GLY B 613 32.27 -11.86 -22.55
CA GLY B 613 32.24 -13.27 -22.16
C GLY B 613 31.65 -14.21 -23.18
N GLY B 614 31.29 -13.72 -24.36
CA GLY B 614 30.71 -14.60 -25.34
C GLY B 614 29.32 -15.01 -24.89
N ILE B 615 29.02 -16.25 -25.21
CA ILE B 615 27.81 -16.91 -24.77
C ILE B 615 28.16 -18.39 -24.77
N TRP B 616 27.44 -19.16 -23.98
CA TRP B 616 27.63 -20.61 -23.98
C TRP B 616 26.40 -21.25 -24.62
N PHE B 617 26.57 -21.74 -25.85
CA PHE B 617 25.54 -22.51 -26.54
C PHE B 617 25.76 -23.94 -26.02
N ASP B 618 25.03 -24.29 -24.96
CA ASP B 618 25.33 -25.48 -24.16
C ASP B 618 24.55 -26.65 -24.74
N GLY B 619 25.17 -27.38 -25.65
CA GLY B 619 24.44 -28.45 -26.32
C GLY B 619 25.27 -29.05 -27.44
N ASN B 620 24.68 -30.05 -28.08
CA ASN B 620 25.24 -30.58 -29.32
C ASN B 620 24.33 -30.24 -30.50
N TYR B 621 24.30 -31.08 -31.55
CA TYR B 621 23.44 -30.75 -32.69
C TYR B 621 21.97 -30.61 -32.26
N ARG B 622 21.53 -31.26 -31.17
CA ARG B 622 20.14 -31.24 -30.79
C ARG B 622 19.71 -29.86 -30.30
N ASP B 623 20.57 -29.25 -29.51
CA ASP B 623 20.13 -28.12 -28.68
C ASP B 623 21.20 -27.04 -28.56
N ALA B 624 22.18 -27.05 -29.46
CA ALA B 624 23.05 -25.89 -29.66
C ALA B 624 23.13 -25.59 -31.15
N ALA B 625 22.05 -25.83 -31.88
CA ALA B 625 21.95 -25.41 -33.29
C ALA B 625 21.45 -23.97 -33.33
N VAL B 626 22.24 -23.08 -33.93
CA VAL B 626 21.92 -21.65 -34.03
C VAL B 626 21.25 -21.42 -35.38
N ARG B 627 19.99 -20.95 -35.38
CA ARG B 627 19.33 -20.64 -36.64
C ARG B 627 19.81 -19.26 -37.11
N TRP B 628 20.23 -19.14 -38.38
CA TRP B 628 20.97 -17.94 -38.78
C TRP B 628 20.71 -17.71 -40.26
N ASN B 629 19.94 -16.67 -40.62
CA ASN B 629 19.44 -16.57 -42.03
C ASN B 629 18.80 -17.91 -42.43
N GLY B 630 19.16 -18.52 -43.56
CA GLY B 630 18.54 -19.76 -44.02
C GLY B 630 19.23 -21.03 -43.55
N GLN B 631 20.14 -20.96 -42.58
CA GLN B 631 20.90 -22.14 -42.13
C GLN B 631 20.69 -22.36 -40.64
N TYR B 632 20.99 -23.59 -40.21
CA TYR B 632 21.25 -23.93 -38.82
C TYR B 632 22.74 -24.26 -38.71
N VAL B 633 23.43 -23.63 -37.80
CA VAL B 633 24.88 -23.70 -37.64
C VAL B 633 25.15 -24.35 -36.30
N TRP B 634 26.08 -25.29 -36.25
CA TRP B 634 26.39 -25.90 -34.95
C TRP B 634 27.82 -26.41 -34.94
N VAL B 635 28.36 -26.60 -33.75
CA VAL B 635 29.66 -27.27 -33.59
C VAL B 635 29.39 -28.75 -33.40
N ALA B 636 29.97 -29.58 -34.28
CA ALA B 636 29.74 -31.01 -34.26
C ALA B 636 30.57 -31.64 -33.15
N ASP B 637 30.33 -32.92 -32.90
CA ASP B 637 31.06 -33.64 -31.85
C ASP B 637 32.57 -33.73 -32.15
N ASN B 638 32.96 -33.69 -33.42
CA ASN B 638 34.38 -33.73 -33.71
C ASN B 638 35.03 -32.34 -33.71
N GLY B 639 34.29 -31.30 -33.32
CA GLY B 639 34.85 -29.97 -33.21
C GLY B 639 34.67 -29.12 -34.47
N SER B 640 34.18 -29.69 -35.55
CA SER B 640 34.03 -28.91 -36.76
C SER B 640 32.75 -28.07 -36.70
N LEU B 641 32.78 -26.95 -37.41
CA LEU B 641 31.59 -26.09 -37.56
C LEU B 641 30.81 -26.49 -38.79
N LYS B 642 29.52 -26.74 -38.64
CA LYS B 642 28.69 -27.27 -39.71
C LYS B 642 27.49 -26.34 -39.92
N ALA B 643 26.86 -26.49 -41.09
CA ALA B 643 25.63 -25.78 -41.35
C ALA B 643 24.70 -26.63 -42.21
N ALA B 644 23.40 -26.53 -41.97
CA ALA B 644 22.41 -27.21 -42.82
C ALA B 644 21.17 -26.34 -42.97
N PRO B 645 20.48 -26.43 -44.10
CA PRO B 645 19.30 -25.58 -44.31
C PRO B 645 18.04 -26.02 -43.55
N THR B 646 18.05 -27.19 -42.89
CA THR B 646 16.96 -27.62 -42.04
C THR B 646 17.58 -28.08 -40.73
N LYS B 647 16.77 -28.04 -39.67
CA LYS B 647 17.26 -28.26 -38.32
C LYS B 647 17.82 -29.68 -38.25
N PRO B 648 19.05 -29.85 -37.79
CA PRO B 648 19.70 -31.17 -37.92
C PRO B 648 19.12 -32.19 -36.96
N ASP B 649 18.83 -33.37 -37.50
CA ASP B 649 18.39 -34.50 -36.67
C ASP B 649 19.50 -35.49 -36.38
N SER B 650 20.73 -35.20 -36.81
CA SER B 650 21.94 -35.90 -36.42
C SER B 650 23.09 -34.94 -36.58
N ASP B 651 24.25 -35.40 -36.16
CA ASP B 651 25.44 -34.59 -36.29
C ASP B 651 25.92 -34.50 -37.73
N SER B 652 25.44 -35.40 -38.63
CA SER B 652 25.89 -35.46 -40.04
C SER B 652 24.72 -35.67 -40.99
N PRO B 653 23.80 -34.71 -41.09
CA PRO B 653 22.66 -34.88 -42.00
C PRO B 653 23.09 -34.82 -43.45
N SER B 654 22.27 -35.43 -44.32
CA SER B 654 22.68 -35.47 -45.73
C SER B 654 22.71 -34.09 -46.39
N ASN B 655 21.96 -33.11 -45.89
CA ASN B 655 22.02 -31.74 -46.41
C ASN B 655 22.99 -30.84 -45.64
N GLY B 656 23.88 -31.44 -44.83
CA GLY B 656 24.83 -30.70 -44.05
C GLY B 656 26.11 -30.42 -44.84
N VAL B 657 26.80 -29.37 -44.45
CA VAL B 657 28.09 -29.03 -45.03
C VAL B 657 29.00 -28.67 -43.89
N VAL B 658 30.30 -28.91 -44.05
CA VAL B 658 31.29 -28.47 -43.08
C VAL B 658 31.79 -27.08 -43.45
N ILE B 659 31.55 -26.10 -42.54
CA ILE B 659 32.11 -24.76 -42.74
C ILE B 659 33.62 -24.84 -42.60
N GLY B 660 34.11 -25.51 -41.56
CA GLY B 660 35.53 -25.71 -41.43
C GLY B 660 35.80 -26.46 -40.15
N PRO B 661 37.07 -26.77 -39.86
CA PRO B 661 38.21 -26.65 -40.77
C PRO B 661 38.06 -27.69 -41.87
N VAL C 35 -37.15 18.50 50.68
CA VAL C 35 -37.00 18.60 49.23
C VAL C 35 -36.23 17.36 48.74
N LEU C 36 -37.00 16.32 48.40
CA LEU C 36 -36.49 14.95 48.34
C LEU C 36 -37.01 14.26 47.10
N LYS C 37 -36.27 13.25 46.64
CA LYS C 37 -36.66 12.44 45.49
C LYS C 37 -37.07 11.03 45.89
N ASP C 38 -36.09 10.18 46.16
CA ASP C 38 -36.32 8.84 46.72
C ASP C 38 -35.03 8.44 47.46
N GLY C 39 -34.72 9.19 48.52
CA GLY C 39 -33.47 9.09 49.21
C GLY C 39 -32.68 10.38 49.12
N ARG C 40 -32.23 10.72 47.91
CA ARG C 40 -31.39 11.90 47.71
C ARG C 40 -32.22 13.17 47.69
N THR C 41 -31.61 14.25 48.19
CA THR C 41 -32.19 15.57 48.03
C THR C 41 -32.06 16.04 46.58
N ILE C 42 -32.94 16.97 46.21
CA ILE C 42 -32.90 17.49 44.85
C ILE C 42 -31.55 18.17 44.59
N GLN C 43 -31.01 18.89 45.58
CA GLN C 43 -29.72 19.55 45.40
C GLN C 43 -28.60 18.54 45.15
N GLN C 44 -28.64 17.38 45.82
CA GLN C 44 -27.68 16.34 45.52
C GLN C 44 -27.72 15.97 44.05
N ALA C 45 -28.92 15.65 43.57
CA ALA C 45 -29.08 15.22 42.18
C ALA C 45 -28.61 16.30 41.23
N ILE C 46 -29.03 17.56 41.47
CA ILE C 46 -28.62 18.67 40.61
C ILE C 46 -27.10 18.82 40.63
N ASP C 47 -26.51 18.74 41.82
CA ASP C 47 -25.06 18.85 41.93
C ASP C 47 -24.34 17.71 41.20
N GLY C 48 -24.90 16.50 41.27
CA GLY C 48 -24.32 15.40 40.52
C GLY C 48 -24.36 15.62 39.02
N LEU C 49 -25.47 16.18 38.51
CA LEU C 49 -25.61 16.40 37.06
C LEU C 49 -24.74 17.57 36.58
N GLU C 50 -24.58 18.62 37.38
CA GLU C 50 -23.75 19.74 36.97
C GLU C 50 -22.25 19.43 37.10
N ASN C 51 -21.88 18.39 37.83
CA ASN C 51 -20.47 18.03 38.05
C ASN C 51 -20.31 16.52 37.96
N PRO C 52 -20.42 15.96 36.75
CA PRO C 52 -20.28 14.51 36.61
C PRO C 52 -18.86 14.06 36.97
N VAL C 53 -18.77 12.87 37.57
CA VAL C 53 -17.56 12.50 38.30
C VAL C 53 -16.38 12.09 37.40
N HIS C 54 -16.61 11.72 36.14
CA HIS C 54 -15.52 11.33 35.26
C HIS C 54 -15.21 12.39 34.22
N TYR C 55 -15.85 13.57 34.33
CA TYR C 55 -15.58 14.70 33.44
C TYR C 55 -14.73 15.71 34.19
N VAL C 56 -13.48 15.90 33.76
CA VAL C 56 -12.60 16.90 34.34
C VAL C 56 -12.74 18.21 33.55
N LYS C 57 -13.30 19.23 34.18
CA LYS C 57 -13.51 20.48 33.47
C LYS C 57 -12.87 21.67 34.13
N ASP C 58 -12.22 21.49 35.28
CA ASP C 58 -11.55 22.59 36.01
C ASP C 58 -10.06 22.52 35.74
N VAL C 59 -9.52 23.53 35.06
CA VAL C 59 -8.10 23.51 34.77
C VAL C 59 -7.26 23.62 36.03
N SER C 60 -7.87 24.04 37.16
CA SER C 60 -7.18 24.12 38.45
C SER C 60 -7.16 22.80 39.20
N ILE C 61 -7.67 21.72 38.63
CA ILE C 61 -7.72 20.46 39.37
C ILE C 61 -6.33 20.10 39.87
N THR C 62 -6.22 19.66 41.13
CA THR C 62 -4.87 19.41 41.64
C THR C 62 -4.35 18.09 41.08
N PRO C 63 -3.02 17.91 41.02
CA PRO C 63 -2.48 16.59 40.62
C PRO C 63 -3.01 15.44 41.45
N SER C 64 -3.19 15.63 42.77
CA SER C 64 -3.76 14.55 43.59
C SER C 64 -5.21 14.26 43.22
N ALA C 65 -6.01 15.29 42.99
CA ALA C 65 -7.41 15.04 42.65
C ALA C 65 -7.53 14.37 41.30
N LEU C 66 -6.69 14.79 40.34
CA LEU C 66 -6.68 14.16 39.00
C LEU C 66 -6.27 12.71 39.10
N LEU C 67 -5.26 12.40 39.93
CA LEU C 67 -4.92 10.99 40.16
C LEU C 67 -6.13 10.23 40.71
N ALA C 68 -6.88 10.85 41.62
CA ALA C 68 -7.99 10.13 42.22
C ALA C 68 -9.09 9.89 41.20
N VAL C 69 -9.26 10.82 40.28
CA VAL C 69 -10.21 10.60 39.18
C VAL C 69 -9.74 9.41 38.33
N ALA C 70 -8.45 9.35 38.06
CA ALA C 70 -7.91 8.27 37.23
C ALA C 70 -8.02 6.92 37.92
N VAL C 71 -7.78 6.88 39.24
CA VAL C 71 -7.90 5.62 39.98
C VAL C 71 -9.33 5.14 39.98
N GLU C 72 -10.28 6.06 40.19
CA GLU C 72 -11.71 5.66 40.17
C GLU C 72 -12.13 5.16 38.79
N ALA C 73 -11.66 5.81 37.74
CA ALA C 73 -12.02 5.35 36.38
C ALA C 73 -11.45 3.98 36.09
N ALA C 74 -10.25 3.71 36.60
CA ALA C 74 -9.64 2.42 36.35
C ALA C 74 -10.44 1.30 37.02
N ARG C 75 -11.12 1.60 38.14
CA ARG C 75 -11.89 0.57 38.81
C ARG C 75 -13.01 0.11 37.90
N LEU C 76 -13.55 1.06 37.14
CA LEU C 76 -14.63 0.85 36.21
C LEU C 76 -14.15 0.49 34.80
N GLY C 77 -12.84 0.65 34.53
CA GLY C 77 -12.23 0.52 33.22
C GLY C 77 -12.70 1.55 32.21
N ARG C 78 -13.09 2.73 32.66
CA ARG C 78 -13.79 3.69 31.83
C ARG C 78 -12.89 4.88 31.57
N THR C 79 -13.39 5.79 30.74
CA THR C 79 -12.62 6.94 30.29
C THR C 79 -12.64 8.06 31.32
N VAL C 80 -11.53 8.80 31.38
CA VAL C 80 -11.54 10.17 31.93
C VAL C 80 -11.69 11.13 30.77
N ALA C 81 -12.73 11.97 30.77
CA ALA C 81 -12.91 12.94 29.70
C ALA C 81 -12.66 14.36 30.21
N PHE C 82 -12.18 15.24 29.32
CA PHE C 82 -11.82 16.59 29.68
C PHE C 82 -12.70 17.62 29.00
N GLY C 83 -13.03 18.70 29.73
CA GLY C 83 -13.61 19.90 29.12
C GLY C 83 -12.54 20.76 28.53
N PRO C 84 -12.92 21.78 27.76
CA PRO C 84 -11.93 22.59 27.09
C PRO C 84 -11.08 23.39 28.08
N GLY C 85 -9.85 23.65 27.68
CA GLY C 85 -8.99 24.47 28.51
C GLY C 85 -7.53 24.05 28.42
N HIS C 86 -6.67 24.89 29.02
CA HIS C 86 -5.25 24.66 29.02
C HIS C 86 -4.86 24.15 30.42
N TYR C 87 -4.53 22.87 30.53
CA TYR C 87 -4.25 22.22 31.81
C TYR C 87 -2.74 22.08 31.97
N THR C 88 -2.18 22.52 33.11
CA THR C 88 -0.75 22.39 33.31
C THR C 88 -0.36 21.53 34.51
N ASN C 89 -1.32 21.03 35.28
CA ASN C 89 -1.05 20.09 36.38
C ASN C 89 0.01 20.62 37.34
N GLN C 90 -0.05 21.94 37.62
CA GLN C 90 0.90 22.60 38.53
C GLN C 90 2.35 22.40 38.10
N GLY C 91 2.56 22.21 36.79
CA GLY C 91 3.89 21.89 36.25
C GLY C 91 4.51 20.53 36.56
N GLN C 92 3.77 19.55 37.12
CA GLN C 92 4.18 18.23 37.59
C GLN C 92 3.95 17.18 36.51
N PRO C 93 4.83 16.18 36.37
CA PRO C 93 4.48 15.00 35.57
C PRO C 93 3.36 14.25 36.24
N PHE C 94 2.50 13.65 35.39
CA PHE C 94 1.38 12.84 35.84
C PHE C 94 1.72 11.41 35.47
N GLU C 95 2.07 10.60 36.45
CA GLU C 95 2.52 9.23 36.22
C GLU C 95 1.55 8.25 36.87
N VAL C 96 1.17 7.19 36.12
CA VAL C 96 0.34 6.14 36.67
C VAL C 96 0.95 4.81 36.29
N ASP C 97 0.66 3.79 37.10
CA ASP C 97 1.10 2.43 36.80
C ASP C 97 -0.10 1.49 36.67
N PHE C 98 -1.20 2.02 36.14
CA PHE C 98 -2.43 1.27 35.96
C PHE C 98 -3.14 1.83 34.73
N PRO C 99 -4.21 1.15 34.23
CA PRO C 99 -4.78 1.57 32.92
C PRO C 99 -5.29 3.00 32.97
N LEU C 100 -4.96 3.76 31.91
CA LEU C 100 -5.44 5.13 31.75
C LEU C 100 -6.15 5.23 30.40
N ASN C 101 -7.38 5.73 30.36
CA ASN C 101 -8.13 5.84 29.10
C ASN C 101 -8.63 7.28 29.03
N LEU C 102 -7.99 8.11 28.24
CA LEU C 102 -8.32 9.53 28.21
C LEU C 102 -9.09 9.89 26.97
N ASP C 103 -10.15 10.69 27.15
CA ASP C 103 -10.79 11.40 26.04
C ASP C 103 -10.38 12.86 26.12
N VAL C 104 -9.52 13.29 25.19
CA VAL C 104 -8.95 14.63 25.15
C VAL C 104 -9.50 15.35 23.92
N PRO C 105 -10.57 16.14 24.05
CA PRO C 105 -11.27 16.66 22.86
C PRO C 105 -10.60 17.91 22.31
N VAL C 106 -11.01 18.29 21.08
CA VAL C 106 -10.60 19.56 20.48
C VAL C 106 -10.83 20.68 21.49
N GLY C 107 -9.81 21.51 21.71
CA GLY C 107 -9.92 22.60 22.67
C GLY C 107 -9.37 22.27 24.05
N THR C 108 -9.00 21.01 24.29
CA THR C 108 -8.26 20.61 25.48
C THR C 108 -6.78 20.46 25.13
N PHE C 109 -5.91 21.07 25.92
CA PHE C 109 -4.46 20.97 25.81
C PHE C 109 -3.94 20.46 27.16
N LEU C 110 -3.46 19.22 27.20
CA LEU C 110 -2.90 18.68 28.44
C LEU C 110 -1.41 19.02 28.39
N ASP C 111 -1.05 20.19 28.94
CA ASP C 111 0.31 20.72 28.81
C ASP C 111 1.17 20.33 30.03
N PHE C 112 1.42 19.03 30.14
CA PHE C 112 2.26 18.44 31.18
C PHE C 112 2.56 17.01 30.79
N PRO C 113 3.63 16.44 31.30
CA PRO C 113 3.95 15.04 30.92
C PRO C 113 2.93 14.06 31.48
N ILE C 114 2.51 13.11 30.64
CA ILE C 114 1.61 12.04 31.08
C ILE C 114 2.38 10.75 30.79
N ILE C 115 2.63 9.97 31.83
CA ILE C 115 3.44 8.75 31.72
C ILE C 115 2.61 7.60 32.25
N ILE C 116 2.36 6.58 31.40
CA ILE C 116 1.75 5.33 31.84
C ILE C 116 2.89 4.31 31.87
N ARG C 117 3.16 3.72 33.04
CA ARG C 117 4.37 2.89 33.16
C ARG C 117 4.02 1.59 33.88
N GLY C 118 3.96 0.50 33.14
CA GLY C 118 3.88 -0.83 33.74
C GLY C 118 5.27 -1.33 34.16
N LYS C 119 5.28 -2.56 34.68
CA LYS C 119 6.51 -3.21 35.16
C LYS C 119 7.13 -4.00 34.01
N THR C 120 8.30 -3.57 33.53
CA THR C 120 9.03 -4.38 32.55
C THR C 120 9.28 -5.79 33.07
N VAL C 121 9.61 -5.90 34.35
CA VAL C 121 9.75 -7.19 35.01
C VAL C 121 9.08 -7.04 36.37
N LYS C 122 8.14 -7.95 36.69
CA LYS C 122 7.48 -7.85 37.99
C LYS C 122 8.49 -8.24 39.07
N MET C 123 8.61 -7.42 40.13
CA MET C 123 9.59 -7.69 41.18
C MET C 123 8.95 -7.87 42.54
N VAL C 124 9.65 -8.60 43.41
CA VAL C 124 9.21 -8.70 44.80
C VAL C 124 10.10 -7.90 45.77
N ARG C 125 11.33 -7.57 45.41
CA ARG C 125 12.17 -6.67 46.19
C ARG C 125 13.21 -6.06 45.25
N SER C 126 13.67 -4.85 45.55
CA SER C 126 14.72 -4.27 44.73
C SER C 126 15.58 -3.35 45.60
N VAL C 127 16.85 -3.24 45.24
CA VAL C 127 17.80 -2.40 45.95
C VAL C 127 18.42 -1.47 44.91
N THR C 128 18.31 -0.15 45.12
CA THR C 128 18.96 0.79 44.22
C THR C 128 20.35 1.13 44.76
N THR C 129 21.27 1.45 43.86
CA THR C 129 22.63 1.83 44.22
C THR C 129 22.99 3.12 43.49
N ASN C 130 24.07 3.75 43.95
CA ASN C 130 24.64 4.91 43.28
C ASN C 130 25.99 4.61 42.68
N LEU C 131 26.31 3.33 42.50
CA LEU C 131 27.55 2.91 41.89
C LEU C 131 27.67 3.45 40.47
N THR C 132 28.88 3.83 40.09
CA THR C 132 29.14 4.23 38.72
C THR C 132 29.48 2.99 37.88
N ALA C 133 29.49 3.21 36.55
CA ALA C 133 29.84 2.14 35.62
C ALA C 133 31.30 1.71 35.77
N ALA C 134 32.21 2.64 36.14
CA ALA C 134 33.57 2.23 36.48
C ALA C 134 33.60 1.33 37.72
N GLN C 135 32.66 1.51 38.65
CA GLN C 135 32.57 0.67 39.85
C GLN C 135 31.82 -0.63 39.61
N CYS C 136 31.03 -0.69 38.56
CA CYS C 136 30.29 -1.91 38.21
C CYS C 136 30.59 -2.27 36.76
N PRO C 137 31.85 -2.60 36.44
CA PRO C 137 32.20 -2.89 35.04
C PRO C 137 31.63 -4.24 34.62
N ALA C 138 31.71 -4.50 33.31
CA ALA C 138 31.37 -5.82 32.78
C ALA C 138 32.22 -6.87 33.48
N GLY C 139 31.60 -8.01 33.78
CA GLY C 139 32.22 -9.07 34.54
C GLY C 139 32.05 -8.97 36.04
N THR C 140 31.50 -7.86 36.54
CA THR C 140 31.28 -7.67 37.97
C THR C 140 30.45 -8.80 38.55
N THR C 141 30.95 -9.42 39.63
CA THR C 141 30.14 -10.35 40.40
C THR C 141 29.77 -9.82 41.79
N VAL C 142 30.43 -8.78 42.30
CA VAL C 142 30.20 -8.35 43.68
C VAL C 142 29.77 -6.88 43.67
N ILE C 143 28.64 -6.60 44.32
CA ILE C 143 27.95 -5.32 44.32
C ILE C 143 27.67 -4.95 45.77
N ALA C 144 28.17 -3.77 46.19
CA ALA C 144 27.97 -3.35 47.57
C ALA C 144 26.53 -2.90 47.81
N GLY C 145 26.05 -3.16 49.00
CA GLY C 145 24.71 -2.76 49.40
C GLY C 145 24.15 -3.73 50.41
N ASP C 146 22.98 -3.38 50.96
CA ASP C 146 22.28 -4.26 51.89
C ASP C 146 21.43 -5.25 51.11
N PHE C 147 21.98 -6.46 50.91
CA PHE C 147 21.30 -7.53 50.20
C PHE C 147 20.96 -8.70 51.11
N SER C 148 20.84 -8.45 52.42
CA SER C 148 20.50 -9.51 53.37
C SER C 148 19.16 -10.19 53.09
N ALA C 149 18.25 -9.56 52.34
CA ALA C 149 16.95 -10.15 52.04
C ALA C 149 16.96 -11.08 50.81
N PHE C 150 18.12 -11.22 50.14
CA PHE C 150 18.24 -11.98 48.91
C PHE C 150 18.79 -13.37 49.19
N PRO C 151 17.97 -14.42 49.14
CA PRO C 151 18.45 -15.76 49.52
C PRO C 151 19.45 -16.34 48.51
N VAL C 152 20.50 -16.99 49.02
CA VAL C 152 21.42 -17.68 48.12
C VAL C 152 20.62 -18.66 47.28
N GLY C 153 20.92 -18.70 45.98
CA GLY C 153 20.28 -19.61 45.06
C GLY C 153 19.04 -19.04 44.37
N SER C 154 18.48 -17.95 44.86
CA SER C 154 17.32 -17.33 44.20
C SER C 154 17.78 -16.65 42.92
N VAL C 155 16.81 -16.33 42.03
CA VAL C 155 17.13 -15.55 40.83
C VAL C 155 17.20 -14.07 41.19
N VAL C 156 18.18 -13.40 40.64
CA VAL C 156 18.38 -11.98 40.84
C VAL C 156 18.56 -11.36 39.46
N GLY C 157 18.05 -10.12 39.29
CA GLY C 157 18.29 -9.44 38.04
C GLY C 157 18.93 -8.10 38.30
N VAL C 158 19.49 -7.46 37.30
CA VAL C 158 20.13 -6.16 37.42
C VAL C 158 19.69 -5.32 36.23
N LYS C 159 19.28 -4.08 36.50
CA LYS C 159 18.92 -3.14 35.44
C LYS C 159 19.64 -1.84 35.73
N LEU C 160 19.73 -0.99 34.70
CA LEU C 160 20.15 0.38 34.95
C LEU C 160 19.18 1.09 35.90
N GLY C 161 19.73 1.93 36.79
CA GLY C 161 18.87 2.71 37.65
C GLY C 161 17.94 3.60 36.83
N ASP C 162 16.82 3.97 37.45
CA ASP C 162 15.86 4.83 36.76
C ASP C 162 16.36 6.26 36.59
N ASN C 163 17.41 6.64 37.31
CA ASN C 163 18.02 7.96 37.20
C ASN C 163 19.27 7.94 36.33
N THR C 164 19.36 7.01 35.37
CA THR C 164 20.48 7.02 34.45
C THR C 164 20.02 6.56 33.08
N ASN C 165 20.76 6.99 32.07
CA ASN C 165 20.57 6.54 30.69
C ASN C 165 21.63 5.53 30.24
N GLY C 166 22.61 5.20 31.10
CA GLY C 166 23.68 4.33 30.67
C GLY C 166 24.50 5.03 29.62
N SER C 167 25.14 4.24 28.76
CA SER C 167 26.00 4.83 27.75
C SER C 167 26.32 3.83 26.66
N ALA C 168 26.17 4.24 25.41
CA ALA C 168 26.61 3.36 24.34
C ALA C 168 28.12 3.10 24.40
N SER C 169 28.89 3.94 25.12
CA SER C 169 30.35 3.76 25.16
C SER C 169 30.76 2.47 25.87
N TYR C 170 29.95 1.96 26.81
CA TYR C 170 30.18 0.64 27.38
C TYR C 170 29.03 -0.31 27.02
N ASN C 171 28.38 -0.01 25.90
CA ASN C 171 27.38 -0.91 25.30
C ASN C 171 26.20 -1.22 26.22
N ASN C 172 25.69 -0.21 26.96
CA ASN C 172 24.52 -0.50 27.82
C ASN C 172 23.72 0.78 28.15
N GLU C 173 22.67 1.02 27.36
CA GLU C 173 21.64 2.00 27.62
C GLU C 173 20.30 1.39 28.02
N ALA C 174 20.14 0.05 27.90
CA ALA C 174 18.81 -0.53 28.06
C ALA C 174 18.84 -1.97 28.54
N GLY C 175 20.00 -2.44 29.03
CA GLY C 175 20.20 -3.85 29.30
C GLY C 175 19.59 -4.38 30.59
N TRP C 176 19.22 -5.65 30.56
CA TRP C 176 18.74 -6.38 31.73
C TRP C 176 19.57 -7.65 31.88
N ASP C 177 20.02 -7.96 33.10
CA ASP C 177 20.85 -9.12 33.36
C ASP C 177 20.16 -9.99 34.41
N PHE C 178 20.18 -11.32 34.20
CA PHE C 178 19.55 -12.24 35.12
C PHE C 178 20.58 -13.29 35.49
N THR C 179 20.66 -13.58 36.78
CA THR C 179 21.61 -14.60 37.25
C THR C 179 21.03 -15.15 38.54
N THR C 180 21.85 -15.87 39.31
CA THR C 180 21.42 -16.32 40.62
C THR C 180 22.36 -15.75 41.69
N VAL C 181 21.85 -15.76 42.93
CA VAL C 181 22.59 -15.26 44.09
C VAL C 181 23.57 -16.32 44.59
N ALA C 182 24.87 -15.99 44.59
CA ALA C 182 25.91 -16.91 45.08
C ALA C 182 26.32 -16.60 46.51
N ALA C 183 26.10 -15.38 46.98
CA ALA C 183 26.38 -14.97 48.36
C ALA C 183 25.63 -13.67 48.58
N SER C 184 25.12 -13.45 49.80
CA SER C 184 24.56 -12.16 50.15
C SER C 184 24.72 -11.88 51.63
N SER C 185 24.78 -10.59 51.95
CA SER C 185 24.88 -10.08 53.33
C SER C 185 24.36 -8.66 53.36
N ASN C 186 24.42 -8.05 54.55
CA ASN C 186 24.01 -6.66 54.68
C ASN C 186 25.02 -5.70 54.05
N THR C 187 26.16 -6.18 53.55
CA THR C 187 27.12 -5.30 52.91
C THR C 187 27.44 -5.60 51.43
N SER C 188 27.12 -6.78 50.90
CA SER C 188 27.29 -6.97 49.47
C SER C 188 26.49 -8.18 48.99
N ILE C 189 26.34 -8.27 47.66
CA ILE C 189 25.77 -9.47 47.05
C ILE C 189 26.81 -9.99 46.08
N THR C 190 26.86 -11.33 45.94
CA THR C 190 27.74 -11.96 44.96
C THR C 190 26.85 -12.66 43.93
N LEU C 191 27.01 -12.30 42.66
CA LEU C 191 26.25 -12.96 41.60
C LEU C 191 26.96 -14.23 41.15
N SER C 192 26.16 -15.22 40.66
CA SER C 192 26.76 -16.48 40.19
C SER C 192 27.53 -16.29 38.88
N THR C 193 27.12 -15.34 38.05
CA THR C 193 27.81 -15.04 36.80
C THR C 193 28.04 -13.54 36.70
N GLY C 194 29.12 -13.18 36.02
CA GLY C 194 29.47 -11.78 35.88
C GLY C 194 28.46 -11.04 35.04
N LEU C 195 28.37 -9.74 35.28
CA LEU C 195 27.44 -8.94 34.52
C LEU C 195 27.88 -8.86 33.06
N ARG C 196 26.90 -8.91 32.15
CA ARG C 196 27.29 -8.96 30.75
C ARG C 196 27.89 -7.66 30.26
N TRP C 197 27.50 -6.55 30.87
CA TRP C 197 27.93 -5.23 30.46
C TRP C 197 28.12 -4.44 31.73
N ALA C 198 28.88 -3.35 31.64
CA ALA C 198 28.90 -2.42 32.76
C ALA C 198 27.52 -1.80 32.98
N PHE C 199 27.20 -1.48 34.25
CA PHE C 199 25.98 -0.78 34.61
C PHE C 199 26.27 0.49 35.40
N ASP C 200 25.62 1.58 35.04
CA ASP C 200 25.59 2.77 35.87
C ASP C 200 24.42 2.68 36.83
N LYS C 201 24.64 3.05 38.10
CA LYS C 201 23.62 3.03 39.14
C LYS C 201 22.79 1.74 39.06
N PRO C 202 23.45 0.58 39.10
CA PRO C 202 22.67 -0.67 39.00
C PRO C 202 21.61 -0.81 40.07
N GLU C 203 20.44 -1.27 39.66
CA GLU C 203 19.36 -1.66 40.55
C GLU C 203 19.22 -3.16 40.50
N VAL C 204 19.25 -3.78 41.67
CA VAL C 204 19.39 -5.23 41.86
C VAL C 204 18.08 -5.72 42.48
N PHE C 205 17.47 -6.76 41.91
CA PHE C 205 16.11 -7.09 42.32
C PHE C 205 15.86 -8.59 42.24
N THR C 206 14.82 -9.03 42.93
CA THR C 206 14.31 -10.39 42.79
C THR C 206 13.06 -10.37 41.91
N PRO C 207 13.03 -11.05 40.76
CA PRO C 207 11.77 -11.16 40.00
C PRO C 207 10.73 -11.93 40.78
N GLU C 208 9.46 -11.58 40.54
CA GLU C 208 8.34 -12.36 41.05
C GLU C 208 8.35 -13.77 40.46
N TYR C 209 8.65 -13.92 39.17
CA TYR C 209 8.71 -15.25 38.56
C TYR C 209 9.67 -15.23 37.39
N ALA C 210 10.76 -16.02 37.51
CA ALA C 210 11.84 -16.07 36.54
C ALA C 210 12.40 -17.49 36.59
N VAL C 211 12.40 -18.18 35.45
CA VAL C 211 12.88 -19.56 35.34
C VAL C 211 13.88 -19.62 34.19
N ARG C 212 14.94 -20.42 34.36
CA ARG C 212 15.92 -20.66 33.30
C ARG C 212 15.48 -21.86 32.47
N TYR C 213 15.36 -21.66 31.15
CA TYR C 213 15.02 -22.74 30.24
C TYR C 213 16.31 -23.42 29.79
N SER C 214 16.34 -24.78 29.81
CA SER C 214 17.50 -25.51 29.34
C SER C 214 17.25 -25.99 27.91
N GLY C 215 17.93 -25.38 26.93
CA GLY C 215 17.81 -25.86 25.57
C GLY C 215 17.36 -24.75 24.65
N GLN C 216 16.90 -25.11 23.45
CA GLN C 216 16.59 -24.11 22.43
C GLN C 216 15.08 -23.92 22.30
N LEU C 217 14.67 -22.65 22.23
CA LEU C 217 13.32 -22.30 21.79
C LEU C 217 13.46 -21.73 20.39
N SER C 218 13.03 -22.49 19.38
CA SER C 218 13.29 -22.09 18.01
C SER C 218 12.35 -20.98 17.57
N ARG C 219 12.86 -20.07 16.72
CA ARG C 219 11.95 -19.09 16.17
C ARG C 219 10.84 -19.81 15.44
N SER C 220 9.67 -19.15 15.41
CA SER C 220 8.45 -19.63 14.84
C SER C 220 7.76 -20.69 15.68
N SER C 221 8.26 -21.02 16.87
CA SER C 221 7.52 -21.98 17.69
C SER C 221 6.41 -21.25 18.45
N TYR C 222 5.48 -22.01 19.03
CA TYR C 222 4.44 -21.41 19.83
C TYR C 222 4.25 -22.10 21.16
N PHE C 223 4.91 -23.21 21.41
CA PHE C 223 4.74 -23.92 22.67
C PHE C 223 6.09 -23.99 23.38
N ILE C 224 6.10 -23.64 24.67
CA ILE C 224 7.31 -23.67 25.50
C ILE C 224 7.10 -24.73 26.58
N PRO C 225 7.78 -25.87 26.49
CA PRO C 225 7.58 -26.96 27.47
C PRO C 225 8.06 -26.59 28.86
N GLY C 226 7.36 -27.13 29.86
CA GLY C 226 7.78 -27.07 31.24
C GLY C 226 6.55 -26.80 32.06
N ASP C 227 6.67 -26.82 33.40
CA ASP C 227 5.52 -26.57 34.25
C ASP C 227 5.70 -25.18 34.87
N TYR C 228 4.93 -24.22 34.35
CA TYR C 228 5.01 -22.82 34.76
C TYR C 228 3.77 -22.41 35.53
N THR C 229 2.96 -23.37 35.92
CA THR C 229 1.66 -23.04 36.47
C THR C 229 1.77 -22.38 37.83
N SER C 230 2.92 -22.52 38.51
CA SER C 230 3.06 -21.86 39.81
C SER C 230 3.28 -20.37 39.67
N GLY C 231 3.52 -19.88 38.47
CA GLY C 231 3.92 -18.49 38.33
C GLY C 231 3.19 -17.74 37.22
N LEU C 232 2.62 -18.46 36.27
CA LEU C 232 2.00 -17.82 35.08
C LEU C 232 0.52 -18.21 34.94
N ASN C 233 -0.27 -17.28 34.37
CA ASN C 233 -1.64 -17.56 34.00
C ASN C 233 -1.87 -17.08 32.57
N VAL C 234 -2.98 -17.55 32.02
CA VAL C 234 -3.43 -17.08 30.70
C VAL C 234 -3.57 -15.57 30.77
N GLY C 235 -3.08 -14.89 29.73
CA GLY C 235 -3.10 -13.46 29.70
C GLY C 235 -1.83 -12.78 30.16
N ASP C 236 -0.97 -13.50 30.92
CA ASP C 236 0.30 -12.90 31.34
C ASP C 236 1.19 -12.67 30.13
N ILE C 237 2.07 -11.70 30.25
CA ILE C 237 3.07 -11.43 29.22
C ILE C 237 4.42 -11.77 29.82
N ILE C 238 5.19 -12.57 29.09
CA ILE C 238 6.52 -13.00 29.53
C ILE C 238 7.58 -12.35 28.64
N ARG C 239 8.71 -12.11 29.27
CA ARG C 239 9.94 -11.72 28.60
C ARG C 239 10.82 -12.95 28.40
N VAL C 240 11.21 -13.24 27.15
CA VAL C 240 12.17 -14.31 26.88
C VAL C 240 13.51 -13.65 26.59
N GLU C 241 14.51 -13.86 27.45
CA GLU C 241 15.80 -13.16 27.36
C GLU C 241 16.85 -14.16 26.89
N ASN C 242 17.39 -14.01 25.67
CA ASN C 242 18.38 -14.97 25.16
C ASN C 242 19.68 -14.88 25.93
N ILE C 243 20.37 -16.03 26.13
CA ILE C 243 21.73 -16.01 26.66
C ILE C 243 22.75 -16.53 25.65
N ASP C 244 22.51 -17.75 25.09
CA ASP C 244 23.56 -18.42 24.29
C ASP C 244 23.26 -18.50 22.80
N GLY C 245 22.04 -18.12 22.37
CA GLY C 245 21.72 -18.14 20.96
C GLY C 245 22.38 -16.99 20.21
N THR C 246 22.49 -17.12 18.89
CA THR C 246 23.14 -16.11 18.05
C THR C 246 22.18 -15.51 17.02
N ASP C 247 20.88 -15.45 17.34
CA ASP C 247 19.89 -14.93 16.41
C ASP C 247 19.66 -13.41 16.59
N GLY C 248 20.67 -12.65 16.97
CA GLY C 248 20.58 -11.20 16.89
C GLY C 248 21.15 -10.71 15.59
N VAL C 249 20.92 -9.41 15.29
CA VAL C 249 21.59 -8.80 14.14
C VAL C 249 23.10 -9.00 14.29
N HIS C 250 23.77 -9.36 13.19
CA HIS C 250 25.22 -9.60 13.16
C HIS C 250 25.60 -10.82 13.98
N GLY C 251 24.65 -11.72 14.25
CA GLY C 251 24.93 -12.87 15.05
C GLY C 251 25.18 -12.57 16.52
N ASN C 252 24.80 -11.39 16.99
CA ASN C 252 25.02 -11.06 18.39
C ASN C 252 24.09 -11.84 19.31
N LYS C 253 24.53 -11.96 20.59
CA LYS C 253 23.82 -12.77 21.57
C LYS C 253 22.86 -11.97 22.44
N GLU C 254 22.77 -10.64 22.28
CA GLU C 254 21.93 -9.84 23.18
C GLU C 254 20.63 -9.53 22.45
N TYR C 255 19.54 -10.17 22.86
CA TYR C 255 18.23 -9.94 22.27
C TYR C 255 17.20 -10.64 23.14
N PHE C 256 15.95 -10.20 23.00
CA PHE C 256 14.87 -10.72 23.84
C PHE C 256 13.60 -10.45 23.08
N GLU C 257 12.50 -11.09 23.53
CA GLU C 257 11.18 -10.69 22.98
C GLU C 257 10.13 -10.84 24.07
N MET C 258 8.96 -10.30 23.83
CA MET C 258 7.84 -10.48 24.75
C MET C 258 6.71 -11.22 24.05
N LEU C 259 6.02 -12.05 24.81
CA LEU C 259 5.00 -12.96 24.31
C LEU C 259 3.86 -13.00 25.30
N LYS C 260 2.65 -13.26 24.80
CA LYS C 260 1.45 -13.35 25.67
C LYS C 260 1.01 -14.81 25.77
N VAL C 261 0.77 -15.25 27.02
CA VAL C 261 0.33 -16.63 27.27
C VAL C 261 -1.13 -16.78 26.86
N SER C 262 -1.39 -17.65 25.89
CA SER C 262 -2.74 -17.89 25.42
C SER C 262 -3.33 -19.18 26.00
N SER C 263 -2.51 -20.14 26.43
CA SER C 263 -3.03 -21.30 27.18
C SER C 263 -1.91 -21.81 28.06
N ILE C 264 -2.26 -22.51 29.12
CA ILE C 264 -1.23 -23.09 29.98
C ILE C 264 -1.80 -24.36 30.60
N ASP C 265 -0.97 -25.41 30.63
CA ASP C 265 -1.29 -26.57 31.47
C ASP C 265 0.02 -27.02 32.11
N SER C 266 0.00 -28.19 32.78
CA SER C 266 1.23 -28.53 33.48
C SER C 266 2.34 -29.02 32.55
N SER C 267 2.06 -29.19 31.24
CA SER C 267 3.06 -29.62 30.28
C SER C 267 3.76 -28.46 29.57
N GLY C 268 3.14 -27.27 29.55
CA GLY C 268 3.84 -26.16 28.94
C GLY C 268 2.88 -25.02 28.68
N ILE C 269 3.44 -23.94 28.14
CA ILE C 269 2.60 -22.79 27.79
C ILE C 269 2.55 -22.61 26.31
N THR C 270 1.41 -22.11 25.86
CA THR C 270 1.23 -21.69 24.48
C THR C 270 1.16 -20.18 24.44
N VAL C 271 1.75 -19.58 23.40
CA VAL C 271 1.75 -18.12 23.28
C VAL C 271 0.94 -17.68 22.05
N GLU C 272 0.38 -16.44 22.15
CA GLU C 272 -0.59 -15.94 21.16
C GLU C 272 0.03 -15.66 19.78
N THR C 273 1.31 -15.35 19.72
CA THR C 273 2.05 -15.12 18.48
C THR C 273 3.32 -15.95 18.52
N ARG C 274 3.71 -16.49 17.36
CA ARG C 274 4.89 -17.34 17.31
C ARG C 274 6.17 -16.55 17.61
N LEU C 275 7.17 -17.23 18.21
CA LEU C 275 8.42 -16.56 18.54
C LEU C 275 9.06 -15.95 17.32
N ARG C 276 9.57 -14.73 17.48
CA ARG C 276 10.29 -14.08 16.38
C ARG C 276 11.74 -14.51 16.28
N TYR C 277 12.36 -14.86 17.40
CA TYR C 277 13.80 -15.16 17.44
C TYR C 277 14.04 -16.56 18.00
N THR C 278 15.20 -17.11 17.66
CA THR C 278 15.64 -18.35 18.26
C THR C 278 16.45 -18.05 19.49
N HIS C 279 16.08 -18.67 20.61
CA HIS C 279 16.76 -18.46 21.89
C HIS C 279 17.40 -19.75 22.35
N VAL C 280 18.58 -19.65 22.97
CA VAL C 280 19.22 -20.83 23.54
C VAL C 280 19.53 -20.55 25.02
N ASN C 281 19.08 -21.47 25.89
CA ASN C 281 19.19 -21.32 27.35
C ASN C 281 18.72 -19.96 27.83
N PRO C 282 17.54 -19.49 27.38
CA PRO C 282 17.08 -18.18 27.79
C PRO C 282 16.50 -18.20 29.20
N TRP C 283 16.29 -17.00 29.71
CA TRP C 283 15.45 -16.80 30.88
C TRP C 283 14.04 -16.50 30.40
N ILE C 284 13.07 -17.04 31.13
CA ILE C 284 11.65 -16.76 30.96
C ILE C 284 11.20 -15.99 32.19
N VAL C 285 10.79 -14.73 31.99
CA VAL C 285 10.55 -13.81 33.12
C VAL C 285 9.15 -13.21 33.01
N LYS C 286 8.40 -13.21 34.12
CA LYS C 286 7.07 -12.60 34.11
C LYS C 286 7.14 -11.06 34.16
N THR C 287 6.45 -10.42 33.22
CA THR C 287 6.34 -8.94 33.20
C THR C 287 5.10 -8.52 33.96
N GLY C 288 5.00 -7.21 34.24
CA GLY C 288 3.77 -6.61 34.74
C GLY C 288 3.21 -5.54 33.82
N LEU C 289 3.04 -5.86 32.54
CA LEU C 289 2.55 -4.84 31.62
C LEU C 289 1.12 -4.43 32.02
N VAL C 290 0.81 -3.14 31.85
CA VAL C 290 -0.52 -2.61 32.21
C VAL C 290 -1.56 -3.15 31.24
N LYS C 291 -2.76 -3.54 31.73
CA LYS C 291 -3.73 -4.16 30.83
C LYS C 291 -4.54 -3.08 30.14
N GLY C 292 -4.04 -2.63 29.00
CA GLY C 292 -4.75 -1.64 28.20
C GLY C 292 -4.44 -0.24 28.67
N SER C 293 -4.62 0.70 27.72
CA SER C 293 -4.68 2.15 27.98
C SER C 293 -5.02 2.79 26.64
N SER C 294 -5.52 4.05 26.67
CA SER C 294 -5.85 4.64 25.39
C SER C 294 -5.87 6.16 25.55
N VAL C 295 -5.54 6.85 24.47
CA VAL C 295 -5.61 8.32 24.45
C VAL C 295 -6.18 8.64 23.10
N THR C 296 -7.34 9.32 23.06
CA THR C 296 -7.99 9.68 21.80
C THR C 296 -8.71 11.01 22.02
N GLY C 297 -9.22 11.60 20.93
CA GLY C 297 -10.28 12.59 21.11
C GLY C 297 -10.17 13.88 20.31
N GLY C 298 -9.01 14.14 19.71
CA GLY C 298 -8.83 15.32 18.85
C GLY C 298 -7.99 16.43 19.45
N GLY C 299 -7.73 16.42 20.73
CA GLY C 299 -7.02 17.51 21.37
C GLY C 299 -5.53 17.32 21.34
N ARG C 300 -4.84 18.02 22.25
CA ARG C 300 -3.39 18.14 22.19
C ARG C 300 -2.77 17.73 23.51
N LEU C 301 -1.65 17.07 23.43
CA LEU C 301 -0.87 16.66 24.63
C LEU C 301 0.57 17.11 24.41
N LYS C 302 1.19 17.70 25.45
CA LYS C 302 2.60 18.11 25.36
C LYS C 302 3.52 16.91 25.28
N ARG C 303 3.31 15.93 26.15
CA ARG C 303 4.25 14.80 26.19
C ARG C 303 3.51 13.58 26.71
N LEU C 304 3.53 12.50 25.94
CA LEU C 304 2.86 11.26 26.34
C LEU C 304 3.88 10.13 26.24
N GLU C 305 4.11 9.42 27.35
CA GLU C 305 5.01 8.28 27.39
C GLU C 305 4.20 7.04 27.77
N VAL C 306 4.17 6.05 26.88
CA VAL C 306 3.39 4.82 27.09
C VAL C 306 4.43 3.71 27.21
N ARG C 307 4.64 3.20 28.41
CA ARG C 307 5.73 2.26 28.64
C ARG C 307 5.20 1.05 29.36
N GLY C 308 5.45 -0.15 28.84
CA GLY C 308 5.05 -1.34 29.55
C GLY C 308 3.56 -1.52 29.57
N VAL C 309 2.88 -1.40 28.40
CA VAL C 309 1.42 -1.51 28.29
C VAL C 309 1.06 -2.63 27.33
N ASP C 310 0.18 -3.52 27.76
CA ASP C 310 -0.46 -4.53 26.91
C ASP C 310 -1.60 -3.88 26.12
N THR C 311 -1.42 -3.72 24.82
CA THR C 311 -2.44 -3.22 23.88
C THR C 311 -2.83 -1.76 24.13
N PRO C 312 -1.87 -0.83 24.03
CA PRO C 312 -2.19 0.60 24.08
C PRO C 312 -2.75 1.09 22.75
N LYS C 313 -3.66 2.08 22.81
CA LYS C 313 -4.20 2.74 21.64
C LYS C 313 -3.96 4.24 21.77
N VAL C 314 -3.31 4.85 20.78
CA VAL C 314 -3.17 6.30 20.77
C VAL C 314 -3.60 6.72 19.37
N ASN C 315 -4.69 7.48 19.28
CA ASN C 315 -5.29 7.79 17.98
C ASN C 315 -5.86 9.20 17.94
N SER C 316 -5.72 9.88 16.80
CA SER C 316 -6.43 11.13 16.58
C SER C 316 -6.14 12.20 17.63
N VAL C 317 -4.85 12.37 17.97
CA VAL C 317 -4.45 13.42 18.89
C VAL C 317 -3.19 14.06 18.35
N ASP C 318 -2.99 15.33 18.75
CA ASP C 318 -1.76 16.08 18.50
C ASP C 318 -0.85 15.93 19.71
N VAL C 319 0.34 15.32 19.53
CA VAL C 319 1.22 15.01 20.66
C VAL C 319 2.60 15.57 20.36
N ASP C 320 3.02 16.59 21.12
CA ASP C 320 4.30 17.24 20.79
C ASP C 320 5.48 16.26 20.87
N ARG C 321 5.51 15.39 21.88
CA ARG C 321 6.56 14.40 22.05
C ARG C 321 5.87 13.11 22.46
N LEU C 322 5.99 12.04 21.66
CA LEU C 322 5.33 10.76 21.94
C LEU C 322 6.37 9.65 22.01
N ILE C 323 6.37 8.91 23.12
CA ILE C 323 7.28 7.79 23.33
C ILE C 323 6.47 6.56 23.69
N VAL C 324 6.69 5.46 22.97
CA VAL C 324 5.98 4.21 23.18
C VAL C 324 7.07 3.14 23.27
N GLY C 325 7.16 2.48 24.42
CA GLY C 325 8.25 1.55 24.59
C GLY C 325 7.88 0.34 25.43
N LEU C 326 8.44 -0.83 25.11
CA LEU C 326 8.18 -2.07 25.86
C LEU C 326 6.68 -2.33 25.96
N CYS C 327 6.00 -2.27 24.80
CA CYS C 327 4.55 -2.52 24.71
C CYS C 327 4.26 -3.75 23.85
N TYR C 328 3.00 -4.19 23.89
CA TYR C 328 2.55 -5.37 23.16
C TYR C 328 1.26 -5.03 22.39
N ASN C 329 1.20 -5.42 21.12
CA ASN C 329 0.03 -5.20 20.26
C ASN C 329 -0.38 -3.72 20.24
N ILE C 330 0.55 -2.84 19.83
CA ILE C 330 0.23 -1.41 19.81
C ILE C 330 -0.73 -1.06 18.66
N ASP C 331 -1.45 0.07 18.82
CA ASP C 331 -2.25 0.60 17.73
C ASP C 331 -2.14 2.12 17.85
N VAL C 332 -1.35 2.75 16.97
CA VAL C 332 -1.06 4.17 17.09
C VAL C 332 -1.26 4.79 15.71
N GLY C 333 -2.12 5.79 15.61
CA GLY C 333 -2.35 6.29 14.26
C GLY C 333 -3.08 7.60 14.29
N GLU C 334 -3.04 8.25 13.13
CA GLU C 334 -3.69 9.55 12.98
C GLU C 334 -3.14 10.50 14.06
N ILE C 335 -1.82 10.62 14.09
CA ILE C 335 -1.09 11.40 15.11
C ILE C 335 -0.38 12.52 14.38
N THR C 336 -0.35 13.72 14.99
CA THR C 336 0.52 14.78 14.52
C THR C 336 1.44 15.17 15.67
N SER C 337 2.66 15.55 15.34
CA SER C 337 3.63 15.84 16.39
C SER C 337 4.52 16.97 15.91
N ARG C 338 4.45 18.13 16.59
CA ARG C 338 5.28 19.28 16.22
C ARG C 338 6.67 19.27 16.88
N GLY C 339 6.97 18.28 17.72
CA GLY C 339 8.25 18.16 18.37
C GLY C 339 8.35 19.13 19.55
N VAL C 340 9.40 18.92 20.33
CA VAL C 340 9.78 19.80 21.44
C VAL C 340 11.25 20.18 21.32
N GLY C 341 11.83 20.00 20.13
CA GLY C 341 13.25 20.28 19.97
C GLY C 341 14.20 19.27 20.55
N GLU C 342 13.72 18.06 20.84
CA GLU C 342 14.53 16.94 21.29
C GLU C 342 15.01 16.14 20.08
N PRO C 343 15.98 15.24 20.26
CA PRO C 343 16.56 14.56 19.08
C PRO C 343 15.53 13.75 18.31
N SER C 344 14.49 13.26 18.98
CA SER C 344 13.38 12.64 18.27
C SER C 344 12.06 13.30 18.74
N SER C 345 11.01 13.24 17.89
CA SER C 345 9.66 13.70 18.25
C SER C 345 8.76 12.55 18.61
N VAL C 346 8.79 11.47 17.82
CA VAL C 346 7.92 10.30 18.05
C VAL C 346 8.81 9.07 18.01
N ASN C 347 8.81 8.26 19.07
CA ASN C 347 9.53 7.01 18.85
C ASN C 347 8.88 5.81 19.51
N PHE C 348 9.22 4.65 18.94
CA PHE C 348 8.69 3.35 19.31
C PHE C 348 9.89 2.46 19.56
N THR C 349 9.93 1.83 20.72
CA THR C 349 11.07 0.98 21.05
C THR C 349 10.55 -0.31 21.63
N PHE C 350 11.08 -1.45 21.17
CA PHE C 350 10.75 -2.75 21.83
C PHE C 350 9.23 -3.00 21.90
N CYS C 351 8.56 -2.88 20.76
CA CYS C 351 7.14 -3.16 20.65
C CYS C 351 6.96 -4.53 19.98
N PHE C 352 6.24 -5.44 20.64
CA PHE C 352 6.13 -6.84 20.19
C PHE C 352 4.68 -7.20 19.91
N GLY C 353 4.47 -8.41 19.37
CA GLY C 353 3.12 -8.84 19.03
C GLY C 353 2.78 -8.44 17.61
N ARG C 354 1.56 -7.93 17.41
CA ARG C 354 1.12 -7.50 16.07
C ARG C 354 0.59 -6.09 16.19
N GLY C 355 1.41 -5.11 15.80
CA GLY C 355 1.05 -3.72 16.00
C GLY C 355 0.65 -3.06 14.67
N PHE C 356 0.08 -1.85 14.80
CA PHE C 356 -0.23 -0.98 13.66
C PHE C 356 0.30 0.42 13.97
N LEU C 357 0.93 1.05 12.99
CA LEU C 357 1.36 2.44 13.09
C LEU C 357 0.98 3.13 11.77
N TYR C 358 0.17 4.18 11.79
CA TYR C 358 -0.41 4.64 10.53
C TYR C 358 -0.72 6.14 10.59
N ASN C 359 -0.55 6.82 9.46
CA ASN C 359 -1.01 8.21 9.29
C ASN C 359 -0.37 9.13 10.33
N VAL C 360 0.96 9.17 10.33
CA VAL C 360 1.73 9.91 11.34
C VAL C 360 2.47 11.04 10.65
N ARG C 361 2.26 12.28 11.10
CA ARG C 361 3.08 13.43 10.67
C ARG C 361 3.90 13.88 11.87
N ALA C 362 5.22 13.81 11.77
CA ALA C 362 6.09 14.14 12.89
C ALA C 362 7.18 15.10 12.41
N SER C 363 7.57 16.06 13.27
CA SER C 363 8.52 17.08 12.83
C SER C 363 9.12 17.71 14.06
N GLY C 364 10.04 18.67 13.84
CA GLY C 364 10.51 19.53 14.94
C GLY C 364 11.56 18.92 15.84
N SER C 365 12.31 17.91 15.37
CA SER C 365 13.35 17.33 16.19
C SER C 365 14.68 18.02 15.91
N VAL C 366 15.55 18.06 16.93
CA VAL C 366 16.89 18.66 16.78
C VAL C 366 17.88 17.77 17.51
N SER C 367 18.94 17.31 16.82
CA SER C 367 19.91 16.42 17.45
C SER C 367 21.34 16.95 17.30
N THR C 368 22.22 16.39 18.15
CA THR C 368 23.65 16.51 17.96
C THR C 368 24.33 15.19 17.63
N THR C 369 23.72 14.07 17.95
CA THR C 369 24.18 12.76 17.47
C THR C 369 23.01 12.09 16.77
N ASP C 370 23.31 11.03 16.02
CA ASP C 370 22.31 10.37 15.16
C ASP C 370 21.00 10.17 15.91
N ASN C 371 19.91 10.57 15.28
CA ASN C 371 18.58 10.36 15.84
C ASN C 371 17.60 10.66 14.70
N SER C 372 16.31 10.70 14.99
CA SER C 372 15.34 10.81 13.89
C SER C 372 14.02 11.38 14.40
N ALA C 373 13.35 12.18 13.55
CA ALA C 373 12.05 12.75 13.96
C ALA C 373 11.10 11.65 14.33
N LEU C 374 10.98 10.64 13.47
CA LEU C 374 10.21 9.42 13.75
C LEU C 374 11.22 8.29 13.82
N LYS C 375 11.31 7.62 14.99
CA LYS C 375 12.36 6.64 15.22
C LYS C 375 11.77 5.35 15.76
N LEU C 376 12.12 4.22 15.17
CA LEU C 376 11.69 2.93 15.69
C LEU C 376 12.91 2.09 15.99
N MET C 377 12.88 1.37 17.10
CA MET C 377 13.99 0.48 17.43
C MET C 377 13.39 -0.86 17.81
N SER C 378 13.70 -1.90 17.02
CA SER C 378 13.28 -3.29 17.30
C SER C 378 11.77 -3.42 17.55
N CYS C 379 11.01 -3.35 16.45
CA CYS C 379 9.55 -3.56 16.47
C CYS C 379 9.15 -4.61 15.46
N PRO C 380 9.46 -5.87 15.76
CA PRO C 380 9.12 -6.95 14.83
C PRO C 380 7.61 -7.06 14.67
N GLY C 381 7.19 -7.44 13.46
CA GLY C 381 5.78 -7.72 13.18
C GLY C 381 4.90 -6.48 13.05
N LEU C 382 5.47 -5.27 13.09
CA LEU C 382 4.68 -4.04 13.04
C LEU C 382 4.30 -3.71 11.60
N ILE C 383 3.04 -3.32 11.36
CA ILE C 383 2.61 -2.77 10.07
C ILE C 383 2.68 -1.25 10.18
N ILE C 384 3.40 -0.65 9.26
CA ILE C 384 3.57 0.80 9.23
C ILE C 384 2.99 1.29 7.91
N ASN C 385 2.10 2.28 7.94
CA ASN C 385 1.42 2.72 6.72
C ASN C 385 1.31 4.23 6.79
N ASN C 386 1.89 4.94 5.82
CA ASN C 386 1.65 6.40 5.60
C ASN C 386 2.23 7.29 6.71
N CYS C 387 3.52 7.50 6.66
CA CYS C 387 4.22 8.36 7.61
C CYS C 387 4.86 9.47 6.82
N SER C 388 4.73 10.70 7.31
CA SER C 388 5.13 11.90 6.57
C SER C 388 5.97 12.83 7.45
N PRO C 389 7.19 12.42 7.83
CA PRO C 389 8.03 13.26 8.69
C PRO C 389 8.72 14.38 7.91
N HIS C 390 9.01 15.47 8.63
CA HIS C 390 9.66 16.64 8.04
C HIS C 390 10.33 17.47 9.13
N ASN C 391 11.05 18.49 8.69
CA ASN C 391 11.67 19.49 9.58
C ASN C 391 12.45 18.81 10.72
N SER C 392 13.51 18.07 10.33
CA SER C 392 14.44 17.46 11.28
C SER C 392 15.80 18.11 11.11
N THR C 393 16.50 18.40 12.23
CA THR C 393 17.70 19.25 12.21
C THR C 393 18.81 18.64 13.03
N SER C 394 20.05 18.72 12.53
CA SER C 394 21.19 18.32 13.36
C SER C 394 22.28 19.37 13.25
N THR C 395 22.99 19.54 14.37
CA THR C 395 23.90 20.65 14.64
C THR C 395 25.34 20.35 14.29
N GLY C 396 25.76 19.08 14.27
CA GLY C 396 27.16 18.79 14.04
C GLY C 396 27.43 17.83 12.89
N SER C 397 28.26 16.82 13.10
CA SER C 397 28.65 16.00 11.97
C SER C 397 27.75 14.79 11.77
N GLN C 398 26.78 14.52 12.68
CA GLN C 398 25.90 13.37 12.55
C GLN C 398 24.54 13.86 12.06
N GLY C 399 23.58 12.95 11.94
CA GLY C 399 22.33 13.27 11.29
C GLY C 399 21.13 13.33 12.22
N ASP C 400 20.04 13.87 11.68
CA ASP C 400 18.73 13.83 12.36
C ASP C 400 17.72 13.49 11.26
N TYR C 401 17.48 12.18 11.11
CA TYR C 401 16.73 11.67 9.96
C TYR C 401 15.24 12.04 10.07
N GLY C 402 14.49 11.80 8.99
CA GLY C 402 13.04 11.89 9.06
C GLY C 402 12.44 10.60 9.55
N PHE C 403 12.95 9.47 9.05
CA PHE C 403 12.40 8.15 9.40
C PHE C 403 13.55 7.17 9.57
N TYR C 404 13.62 6.47 10.70
CA TYR C 404 14.77 5.62 11.01
C TYR C 404 14.26 4.39 11.75
N VAL C 405 14.46 3.21 11.17
CA VAL C 405 14.14 1.94 11.83
C VAL C 405 15.49 1.30 12.12
N ASP C 406 15.77 1.08 13.40
CA ASP C 406 17.09 0.65 13.88
C ASP C 406 16.91 -0.62 14.68
N ALA C 407 17.92 -1.45 14.69
CA ALA C 407 17.81 -2.67 15.48
C ALA C 407 18.80 -2.68 16.63
N TYR C 408 19.62 -1.67 16.79
CA TYR C 408 20.61 -1.69 17.86
C TYR C 408 20.21 -0.63 18.89
N TYR C 409 19.88 -1.08 20.10
CA TYR C 409 19.67 -0.15 21.22
C TYR C 409 20.49 -0.77 22.33
N SER C 410 21.70 -0.23 22.58
CA SER C 410 22.71 -0.98 23.32
C SER C 410 22.16 -1.49 24.66
N PRO C 411 22.36 -2.77 25.00
CA PRO C 411 23.22 -3.74 24.30
C PRO C 411 22.52 -4.55 23.23
N TYR C 412 21.23 -4.31 22.98
CA TYR C 412 20.40 -5.29 22.26
C TYR C 412 20.46 -5.08 20.74
N TRP C 413 20.37 -6.20 20.04
CA TRP C 413 20.37 -6.27 18.57
C TRP C 413 19.17 -7.07 18.07
N CYS C 414 17.97 -6.77 18.58
CA CYS C 414 16.78 -7.54 18.20
C CYS C 414 16.37 -7.22 16.76
N TRP C 415 16.20 -8.27 15.95
CA TRP C 415 15.81 -8.05 14.56
C TRP C 415 14.47 -7.36 14.45
N ASN C 416 14.38 -6.48 13.45
CA ASN C 416 13.08 -5.98 13.00
C ASN C 416 12.53 -7.00 12.02
N ASP C 417 11.99 -8.11 12.58
CA ASP C 417 11.61 -9.27 11.79
C ASP C 417 10.15 -9.13 11.35
N GLY C 418 9.91 -9.25 10.05
CA GLY C 418 8.53 -9.37 9.61
C GLY C 418 7.68 -8.11 9.67
N MET C 419 8.29 -6.94 9.66
CA MET C 419 7.54 -5.70 9.47
C MET C 419 7.01 -5.56 8.04
N SER C 420 5.98 -4.73 7.89
CA SER C 420 5.44 -4.36 6.60
C SER C 420 5.41 -2.85 6.63
N ILE C 421 6.09 -2.20 5.68
CA ILE C 421 6.21 -0.74 5.65
C ILE C 421 5.70 -0.26 4.29
N ASN C 422 4.76 0.67 4.29
CA ASN C 422 4.26 1.21 3.02
C ASN C 422 3.94 2.68 3.12
N GLY C 423 4.57 3.51 2.28
CA GLY C 423 4.10 4.87 2.21
C GLY C 423 4.87 5.75 3.18
N ILE C 424 6.13 6.00 2.91
CA ILE C 424 6.93 6.94 3.74
C ILE C 424 7.39 8.09 2.85
N VAL C 425 7.08 9.33 3.24
CA VAL C 425 7.44 10.51 2.46
C VAL C 425 8.39 11.34 3.32
N THR C 426 9.60 11.58 2.83
CA THR C 426 10.63 12.29 3.62
C THR C 426 11.09 13.52 2.86
N GLU C 427 11.78 14.37 3.61
CA GLU C 427 12.56 15.45 2.99
C GLU C 427 13.94 15.46 3.61
N THR C 428 14.85 16.21 2.97
CA THR C 428 16.25 16.20 3.42
C THR C 428 16.36 16.88 4.79
N PRO C 429 17.03 16.26 5.76
CA PRO C 429 17.24 16.92 7.04
C PRO C 429 18.03 18.22 6.86
N ARG C 430 17.83 19.14 7.81
CA ARG C 430 18.61 20.39 7.88
C ARG C 430 19.88 20.08 8.66
N SER C 431 20.90 19.63 7.93
CA SER C 431 22.04 18.97 8.56
C SER C 431 23.10 18.78 7.50
N ALA C 432 24.33 18.52 7.97
CA ALA C 432 25.40 18.29 7.02
C ALA C 432 25.23 16.90 6.40
N VAL C 433 24.49 16.03 7.09
CA VAL C 433 24.17 14.68 6.58
C VAL C 433 22.88 14.77 5.76
N THR C 434 22.93 14.33 4.47
CA THR C 434 21.76 14.42 3.63
C THR C 434 20.90 13.14 3.69
N ARG C 435 21.42 12.05 4.25
CA ARG C 435 20.58 10.86 4.45
C ARG C 435 19.32 11.23 5.22
N ALA C 436 18.15 10.74 4.75
CA ALA C 436 16.86 11.13 5.31
C ALA C 436 16.06 9.97 5.86
N LEU C 437 16.20 8.80 5.27
CA LEU C 437 15.40 7.63 5.63
C LEU C 437 16.39 6.49 5.77
N TRP C 438 16.39 5.80 6.92
CA TRP C 438 17.44 4.81 7.16
C TRP C 438 16.78 3.59 7.75
N LEU C 439 16.87 2.46 7.05
CA LEU C 439 16.34 1.19 7.55
C LEU C 439 17.51 0.25 7.85
N PHE C 440 17.61 -0.21 9.10
CA PHE C 440 18.70 -1.10 9.51
C PHE C 440 18.16 -2.33 10.22
N GLY C 441 18.68 -3.50 9.88
CA GLY C 441 18.35 -4.71 10.65
C GLY C 441 16.93 -5.20 10.45
N LEU C 442 16.42 -5.11 9.21
CA LEU C 442 15.14 -5.72 8.83
C LEU C 442 15.38 -7.12 8.27
N ARG C 443 14.50 -8.06 8.60
CA ARG C 443 14.57 -9.36 7.96
C ARG C 443 13.15 -9.87 7.70
N GLY C 444 12.96 -10.42 6.51
CA GLY C 444 11.62 -10.90 6.20
C GLY C 444 10.58 -9.80 6.04
N CYS C 445 10.99 -8.62 5.57
CA CYS C 445 10.08 -7.49 5.56
C CYS C 445 9.65 -7.14 4.14
N SER C 446 8.43 -6.66 4.00
CA SER C 446 7.92 -6.13 2.76
C SER C 446 7.86 -4.61 2.88
N VAL C 447 8.62 -3.92 2.04
CA VAL C 447 8.73 -2.46 2.13
C VAL C 447 8.42 -1.86 0.78
N SER C 448 7.57 -0.83 0.74
CA SER C 448 7.21 -0.27 -0.55
C SER C 448 6.85 1.22 -0.40
N ASN C 449 7.02 1.97 -1.50
CA ASN C 449 6.57 3.38 -1.61
C ASN C 449 7.30 4.27 -0.63
N LEU C 450 8.60 4.38 -0.85
CA LEU C 450 9.51 5.28 -0.11
C LEU C 450 9.87 6.40 -1.06
N SER C 451 9.67 7.66 -0.64
CA SER C 451 9.90 8.73 -1.61
C SER C 451 10.43 9.97 -0.92
N GLY C 452 10.91 10.88 -1.77
CA GLY C 452 11.16 12.24 -1.29
C GLY C 452 12.60 12.66 -0.98
N ALA C 453 13.39 11.82 -0.34
CA ALA C 453 14.75 12.20 0.02
C ALA C 453 15.59 10.93 0.17
N GLN C 454 16.86 11.11 0.48
CA GLN C 454 17.86 10.05 0.39
C GLN C 454 17.58 8.86 1.32
N VAL C 455 17.50 7.66 0.75
CA VAL C 455 17.29 6.39 1.47
C VAL C 455 18.62 5.65 1.66
N PHE C 456 18.80 5.07 2.87
CA PHE C 456 19.91 4.15 3.18
C PHE C 456 19.32 2.83 3.68
N LEU C 457 19.60 1.75 2.98
CA LEU C 457 19.22 0.41 3.43
C LEU C 457 20.48 -0.29 3.89
N GLN C 458 20.47 -0.78 5.13
CA GLN C 458 21.72 -1.27 5.73
C GLN C 458 21.46 -2.56 6.50
N GLY C 459 22.24 -3.61 6.23
CA GLY C 459 22.25 -4.74 7.16
C GLY C 459 20.89 -5.38 7.24
N CYS C 460 20.25 -5.59 6.08
CA CYS C 460 18.94 -6.24 6.06
C CYS C 460 19.07 -7.58 5.33
N ALA C 461 18.10 -8.47 5.58
CA ALA C 461 18.15 -9.81 4.99
C ALA C 461 16.79 -10.22 4.50
N LYS C 462 16.75 -10.91 3.38
CA LYS C 462 15.52 -11.55 2.88
C LYS C 462 14.31 -10.61 2.97
N SER C 463 14.45 -9.44 2.35
CA SER C 463 13.39 -8.42 2.31
C SER C 463 13.29 -7.85 0.91
N VAL C 464 12.13 -7.26 0.62
CA VAL C 464 11.85 -6.61 -0.67
C VAL C 464 11.66 -5.13 -0.41
N PHE C 465 12.31 -4.28 -1.20
CA PHE C 465 12.13 -2.83 -1.07
C PHE C 465 11.80 -2.30 -2.46
N SER C 466 10.54 -1.90 -2.69
CA SER C 466 10.11 -1.56 -4.04
C SER C 466 9.43 -0.20 -4.08
N ASN C 467 9.23 0.34 -5.28
CA ASN C 467 8.64 1.68 -5.43
C ASN C 467 9.46 2.71 -4.61
N ILE C 468 10.77 2.61 -4.68
CA ILE C 468 11.62 3.68 -4.13
C ILE C 468 11.64 4.79 -5.17
N VAL C 469 11.24 6.02 -4.82
CA VAL C 469 11.20 7.12 -5.78
C VAL C 469 11.92 8.31 -5.16
N THR C 470 13.22 8.44 -5.44
CA THR C 470 14.04 9.51 -4.87
C THR C 470 14.90 10.08 -6.00
N PRO C 471 14.27 10.66 -7.02
CA PRO C 471 15.02 11.00 -8.23
C PRO C 471 16.07 12.06 -8.04
N ASP C 472 16.00 12.87 -6.99
CA ASP C 472 17.03 13.89 -6.76
C ASP C 472 18.18 13.41 -5.88
N ASN C 473 18.16 12.18 -5.41
CA ASN C 473 19.05 11.79 -4.31
C ASN C 473 19.91 10.57 -4.65
N LEU C 474 21.04 10.48 -3.91
CA LEU C 474 21.75 9.19 -3.81
C LEU C 474 20.86 8.16 -3.12
N LEU C 475 20.92 6.89 -3.60
CA LEU C 475 20.33 5.74 -2.94
C LEU C 475 21.52 4.89 -2.45
N GLU C 476 21.63 4.69 -1.14
CA GLU C 476 22.80 3.98 -0.60
C GLU C 476 22.35 2.64 -0.01
N LEU C 477 23.11 1.60 -0.33
CA LEU C 477 22.75 0.20 -0.02
C LEU C 477 23.98 -0.49 0.53
N ARG C 478 23.89 -1.02 1.77
CA ARG C 478 25.09 -1.62 2.38
C ARG C 478 24.78 -2.94 3.08
N ASP C 479 25.53 -4.01 2.73
CA ASP C 479 25.49 -5.26 3.49
C ASP C 479 24.07 -5.85 3.54
N LEU C 480 23.41 -5.86 2.39
CA LEU C 480 22.12 -6.53 2.26
C LEU C 480 22.32 -7.98 1.84
N SER C 481 21.53 -8.87 2.40
CA SER C 481 21.64 -10.30 2.05
C SER C 481 20.30 -10.80 1.54
N GLY C 482 20.27 -11.22 0.29
CA GLY C 482 19.02 -11.77 -0.26
C GLY C 482 17.91 -10.72 -0.31
N CYS C 483 18.24 -9.51 -0.71
CA CYS C 483 17.24 -8.46 -0.82
C CYS C 483 17.00 -8.11 -2.28
N ILE C 484 15.79 -7.61 -2.56
CA ILE C 484 15.42 -7.12 -3.88
C ILE C 484 15.11 -5.63 -3.72
N VAL C 485 15.80 -4.78 -4.49
CA VAL C 485 15.71 -3.34 -4.35
C VAL C 485 15.35 -2.78 -5.72
N SER C 486 14.24 -2.04 -5.81
CA SER C 486 13.84 -1.51 -7.12
C SER C 486 13.25 -0.12 -6.96
N GLY C 487 13.47 0.67 -7.98
CA GLY C 487 12.95 2.05 -7.98
C GLY C 487 13.85 2.95 -8.81
N MET C 488 13.88 4.22 -8.41
CA MET C 488 14.63 5.17 -9.22
C MET C 488 15.27 6.21 -8.30
N ALA C 489 16.41 6.72 -8.73
CA ALA C 489 17.17 7.66 -7.90
C ALA C 489 18.04 8.52 -8.82
N ASN C 490 18.77 9.50 -8.22
CA ASN C 490 19.74 10.20 -9.05
C ASN C 490 20.92 9.28 -9.36
N ASN C 491 21.41 8.58 -8.35
CA ASN C 491 22.59 7.71 -8.48
C ASN C 491 22.57 6.76 -7.30
N ALA C 492 23.46 5.74 -7.35
CA ALA C 492 23.35 4.71 -6.33
C ALA C 492 24.72 4.17 -5.93
N LEU C 493 24.79 3.69 -4.70
CA LEU C 493 26.01 3.07 -4.16
C LEU C 493 25.63 1.76 -3.51
N VAL C 494 26.31 0.70 -3.90
CA VAL C 494 26.11 -0.63 -3.35
C VAL C 494 27.42 -1.04 -2.67
N LEU C 495 27.38 -1.27 -1.35
CA LEU C 495 28.56 -1.67 -0.57
C LEU C 495 28.34 -3.10 -0.11
N GLY C 496 29.17 -4.01 -0.60
CA GLY C 496 29.01 -5.42 -0.26
C GLY C 496 27.81 -6.05 -0.92
N CYS C 497 26.96 -6.62 -0.05
CA CYS C 497 25.68 -7.26 -0.40
C CYS C 497 25.91 -8.63 -1.01
N TRP C 498 24.96 -9.53 -0.74
CA TRP C 498 25.06 -10.93 -1.18
C TRP C 498 23.72 -11.37 -1.75
N ASN C 499 23.75 -12.04 -2.90
CA ASN C 499 22.56 -12.69 -3.49
C ASN C 499 21.39 -11.71 -3.64
N SER C 500 21.70 -10.44 -3.95
CA SER C 500 20.69 -9.40 -4.00
C SER C 500 20.47 -8.97 -5.44
N THR C 501 19.37 -8.24 -5.65
CA THR C 501 19.01 -7.74 -6.99
C THR C 501 18.77 -6.25 -6.88
N PHE C 502 19.39 -5.50 -7.81
CA PHE C 502 19.29 -4.04 -7.84
C PHE C 502 18.75 -3.65 -9.21
N ASP C 503 17.46 -3.31 -9.28
CA ASP C 503 16.78 -3.00 -10.51
C ASP C 503 16.41 -1.52 -10.45
N LEU C 504 17.23 -0.69 -11.07
CA LEU C 504 17.17 0.75 -10.78
C LEU C 504 17.22 1.55 -12.05
N THR C 505 16.43 2.62 -12.09
CA THR C 505 16.57 3.67 -13.11
C THR C 505 17.27 4.83 -12.42
N LEU C 506 18.34 5.34 -13.04
CA LEU C 506 19.13 6.43 -12.46
C LEU C 506 19.19 7.60 -13.43
N PHE C 507 19.06 8.81 -12.90
CA PHE C 507 18.96 9.99 -13.77
C PHE C 507 20.20 10.83 -13.84
N GLY C 508 21.10 10.63 -12.90
CA GLY C 508 22.28 11.48 -12.78
C GLY C 508 23.52 10.68 -12.45
N ILE C 509 24.47 11.36 -11.82
CA ILE C 509 25.73 10.75 -11.40
C ILE C 509 26.14 11.39 -10.08
N GLY C 510 27.08 10.73 -9.35
CA GLY C 510 27.50 11.23 -8.04
C GLY C 510 28.35 12.49 -8.19
N SER C 511 28.43 13.23 -7.09
CA SER C 511 29.18 14.50 -7.02
C SER C 511 30.30 14.50 -6.00
N GLY C 512 30.37 13.51 -5.11
CA GLY C 512 31.44 13.45 -4.12
C GLY C 512 32.19 12.14 -4.05
N SER C 513 31.90 11.28 -3.04
CA SER C 513 32.54 9.96 -2.99
C SER C 513 32.29 9.13 -4.25
N ASN C 514 31.17 9.37 -4.92
CA ASN C 514 30.73 8.61 -6.09
C ASN C 514 30.83 9.45 -7.35
N LEU C 515 31.83 10.35 -7.38
CA LEU C 515 31.98 11.34 -8.44
C LEU C 515 31.92 10.71 -9.82
N ASN C 516 30.97 11.21 -10.61
CA ASN C 516 30.74 10.97 -12.03
C ASN C 516 30.17 9.59 -12.32
N ILE C 517 29.78 8.84 -11.29
CA ILE C 517 29.32 7.46 -11.45
C ILE C 517 27.81 7.36 -11.22
N ALA C 518 27.12 6.62 -12.10
CA ALA C 518 25.69 6.40 -11.86
C ALA C 518 25.45 5.35 -10.79
N LEU C 519 25.98 4.13 -10.98
CA LEU C 519 25.94 3.09 -9.93
C LEU C 519 27.37 2.66 -9.62
N ARG C 520 27.79 2.88 -8.38
CA ARG C 520 29.06 2.34 -7.90
C ARG C 520 28.83 1.14 -7.00
N ALA C 521 29.65 0.13 -7.15
CA ALA C 521 29.64 -1.00 -6.21
C ALA C 521 31.01 -1.12 -5.56
N GLY C 522 31.01 -1.35 -4.24
CA GLY C 522 32.27 -1.43 -3.53
C GLY C 522 32.23 -2.44 -2.39
N ALA C 523 33.13 -2.30 -1.46
CA ALA C 523 33.34 -3.34 -0.44
C ALA C 523 32.25 -3.31 0.62
N GLY C 524 31.95 -4.49 1.17
CA GLY C 524 31.06 -4.59 2.32
C GLY C 524 31.86 -4.63 3.62
N VAL C 525 31.14 -4.91 4.71
CA VAL C 525 31.78 -4.98 6.03
C VAL C 525 31.43 -6.29 6.72
N THR C 526 30.13 -6.54 6.93
CA THR C 526 29.67 -7.65 7.75
C THR C 526 28.47 -8.30 7.10
N HIS C 527 28.42 -9.66 7.07
CA HIS C 527 27.15 -10.32 6.70
C HIS C 527 26.13 -10.07 7.79
N PRO C 528 24.90 -9.67 7.46
CA PRO C 528 23.98 -9.21 8.50
C PRO C 528 23.44 -10.33 9.38
N GLU C 529 23.30 -11.54 8.85
CA GLU C 529 22.75 -12.63 9.64
C GLU C 529 23.84 -13.39 10.39
N THR C 530 24.92 -13.72 9.71
CA THR C 530 25.98 -14.49 10.39
C THR C 530 26.94 -13.63 11.20
N GLY C 531 27.02 -12.33 10.91
CA GLY C 531 28.04 -11.48 11.50
C GLY C 531 29.46 -11.70 11.00
N VAL C 532 29.66 -12.57 10.01
CA VAL C 532 31.01 -12.89 9.52
C VAL C 532 31.58 -11.67 8.79
N PRO C 533 32.72 -11.14 9.20
CA PRO C 533 33.36 -10.03 8.45
C PRO C 533 33.64 -10.39 7.00
N THR C 534 33.12 -9.58 6.07
CA THR C 534 33.07 -9.95 4.65
C THR C 534 33.18 -8.69 3.81
N THR C 535 34.30 -8.54 3.06
CA THR C 535 34.45 -7.34 2.27
C THR C 535 33.97 -7.50 0.83
N LEU C 536 33.94 -8.71 0.28
CA LEU C 536 33.48 -8.83 -1.12
C LEU C 536 31.97 -9.07 -1.14
N GLY C 537 31.25 -8.30 -1.97
CA GLY C 537 29.89 -8.70 -2.33
C GLY C 537 29.93 -9.92 -3.23
N LYS C 538 28.78 -10.62 -3.34
CA LYS C 538 28.79 -11.86 -4.13
C LYS C 538 27.41 -12.12 -4.77
N ASN C 539 27.42 -12.51 -6.05
CA ASN C 539 26.22 -12.97 -6.78
C ASN C 539 25.14 -11.92 -6.83
N ASN C 540 25.51 -10.63 -6.89
CA ASN C 540 24.49 -9.59 -7.03
C ASN C 540 24.15 -9.33 -8.48
N THR C 541 22.85 -9.13 -8.75
CA THR C 541 22.36 -8.77 -10.07
C THR C 541 22.12 -7.28 -10.17
N PHE C 542 22.69 -6.67 -11.20
CA PHE C 542 22.51 -5.24 -11.48
C PHE C 542 21.76 -5.08 -12.78
N ASN C 543 20.55 -4.52 -12.73
CA ASN C 543 19.85 -4.12 -13.95
C ASN C 543 19.67 -2.62 -13.84
N VAL C 544 20.58 -1.86 -14.42
CA VAL C 544 20.66 -0.41 -14.22
C VAL C 544 20.34 0.29 -15.54
N LYS C 545 19.35 1.20 -15.54
CA LYS C 545 19.07 2.06 -16.69
C LYS C 545 19.54 3.44 -16.29
N SER C 546 20.61 3.92 -16.94
CA SER C 546 21.26 5.15 -16.51
C SER C 546 21.08 6.19 -17.59
N PHE C 547 20.39 7.31 -17.26
CA PHE C 547 20.05 8.28 -18.29
C PHE C 547 20.75 9.63 -18.15
N SER C 548 21.73 9.75 -17.27
CA SER C 548 22.48 10.99 -17.24
C SER C 548 22.94 11.37 -18.66
N PRO C 549 22.74 12.62 -19.08
CA PRO C 549 23.24 13.10 -20.36
C PRO C 549 24.65 13.64 -20.29
N SER C 550 25.28 13.57 -19.12
CA SER C 550 26.62 14.14 -18.94
C SER C 550 27.67 13.37 -19.72
N SER C 551 28.60 14.13 -20.35
CA SER C 551 29.72 13.49 -21.01
C SER C 551 30.72 12.90 -20.02
N LEU C 552 30.57 13.13 -18.72
CA LEU C 552 31.41 12.57 -17.68
C LEU C 552 30.90 11.24 -17.14
N ALA C 553 29.68 10.82 -17.55
CA ALA C 553 29.02 9.73 -16.80
C ALA C 553 29.73 8.39 -16.99
N VAL C 554 29.93 7.66 -15.88
CA VAL C 554 30.38 6.26 -15.90
C VAL C 554 29.20 5.45 -15.37
N THR C 555 28.56 4.63 -16.23
CA THR C 555 27.31 4.00 -15.82
C THR C 555 27.49 3.08 -14.62
N LEU C 556 28.47 2.17 -14.69
CA LEU C 556 28.71 1.18 -13.62
C LEU C 556 30.19 1.19 -13.30
N SER C 557 30.54 1.39 -12.02
CA SER C 557 31.94 1.32 -11.60
C SER C 557 31.98 0.31 -10.47
N ILE C 558 32.54 -0.87 -10.75
CA ILE C 558 32.36 -2.03 -9.88
C ILE C 558 33.70 -2.48 -9.31
N ALA C 559 33.75 -2.65 -7.98
CA ALA C 559 34.96 -3.18 -7.36
C ALA C 559 34.52 -4.00 -6.16
N GLN C 560 35.43 -4.91 -5.73
CA GLN C 560 35.19 -5.68 -4.50
C GLN C 560 33.93 -6.55 -4.61
N GLN C 561 33.75 -7.18 -5.75
CA GLN C 561 32.54 -7.98 -6.02
C GLN C 561 32.99 -9.28 -6.67
N GLU C 562 32.48 -10.40 -6.15
CA GLU C 562 32.59 -11.71 -6.79
C GLU C 562 31.31 -12.01 -7.55
N ARG C 563 31.45 -12.44 -8.79
CA ARG C 563 30.30 -12.75 -9.65
C ARG C 563 29.21 -11.67 -9.58
N PRO C 564 29.54 -10.41 -9.87
CA PRO C 564 28.47 -9.47 -10.19
C PRO C 564 27.86 -9.87 -11.54
N ILE C 565 26.54 -9.77 -11.64
CA ILE C 565 25.79 -10.14 -12.85
C ILE C 565 25.18 -8.86 -13.45
N PHE C 566 25.61 -8.52 -14.66
CA PHE C 566 25.09 -7.35 -15.39
C PHE C 566 23.95 -7.85 -16.26
N GLY C 567 22.73 -7.58 -15.86
CA GLY C 567 21.59 -8.24 -16.46
C GLY C 567 21.15 -7.60 -17.78
N ALA C 568 20.18 -8.27 -18.40
CA ALA C 568 19.69 -7.87 -19.73
C ALA C 568 18.90 -6.57 -19.70
N GLY C 569 18.61 -6.04 -18.52
CA GLY C 569 17.88 -4.78 -18.41
C GLY C 569 18.78 -3.56 -18.28
N CYS C 570 20.11 -3.73 -18.41
CA CYS C 570 20.98 -2.55 -18.35
C CYS C 570 20.92 -1.73 -19.63
N VAL C 571 20.85 -0.41 -19.47
CA VAL C 571 20.73 0.57 -20.55
C VAL C 571 21.58 1.79 -20.17
N ASP C 572 22.31 2.36 -21.14
CA ASP C 572 22.75 3.73 -20.94
C ASP C 572 22.67 4.41 -22.31
N VAL C 573 23.19 5.65 -22.40
CA VAL C 573 23.10 6.41 -23.65
C VAL C 573 24.51 6.81 -24.06
N ASP C 574 24.69 7.04 -25.37
CA ASP C 574 26.05 7.10 -25.92
C ASP C 574 26.71 8.44 -25.72
N SER C 575 26.08 9.38 -25.01
CA SER C 575 26.83 10.52 -24.54
C SER C 575 27.76 10.18 -23.37
N ALA C 576 27.62 9.01 -22.76
CA ALA C 576 28.37 8.75 -21.55
C ALA C 576 29.86 8.57 -21.81
N ASN C 577 30.65 8.75 -20.76
CA ASN C 577 32.10 8.54 -20.87
C ASN C 577 32.46 7.05 -20.97
N LYS C 578 31.79 6.21 -20.17
CA LYS C 578 32.20 4.82 -20.03
C LYS C 578 30.99 4.06 -19.50
N SER C 579 30.84 2.81 -19.93
CA SER C 579 29.70 2.01 -19.47
C SER C 579 30.05 1.12 -18.28
N VAL C 580 31.18 0.43 -18.28
CA VAL C 580 31.53 -0.47 -17.17
C VAL C 580 33.01 -0.29 -16.89
N ALA C 581 33.33 0.22 -15.70
CA ALA C 581 34.69 0.31 -15.18
C ALA C 581 34.82 -0.76 -14.12
N LEU C 582 35.81 -1.63 -14.26
CA LEU C 582 36.08 -2.69 -13.28
C LEU C 582 37.29 -2.32 -12.44
N GLY C 583 37.12 -2.26 -11.12
CA GLY C 583 38.16 -1.86 -10.20
C GLY C 583 38.90 -3.05 -9.63
N SER C 584 39.45 -2.86 -8.42
CA SER C 584 40.17 -3.95 -7.77
C SER C 584 39.20 -5.04 -7.33
N ASN C 585 39.72 -6.28 -7.26
CA ASN C 585 38.99 -7.43 -6.70
C ASN C 585 37.62 -7.62 -7.32
N VAL C 586 37.55 -7.67 -8.65
CA VAL C 586 36.33 -8.14 -9.33
C VAL C 586 36.67 -9.51 -9.93
N THR C 587 35.92 -10.52 -9.57
CA THR C 587 36.09 -11.84 -10.16
C THR C 587 34.77 -12.34 -10.71
N VAL C 588 34.89 -13.17 -11.74
CA VAL C 588 33.77 -13.84 -12.43
C VAL C 588 32.70 -12.81 -12.80
N PRO C 589 33.05 -11.62 -13.29
CA PRO C 589 31.99 -10.71 -13.76
C PRO C 589 31.23 -11.39 -14.89
N THR C 590 29.90 -11.32 -14.81
CA THR C 590 29.01 -12.08 -15.67
C THR C 590 28.08 -11.12 -16.40
N MET C 591 27.88 -11.33 -17.70
CA MET C 591 27.08 -10.37 -18.46
C MET C 591 26.10 -11.12 -19.34
N LEU C 592 24.84 -10.67 -19.37
CA LEU C 592 23.87 -11.14 -20.37
C LEU C 592 23.75 -10.05 -21.43
N PRO C 593 23.27 -10.37 -22.63
CA PRO C 593 23.25 -9.35 -23.71
C PRO C 593 22.42 -8.15 -23.28
N LEU C 594 22.97 -6.95 -23.42
CA LEU C 594 22.35 -5.77 -22.83
C LEU C 594 22.53 -4.57 -23.76
N ALA C 595 22.16 -3.38 -23.25
CA ALA C 595 22.06 -2.16 -24.09
C ALA C 595 22.90 -1.02 -23.52
N LEU C 596 24.11 -1.37 -23.06
CA LEU C 596 25.16 -0.40 -22.74
C LEU C 596 25.91 -0.01 -24.01
N THR C 597 26.28 1.29 -24.13
CA THR C 597 26.73 1.85 -25.40
C THR C 597 28.17 2.34 -25.43
N LYS C 598 28.85 2.39 -24.29
CA LYS C 598 30.22 2.94 -24.27
C LYS C 598 31.22 1.92 -23.72
N GLY C 599 32.41 2.35 -23.35
CA GLY C 599 33.47 1.40 -23.05
C GLY C 599 33.12 0.43 -21.92
N ILE C 600 33.49 -0.84 -22.11
CA ILE C 600 33.39 -1.88 -21.06
C ILE C 600 34.78 -2.47 -20.85
N ASP C 601 35.29 -2.43 -19.62
CA ASP C 601 36.64 -2.97 -19.38
C ASP C 601 36.73 -4.44 -19.78
N SER C 602 37.88 -4.82 -20.36
CA SER C 602 38.10 -6.18 -20.87
C SER C 602 38.78 -7.10 -19.87
N GLY C 603 38.73 -8.39 -20.16
CA GLY C 603 39.52 -9.29 -19.34
C GLY C 603 39.06 -10.72 -19.47
N SER C 604 39.99 -11.64 -19.15
CA SER C 604 39.67 -13.05 -19.40
C SER C 604 38.68 -13.62 -18.41
N GLY C 605 38.42 -12.95 -17.30
CA GLY C 605 37.51 -13.53 -16.34
C GLY C 605 36.02 -13.31 -16.66
N TRP C 606 35.68 -12.54 -17.70
CA TRP C 606 34.26 -12.37 -18.06
C TRP C 606 33.58 -13.70 -18.36
N VAL C 607 32.34 -13.84 -17.88
CA VAL C 607 31.48 -14.99 -18.13
C VAL C 607 30.23 -14.45 -18.83
N GLY C 608 29.86 -15.06 -19.94
CA GLY C 608 28.67 -14.67 -20.69
C GLY C 608 27.41 -15.47 -20.27
N GLY C 609 26.30 -15.20 -20.97
CA GLY C 609 25.09 -15.95 -20.71
C GLY C 609 25.20 -17.38 -21.21
N ARG C 610 24.30 -18.21 -20.70
CA ARG C 610 24.24 -19.63 -21.05
C ARG C 610 22.85 -19.97 -21.57
N THR C 611 22.77 -20.80 -22.61
CA THR C 611 21.42 -21.14 -23.09
C THR C 611 21.39 -22.50 -23.75
N LYS C 612 20.21 -23.13 -23.73
CA LYS C 612 19.78 -24.23 -24.58
C LYS C 612 19.07 -23.68 -25.81
N GLY C 613 19.02 -24.49 -26.87
CA GLY C 613 18.29 -24.12 -28.09
C GLY C 613 19.01 -23.14 -29.00
N GLY C 614 20.28 -22.83 -28.73
CA GLY C 614 21.01 -21.83 -29.54
C GLY C 614 20.37 -20.47 -29.43
N ILE C 615 20.41 -19.73 -30.55
CA ILE C 615 19.68 -18.47 -30.65
C ILE C 615 19.26 -18.40 -32.09
N TRP C 616 18.18 -17.68 -32.37
CA TRP C 616 17.76 -17.46 -33.75
C TRP C 616 18.19 -16.05 -34.13
N PHE C 617 19.27 -15.98 -34.95
CA PHE C 617 19.69 -14.68 -35.50
C PHE C 617 18.83 -14.51 -36.75
N ASP C 618 17.68 -13.87 -36.59
CA ASP C 618 16.59 -13.88 -37.55
C ASP C 618 16.77 -12.74 -38.54
N GLY C 619 17.58 -12.97 -39.56
CA GLY C 619 17.86 -11.92 -40.52
C GLY C 619 18.84 -12.40 -41.57
N ASN C 620 19.27 -11.46 -42.40
CA ASN C 620 20.27 -11.74 -43.41
C ASN C 620 21.47 -10.83 -43.13
N TYR C 621 22.24 -10.43 -44.16
CA TYR C 621 23.43 -9.63 -43.88
C TYR C 621 23.08 -8.31 -43.19
N ARG C 622 21.85 -7.79 -43.38
CA ARG C 622 21.49 -6.47 -42.81
C ARG C 622 21.25 -6.54 -41.32
N ASP C 623 20.59 -7.62 -40.87
CA ASP C 623 20.07 -7.61 -39.51
C ASP C 623 20.30 -8.95 -38.83
N ALA C 624 21.21 -9.75 -39.36
CA ALA C 624 21.77 -10.90 -38.61
C ALA C 624 23.27 -10.95 -38.78
N ALA C 625 23.88 -9.77 -38.82
CA ALA C 625 25.33 -9.63 -38.78
C ALA C 625 25.75 -9.60 -37.31
N VAL C 626 26.63 -10.52 -36.94
CA VAL C 626 27.16 -10.64 -35.59
C VAL C 626 28.51 -9.94 -35.50
N ARG C 627 28.61 -8.89 -34.68
CA ARG C 627 29.85 -8.16 -34.54
C ARG C 627 30.70 -8.94 -33.57
N TRP C 628 31.96 -9.18 -33.92
CA TRP C 628 32.74 -10.19 -33.17
C TRP C 628 34.20 -9.80 -33.27
N ASN C 629 34.81 -9.34 -32.18
CA ASN C 629 36.17 -8.76 -32.26
C ASN C 629 36.16 -7.71 -33.38
N GLY C 630 37.09 -7.76 -34.32
CA GLY C 630 37.08 -6.73 -35.34
C GLY C 630 36.34 -7.04 -36.63
N GLN C 631 35.46 -8.04 -36.63
CA GLN C 631 34.72 -8.50 -37.81
C GLN C 631 33.22 -8.44 -37.57
N TYR C 632 32.49 -8.40 -38.66
CA TYR C 632 31.07 -8.73 -38.72
C TYR C 632 30.94 -10.06 -39.42
N VAL C 633 30.21 -10.99 -38.80
CA VAL C 633 30.06 -12.37 -39.28
C VAL C 633 28.60 -12.60 -39.62
N TRP C 634 28.32 -13.21 -40.76
CA TRP C 634 26.93 -13.49 -41.10
C TRP C 634 26.82 -14.70 -42.00
N VAL C 635 25.65 -15.30 -41.98
CA VAL C 635 25.31 -16.37 -42.92
C VAL C 635 24.71 -15.69 -44.16
N ALA C 636 25.34 -15.93 -45.30
CA ALA C 636 24.92 -15.32 -46.55
C ALA C 636 23.71 -16.05 -47.13
N ASP C 637 23.10 -15.43 -48.16
CA ASP C 637 21.91 -16.04 -48.74
C ASP C 637 22.19 -17.41 -49.35
N ASN C 638 23.40 -17.63 -49.87
CA ASN C 638 23.72 -18.97 -50.38
C ASN C 638 24.14 -19.93 -49.28
N GLY C 639 24.02 -19.55 -48.01
CA GLY C 639 24.29 -20.48 -46.91
C GLY C 639 25.72 -20.52 -46.43
N SER C 640 26.64 -19.80 -47.08
CA SER C 640 28.02 -19.78 -46.65
C SER C 640 28.14 -18.82 -45.48
N LEU C 641 29.19 -19.01 -44.69
CA LEU C 641 29.49 -18.12 -43.56
C LEU C 641 30.56 -17.13 -44.01
N LYS C 642 30.31 -15.83 -43.81
CA LYS C 642 31.19 -14.78 -44.27
C LYS C 642 31.61 -13.85 -43.13
N ALA C 643 32.72 -13.11 -43.32
CA ALA C 643 33.12 -12.08 -42.37
C ALA C 643 33.65 -10.87 -43.13
N ALA C 644 33.47 -9.71 -42.55
CA ALA C 644 34.02 -8.47 -43.11
C ALA C 644 34.38 -7.55 -41.97
N PRO C 645 35.38 -6.69 -42.15
CA PRO C 645 35.79 -5.79 -41.07
C PRO C 645 34.91 -4.56 -40.93
N THR C 646 33.97 -4.34 -41.83
CA THR C 646 32.99 -3.27 -41.67
C THR C 646 31.59 -3.88 -41.87
N LYS C 647 30.59 -3.25 -41.25
CA LYS C 647 29.24 -3.79 -41.35
C LYS C 647 28.78 -3.86 -42.81
N PRO C 648 28.31 -5.03 -43.30
CA PRO C 648 28.18 -5.22 -44.75
C PRO C 648 26.97 -4.50 -45.30
N ASP C 649 27.17 -3.85 -46.45
CA ASP C 649 26.10 -3.14 -47.14
C ASP C 649 25.50 -3.94 -48.27
N SER C 650 26.02 -5.13 -48.51
CA SER C 650 25.44 -6.10 -49.41
C SER C 650 25.86 -7.45 -48.87
N ASP C 651 25.32 -8.49 -49.48
CA ASP C 651 25.63 -9.85 -49.08
C ASP C 651 27.03 -10.27 -49.54
N SER C 652 27.64 -9.53 -50.48
CA SER C 652 28.98 -9.82 -50.98
C SER C 652 29.78 -8.54 -51.09
N PRO C 653 30.19 -7.95 -49.95
CA PRO C 653 30.97 -6.71 -50.01
C PRO C 653 32.39 -7.01 -50.49
N SER C 654 33.03 -5.97 -51.09
CA SER C 654 34.35 -6.25 -51.63
C SER C 654 35.38 -6.54 -50.55
N ASN C 655 35.12 -6.15 -49.29
CA ASN C 655 36.06 -6.46 -48.21
C ASN C 655 35.65 -7.73 -47.44
N GLY C 656 34.74 -8.50 -47.97
CA GLY C 656 34.31 -9.69 -47.27
C GLY C 656 35.14 -10.90 -47.61
N VAL C 657 35.09 -11.90 -46.73
CA VAL C 657 35.82 -13.14 -46.91
C VAL C 657 34.85 -14.28 -46.64
N VAL C 658 34.94 -15.38 -47.37
CA VAL C 658 34.14 -16.56 -47.03
C VAL C 658 34.90 -17.37 -45.98
N ILE C 659 34.33 -17.50 -44.78
CA ILE C 659 34.89 -18.41 -43.77
C ILE C 659 34.80 -19.86 -44.24
N GLY C 660 33.65 -20.26 -44.75
CA GLY C 660 33.45 -21.58 -45.31
C GLY C 660 32.05 -21.76 -45.82
N PRO C 661 31.80 -22.84 -46.55
CA PRO C 661 30.58 -22.98 -47.33
C PRO C 661 29.40 -23.20 -46.49
S SO4 D . 7.89 -28.79 0.58
O1 SO4 D . 7.75 -27.72 -0.38
O2 SO4 D . 8.34 -30.00 -0.12
O3 SO4 D . 8.82 -28.45 1.63
O4 SO4 D . 6.51 -29.14 1.07
S SO4 E . -8.44 -25.20 -9.04
O1 SO4 E . -7.10 -25.04 -8.48
O2 SO4 E . -8.37 -25.26 -10.50
O3 SO4 E . -9.09 -26.38 -8.52
O4 SO4 E . -9.21 -23.99 -8.73
S SO4 F . -8.62 1.06 -28.67
O1 SO4 F . -8.23 1.02 -30.08
O2 SO4 F . -7.42 0.92 -27.82
O3 SO4 F . -9.54 -0.04 -28.36
O4 SO4 F . -9.22 2.36 -28.27
S SO4 G . 1.22 16.42 -22.73
O1 SO4 G . 2.55 16.55 -23.27
O2 SO4 G . 0.82 15.01 -22.90
O3 SO4 G . 1.28 16.86 -21.32
O4 SO4 G . 0.38 17.30 -23.48
S SO4 H . -32.05 35.30 10.54
O1 SO4 H . -31.05 34.86 11.53
O2 SO4 H . -31.53 35.01 9.16
O3 SO4 H . -32.10 36.76 10.68
O4 SO4 H . -33.36 34.68 10.63
S SO4 I . 27.51 11.31 -4.15
O1 SO4 I . 28.89 11.17 -4.68
O2 SO4 I . 26.70 10.12 -4.38
O3 SO4 I . 27.61 11.54 -2.69
O4 SO4 I . 26.84 12.43 -4.81
S SO4 J . 26.60 -3.14 8.52
O1 SO4 J . 26.27 -2.35 7.33
O2 SO4 J . 27.16 -4.38 8.02
O3 SO4 J . 27.56 -2.58 9.44
O4 SO4 J . 25.36 -3.45 9.25
#